data_3P24
#
_entry.id   3P24
#
_cell.length_a   82.740
_cell.length_b   69.140
_cell.length_c   158.910
_cell.angle_alpha   90.00
_cell.angle_beta   91.57
_cell.angle_gamma   90.00
#
_symmetry.space_group_name_H-M   'P 1 21 1'
#
loop_
_entity.id
_entity.type
_entity.pdbx_description
1 polymer BFT-3
2 non-polymer 'TETRAETHYLENE GLYCOL'
3 non-polymer GLYCEROL
4 non-polymer 'AZIDE ION'
5 non-polymer 'ZINC ION'
6 water water
#
_entity_poly.entity_id   1
_entity_poly.type   'polypeptide(L)'
_entity_poly.pdbx_seq_one_letter_code
;MKNVKLLLMLGTAALLAACSNEADSLTTSIDAPVTASIDLQSVSYTDLATQLNDVSDFGKMIILKDNGFNRQVHVSMDKR
TKIQLDNENVRLFNGRDKDSTNFILGDEFAVLRFYRNGESISYIAYKEAQMMNEIAEFYAAPFKKTRAINEKEAFECIYD
SRTRSAGKYPVSVKINVDKAKKILNLPECDYINDYIKTPQVPHGITESQTRAVPSEPKTVYVICLRENGSTVYPNEVSAQ
MQDAANSVYAVHGLKRYVNLHFVLYTTEYACPSGNADEGLDGFTASLKANPKAEGYDDQIYFLIRWGTWDNNILGISWLN
SYNVNTASDFKASGMSTTQLMYPGVMAHELGHILGANHADDPKDLMYSKYTGYLFHLSEKNMDIIAKNLGWEIADGD
;
_entity_poly.pdbx_strand_id   A,B,C,D
#
loop_
_chem_comp.id
_chem_comp.type
_chem_comp.name
_chem_comp.formula
AZI non-polymer 'AZIDE ION' 'N3 -1'
GOL non-polymer GLYCEROL 'C3 H8 O3'
PG4 non-polymer 'TETRAETHYLENE GLYCOL' 'C8 H18 O5'
ZN non-polymer 'ZINC ION' 'Zn 2'
#
# COMPACT_ATOMS: atom_id res chain seq x y z
N PRO A 33 10.65 -32.64 35.69
CA PRO A 33 10.30 -31.99 34.44
C PRO A 33 8.79 -31.75 34.34
N VAL A 34 8.39 -30.49 34.23
CA VAL A 34 6.99 -30.13 34.01
C VAL A 34 6.78 -30.05 32.49
N THR A 35 5.68 -30.62 32.01
CA THR A 35 5.44 -30.71 30.57
C THR A 35 5.11 -29.34 30.01
N ALA A 36 5.76 -29.01 28.88
CA ALA A 36 5.48 -27.80 28.13
C ALA A 36 3.99 -27.72 27.78
N SER A 37 3.45 -26.50 27.76
CA SER A 37 2.04 -26.30 27.47
C SER A 37 1.78 -25.03 26.66
N ILE A 38 0.67 -25.04 25.95
CA ILE A 38 0.20 -23.88 25.21
C ILE A 38 -1.21 -23.57 25.70
N ASP A 39 -1.38 -22.38 26.29
CA ASP A 39 -2.68 -21.94 26.77
C ASP A 39 -3.44 -21.25 25.66
N LEU A 40 -4.44 -21.93 25.12
CA LEU A 40 -5.16 -21.42 23.97
C LEU A 40 -6.11 -20.24 24.28
N GLN A 41 -6.37 -19.97 25.55
CA GLN A 41 -7.11 -18.78 25.93
C GLN A 41 -6.28 -17.49 25.81
N SER A 42 -4.97 -17.63 25.64
CA SER A 42 -4.07 -16.47 25.51
C SER A 42 -2.97 -16.64 24.45
N VAL A 43 -3.13 -17.63 23.57
CA VAL A 43 -2.02 -18.05 22.70
C VAL A 43 -1.58 -16.94 21.74
N SER A 44 -0.29 -16.59 21.81
CA SER A 44 0.33 -15.58 20.94
C SER A 44 1.35 -16.20 19.97
N TYR A 45 1.84 -15.39 19.05
CA TYR A 45 2.93 -15.81 18.19
C TYR A 45 4.15 -16.26 19.02
N THR A 46 4.53 -15.47 20.01
CA THR A 46 5.72 -15.77 20.81
C THR A 46 5.54 -17.09 21.58
N ASP A 47 4.32 -17.38 22.04
CA ASP A 47 4.02 -18.68 22.66
C ASP A 47 4.31 -19.85 21.72
N LEU A 48 3.71 -19.79 20.53
CA LEU A 48 3.90 -20.85 19.53
C LEU A 48 5.35 -20.97 19.04
N ALA A 49 5.97 -19.83 18.76
CA ALA A 49 7.36 -19.84 18.29
C ALA A 49 8.31 -20.40 19.34
N THR A 50 8.17 -19.98 20.61
CA THR A 50 9.09 -20.43 21.65
C THR A 50 8.96 -21.94 21.89
N GLN A 51 7.73 -22.44 21.84
CA GLN A 51 7.50 -23.87 22.08
C GLN A 51 7.96 -24.71 20.87
N LEU A 52 7.56 -24.29 19.68
CA LEU A 52 7.95 -25.01 18.46
C LEU A 52 9.44 -24.95 18.14
N ASN A 53 10.08 -23.82 18.42
CA ASN A 53 11.53 -23.71 18.23
C ASN A 53 12.33 -24.59 19.19
N ASP A 54 11.68 -25.05 20.25
CA ASP A 54 12.31 -25.95 21.21
C ASP A 54 12.14 -27.43 20.84
N VAL A 55 11.39 -27.72 19.78
CA VAL A 55 11.20 -29.11 19.36
C VAL A 55 12.48 -29.65 18.71
N SER A 56 13.05 -30.70 19.30
CA SER A 56 14.27 -31.33 18.80
C SER A 56 13.93 -32.43 17.80
N ASP A 57 14.97 -33.07 17.27
CA ASP A 57 14.81 -34.14 16.28
C ASP A 57 14.10 -35.36 16.86
N PHE A 58 14.01 -35.44 18.17
CA PHE A 58 13.36 -36.54 18.86
C PHE A 58 11.96 -36.18 19.34
N GLY A 59 11.49 -34.99 18.98
CA GLY A 59 10.14 -34.56 19.32
C GLY A 59 9.97 -34.14 20.77
N LYS A 60 8.78 -33.64 21.08
CA LYS A 60 8.51 -32.96 22.35
C LYS A 60 7.04 -33.10 22.68
N MET A 61 6.74 -33.45 23.92
CA MET A 61 5.37 -33.50 24.38
C MET A 61 4.92 -32.09 24.70
N ILE A 62 3.77 -31.69 24.15
CA ILE A 62 3.21 -30.37 24.46
C ILE A 62 1.74 -30.56 24.83
N ILE A 63 1.32 -29.93 25.93
CA ILE A 63 -0.07 -29.96 26.34
C ILE A 63 -0.82 -28.74 25.77
N LEU A 64 -1.87 -28.99 24.98
CA LEU A 64 -2.76 -27.93 24.54
C LEU A 64 -3.89 -27.78 25.54
N LYS A 65 -4.06 -26.59 26.12
CA LYS A 65 -5.08 -26.35 27.14
C LYS A 65 -6.02 -25.26 26.71
N ASP A 66 -7.31 -25.46 27.00
CA ASP A 66 -8.33 -24.45 26.69
C ASP A 66 -9.44 -24.56 27.75
N ASN A 67 -9.24 -23.81 28.83
CA ASN A 67 -10.03 -23.96 30.03
C ASN A 67 -10.04 -25.45 30.42
N GLY A 68 -11.20 -26.07 30.52
CA GLY A 68 -11.27 -27.47 30.94
C GLY A 68 -10.68 -28.46 29.95
N PHE A 69 -10.56 -28.05 28.69
CA PHE A 69 -10.06 -28.92 27.63
C PHE A 69 -8.55 -29.06 27.74
N ASN A 70 -8.08 -30.29 27.59
CA ASN A 70 -6.67 -30.58 27.74
C ASN A 70 -6.29 -31.73 26.82
N ARG A 71 -5.26 -31.53 26.01
CA ARG A 71 -4.80 -32.61 25.13
C ARG A 71 -3.28 -32.62 25.06
N GLN A 72 -2.69 -33.78 25.32
CA GLN A 72 -1.26 -33.94 25.24
C GLN A 72 -0.95 -34.41 23.85
N VAL A 73 -0.05 -33.70 23.17
CA VAL A 73 0.33 -34.07 21.80
C VAL A 73 1.84 -34.24 21.73
N HIS A 74 2.30 -35.17 20.90
CA HIS A 74 3.73 -35.36 20.69
C HIS A 74 4.05 -34.71 19.38
N VAL A 75 4.86 -33.66 19.42
CA VAL A 75 5.12 -32.84 18.26
C VAL A 75 6.50 -33.16 17.70
N SER A 76 6.59 -33.25 16.37
CA SER A 76 7.87 -33.46 15.72
C SER A 76 8.00 -32.50 14.54
N MET A 77 9.24 -32.11 14.22
CA MET A 77 9.51 -31.28 13.03
C MET A 77 9.18 -32.14 11.79
N ASP A 78 8.55 -31.54 10.80
CA ASP A 78 8.29 -32.22 9.53
C ASP A 78 9.50 -31.99 8.63
N LYS A 79 10.29 -33.04 8.43
CA LYS A 79 11.54 -32.94 7.67
C LYS A 79 11.33 -33.25 6.17
N ARG A 80 10.10 -33.53 5.78
CA ARG A 80 9.81 -33.97 4.43
C ARG A 80 9.58 -32.80 3.49
N THR A 81 9.05 -31.71 4.01
CA THR A 81 8.52 -30.61 3.20
C THR A 81 9.29 -29.34 3.50
N LYS A 82 9.70 -28.64 2.45
CA LYS A 82 10.26 -27.31 2.62
C LYS A 82 9.31 -26.30 2.01
N ILE A 83 9.24 -25.12 2.61
CA ILE A 83 8.42 -24.02 2.09
C ILE A 83 9.18 -22.73 2.18
N GLN A 84 9.24 -21.96 1.08
CA GLN A 84 9.52 -20.54 1.17
C GLN A 84 8.36 -19.78 0.59
N LEU A 85 8.00 -18.71 1.29
CA LEU A 85 7.02 -17.75 0.77
C LEU A 85 7.78 -16.45 0.52
N ASP A 86 8.00 -16.13 -0.77
CA ASP A 86 8.78 -14.95 -1.14
C ASP A 86 10.14 -14.94 -0.36
N ASN A 87 10.79 -16.10 -0.35
CA ASN A 87 12.07 -16.34 0.34
C ASN A 87 12.02 -16.40 1.87
N GLU A 88 10.83 -16.36 2.45
CA GLU A 88 10.64 -16.46 3.90
C GLU A 88 10.43 -17.92 4.23
N ASN A 89 11.28 -18.46 5.11
CA ASN A 89 11.24 -19.90 5.38
C ASN A 89 10.10 -20.25 6.35
N VAL A 90 9.34 -21.26 5.99
CA VAL A 90 8.19 -21.72 6.77
C VAL A 90 8.38 -23.19 7.11
N ARG A 91 8.32 -23.49 8.41
CA ARG A 91 8.54 -24.82 8.92
C ARG A 91 7.21 -25.43 9.38
N LEU A 92 7.07 -26.73 9.15
CA LEU A 92 5.88 -27.46 9.52
C LEU A 92 6.23 -28.43 10.63
N PHE A 93 5.23 -28.69 11.47
CA PHE A 93 5.34 -29.64 12.55
C PHE A 93 4.08 -30.49 12.58
N ASN A 94 4.27 -31.74 13.01
CA ASN A 94 3.21 -32.74 13.06
C ASN A 94 3.00 -33.30 14.46
N GLY A 95 1.76 -33.59 14.81
CA GLY A 95 1.49 -34.48 15.93
C GLY A 95 1.53 -35.91 15.44
N ARG A 96 1.29 -36.84 16.36
CA ARG A 96 1.03 -38.21 15.98
C ARG A 96 -0.32 -38.24 15.26
N ASP A 97 -0.58 -39.31 14.51
CA ASP A 97 -1.89 -39.48 13.88
C ASP A 97 -3.02 -39.35 14.92
N LYS A 98 -2.88 -40.05 16.04
CA LYS A 98 -3.89 -40.00 17.12
C LYS A 98 -4.08 -38.60 17.77
N ASP A 99 -3.12 -37.69 17.55
CA ASP A 99 -3.17 -36.32 18.09
C ASP A 99 -4.02 -35.35 17.26
N SER A 100 -4.18 -35.65 15.98
CA SER A 100 -4.94 -34.83 15.04
C SER A 100 -4.52 -33.35 15.07
N THR A 101 -3.23 -33.09 14.91
CA THR A 101 -2.66 -31.75 15.19
C THR A 101 -1.47 -31.45 14.27
N ASN A 102 -1.53 -30.26 13.66
CA ASN A 102 -0.52 -29.72 12.74
C ASN A 102 -0.13 -28.31 13.19
N PHE A 103 1.12 -27.91 12.98
CA PHE A 103 1.56 -26.56 13.21
C PHE A 103 2.32 -26.03 11.99
N ILE A 104 2.29 -24.71 11.84
CA ILE A 104 3.07 -23.98 10.87
C ILE A 104 3.78 -22.84 11.59
N LEU A 105 5.06 -22.62 11.27
CA LEU A 105 5.83 -21.52 11.86
C LEU A 105 6.71 -20.81 10.82
N GLY A 106 6.45 -19.53 10.65
CA GLY A 106 7.33 -18.62 9.99
C GLY A 106 7.82 -17.58 10.97
N ASP A 107 8.68 -16.71 10.49
CA ASP A 107 9.14 -15.58 11.29
C ASP A 107 7.96 -14.63 11.56
N GLU A 108 6.99 -14.61 10.65
CA GLU A 108 5.92 -13.59 10.70
C GLU A 108 4.61 -14.08 11.27
N PHE A 109 4.42 -15.39 11.30
CA PHE A 109 3.14 -15.97 11.72
C PHE A 109 3.36 -17.40 12.16
N ALA A 110 2.38 -17.88 12.92
CA ALA A 110 2.33 -19.25 13.31
C ALA A 110 0.86 -19.74 13.33
N VAL A 111 0.67 -21.03 13.12
CA VAL A 111 -0.64 -21.66 13.09
C VAL A 111 -0.61 -22.97 13.86
N LEU A 112 -1.66 -23.20 14.65
CA LEU A 112 -1.98 -24.47 15.22
C LEU A 112 -3.34 -24.85 14.68
N ARG A 113 -3.41 -26.02 14.06
CA ARG A 113 -4.69 -26.55 13.61
C ARG A 113 -4.88 -27.92 14.18
N PHE A 114 -6.05 -28.13 14.78
CA PHE A 114 -6.37 -29.45 15.31
C PHE A 114 -7.86 -29.68 15.24
N TYR A 115 -8.27 -30.89 15.58
CA TYR A 115 -9.65 -31.25 15.49
C TYR A 115 -10.25 -31.44 16.88
N ARG A 116 -11.45 -30.93 17.03
CA ARG A 116 -12.26 -31.17 18.22
C ARG A 116 -13.66 -31.49 17.78
N ASN A 117 -14.19 -32.61 18.29
CA ASN A 117 -15.50 -33.10 17.89
C ASN A 117 -15.62 -33.26 16.37
N GLY A 118 -14.54 -33.71 15.75
CA GLY A 118 -14.50 -33.89 14.30
C GLY A 118 -14.55 -32.60 13.48
N GLU A 119 -14.22 -31.46 14.10
CA GLU A 119 -14.22 -30.19 13.40
C GLU A 119 -12.84 -29.57 13.44
N SER A 120 -12.39 -29.03 12.30
CA SER A 120 -11.08 -28.45 12.18
C SER A 120 -11.08 -27.03 12.74
N ILE A 121 -10.16 -26.77 13.66
CA ILE A 121 -10.02 -25.47 14.34
C ILE A 121 -8.60 -24.94 14.16
N SER A 122 -8.48 -23.70 13.71
CA SER A 122 -7.18 -23.06 13.53
C SER A 122 -7.01 -21.89 14.48
N TYR A 123 -5.88 -21.87 15.17
CA TYR A 123 -5.39 -20.69 15.87
C TYR A 123 -4.28 -20.06 15.03
N ILE A 124 -4.45 -18.78 14.70
CA ILE A 124 -3.61 -18.07 13.73
C ILE A 124 -3.06 -16.84 14.43
N ALA A 125 -1.74 -16.77 14.56
CA ALA A 125 -1.04 -15.71 15.29
C ALA A 125 0.03 -15.07 14.45
N TYR A 126 -0.08 -13.75 14.22
CA TYR A 126 0.99 -13.03 13.54
C TYR A 126 1.84 -12.30 14.54
N LYS A 127 3.14 -12.26 14.29
CA LYS A 127 4.10 -11.64 15.21
C LYS A 127 3.91 -10.14 15.43
N GLU A 128 3.79 -9.39 14.34
CA GLU A 128 3.71 -7.95 14.39
C GLU A 128 2.30 -7.50 14.77
N ALA A 129 2.24 -6.60 15.75
CA ALA A 129 0.97 -6.08 16.25
C ALA A 129 0.06 -5.56 15.12
N GLN A 130 0.59 -4.74 14.22
CA GLN A 130 -0.24 -4.15 13.16
C GLN A 130 -0.75 -5.19 12.18
N MET A 131 0.10 -6.16 11.83
CA MET A 131 -0.34 -7.23 10.95
C MET A 131 -1.39 -8.09 11.62
N MET A 132 -1.21 -8.38 12.90
CA MET A 132 -2.18 -9.21 13.62
C MET A 132 -3.54 -8.50 13.67
N ASN A 133 -3.52 -7.19 13.92
CA ASN A 133 -4.76 -6.42 13.93
C ASN A 133 -5.43 -6.50 12.57
N GLU A 134 -4.64 -6.33 11.52
CA GLU A 134 -5.14 -6.39 10.13
C GLU A 134 -5.77 -7.77 9.81
N ILE A 135 -5.07 -8.83 10.18
CA ILE A 135 -5.55 -10.19 9.98
C ILE A 135 -6.85 -10.45 10.78
N ALA A 136 -6.89 -9.99 12.03
CA ALA A 136 -8.10 -10.14 12.83
C ALA A 136 -9.27 -9.39 12.20
N GLU A 137 -9.04 -8.18 11.70
CA GLU A 137 -10.11 -7.41 11.07
C GLU A 137 -10.62 -8.17 9.84
N PHE A 138 -9.67 -8.70 9.10
CA PHE A 138 -9.94 -9.46 7.85
C PHE A 138 -10.82 -10.67 8.11
N TYR A 139 -10.48 -11.45 9.12
CA TYR A 139 -11.30 -12.61 9.44
C TYR A 139 -12.61 -12.27 10.15
N ALA A 140 -12.63 -11.18 10.92
CA ALA A 140 -13.83 -10.78 11.67
C ALA A 140 -14.90 -10.25 10.75
N ALA A 141 -14.48 -9.59 9.67
CA ALA A 141 -15.38 -8.75 8.86
C ALA A 141 -16.63 -9.49 8.34
N PRO A 142 -16.44 -10.69 7.75
CA PRO A 142 -17.57 -11.47 7.23
C PRO A 142 -18.64 -11.85 8.25
N PHE A 143 -18.27 -11.89 9.53
CA PHE A 143 -19.19 -12.22 10.62
C PHE A 143 -19.99 -11.02 11.12
N LYS A 144 -19.68 -9.82 10.60
CA LYS A 144 -20.40 -8.59 10.96
C LYS A 144 -21.62 -8.35 10.06
N LYS A 145 -21.76 -9.18 9.03
CA LYS A 145 -22.98 -9.21 8.23
C LYS A 145 -24.12 -9.72 9.10
N THR A 146 -23.87 -10.86 9.77
CA THR A 146 -24.88 -11.54 10.57
C THR A 146 -24.25 -12.09 11.85
N ARG A 147 -24.90 -11.84 13.00
CA ARG A 147 -24.36 -12.22 14.30
C ARG A 147 -25.19 -13.30 15.01
N ALA A 148 -24.49 -14.33 15.53
CA ALA A 148 -25.10 -15.37 16.37
C ALA A 148 -24.48 -15.35 17.77
N ILE A 149 -25.20 -15.83 18.78
CA ILE A 149 -24.65 -15.91 20.15
C ILE A 149 -23.65 -17.08 20.30
N ASN A 150 -23.68 -18.03 19.38
CA ASN A 150 -22.68 -19.08 19.31
C ASN A 150 -21.45 -18.66 18.48
N GLU A 151 -21.44 -17.41 18.01
CA GLU A 151 -20.39 -16.90 17.13
C GLU A 151 -19.00 -17.26 17.65
N LYS A 152 -18.81 -17.19 18.96
CA LYS A 152 -17.52 -17.45 19.61
C LYS A 152 -16.96 -18.84 19.31
N GLU A 153 -17.85 -19.81 19.14
CA GLU A 153 -17.44 -21.16 18.76
C GLU A 153 -16.91 -21.22 17.33
N ALA A 154 -17.36 -20.30 16.47
CA ALA A 154 -16.92 -20.21 15.06
C ALA A 154 -15.71 -19.30 14.86
N PHE A 155 -15.74 -18.14 15.51
CA PHE A 155 -14.70 -17.14 15.39
C PHE A 155 -14.49 -16.35 16.68
N GLU A 156 -13.24 -16.24 17.12
CA GLU A 156 -12.91 -15.47 18.31
C GLU A 156 -11.56 -14.79 18.21
N CYS A 157 -11.52 -13.51 18.53
CA CYS A 157 -10.25 -12.83 18.79
C CYS A 157 -9.78 -13.20 20.19
N ILE A 158 -8.53 -13.64 20.27
CA ILE A 158 -7.92 -14.07 21.51
C ILE A 158 -7.05 -12.96 22.02
N TYR A 159 -7.22 -12.64 23.31
CA TYR A 159 -6.47 -11.56 23.94
C TYR A 159 -5.57 -12.11 25.04
N ASP A 160 -4.46 -11.43 25.29
CA ASP A 160 -3.52 -11.87 26.33
C ASP A 160 -4.01 -11.43 27.71
N SER A 161 -4.43 -12.41 28.50
CA SER A 161 -4.90 -12.17 29.86
C SER A 161 -3.71 -12.07 30.84
N ARG A 162 -2.55 -12.58 30.43
CA ARG A 162 -1.33 -12.50 31.23
C ARG A 162 -0.87 -11.04 31.37
N THR A 163 -1.11 -10.24 30.31
CA THR A 163 -1.02 -8.78 30.41
C THR A 163 -2.25 -8.31 31.17
N ARG A 164 -2.13 -8.34 32.50
CA ARG A 164 -3.21 -7.92 33.41
C ARG A 164 -3.52 -6.41 33.33
N SER A 165 -2.73 -5.68 32.54
CA SER A 165 -3.09 -4.33 32.07
C SER A 165 -4.38 -4.40 31.26
N ALA A 166 -4.56 -5.49 30.52
CA ALA A 166 -5.73 -5.76 29.68
C ALA A 166 -5.42 -5.43 28.23
N GLY A 167 -4.76 -6.37 27.56
CA GLY A 167 -4.34 -6.24 26.16
C GLY A 167 -5.46 -5.70 25.27
N LYS A 168 -5.16 -4.61 24.57
CA LYS A 168 -6.11 -3.96 23.67
C LYS A 168 -6.20 -4.69 22.33
N TYR A 169 -5.04 -5.05 21.78
CA TYR A 169 -4.93 -5.74 20.50
C TYR A 169 -4.96 -7.27 20.71
N PRO A 170 -5.66 -8.01 19.83
CA PRO A 170 -5.64 -9.47 19.93
C PRO A 170 -4.25 -10.04 19.60
N VAL A 171 -3.93 -11.19 20.18
CA VAL A 171 -2.65 -11.87 19.96
C VAL A 171 -2.80 -13.05 18.98
N SER A 172 -4.03 -13.47 18.71
CA SER A 172 -4.33 -14.49 17.73
C SER A 172 -5.81 -14.46 17.40
N VAL A 173 -6.19 -15.21 16.36
CA VAL A 173 -7.59 -15.54 16.15
C VAL A 173 -7.80 -17.06 16.11
N LYS A 174 -8.97 -17.48 16.58
CA LYS A 174 -9.41 -18.86 16.54
C LYS A 174 -10.56 -18.93 15.54
N ILE A 175 -10.47 -19.84 14.58
CA ILE A 175 -11.51 -20.04 13.55
C ILE A 175 -11.87 -21.53 13.46
N ASN A 176 -13.15 -21.84 13.69
CA ASN A 176 -13.69 -23.18 13.45
C ASN A 176 -14.34 -23.08 12.09
N VAL A 177 -13.67 -23.67 11.11
CA VAL A 177 -14.04 -23.51 9.71
C VAL A 177 -15.39 -24.18 9.44
N ASP A 178 -15.60 -25.34 10.05
CA ASP A 178 -16.84 -26.09 9.83
C ASP A 178 -18.02 -25.31 10.40
N LYS A 179 -17.86 -24.79 11.62
CA LYS A 179 -18.87 -23.93 12.22
C LYS A 179 -19.04 -22.60 11.49
N ALA A 180 -17.93 -22.05 10.98
CA ALA A 180 -17.95 -20.74 10.32
C ALA A 180 -18.83 -20.69 9.08
N LYS A 181 -18.77 -21.71 8.24
CA LYS A 181 -19.63 -21.82 7.04
C LYS A 181 -21.12 -21.83 7.36
N LYS A 182 -21.48 -22.41 8.49
CA LYS A 182 -22.85 -22.48 8.94
C LYS A 182 -23.43 -21.11 9.33
N ILE A 183 -22.63 -20.29 10.03
CA ILE A 183 -23.04 -18.94 10.41
C ILE A 183 -23.09 -18.01 9.20
N LEU A 184 -22.07 -18.10 8.35
CA LEU A 184 -21.90 -17.16 7.24
C LEU A 184 -22.91 -17.36 6.10
N ASN A 185 -23.59 -18.51 6.08
CA ASN A 185 -24.38 -18.98 4.91
C ASN A 185 -23.65 -18.63 3.61
N LEU A 186 -22.41 -19.12 3.53
CA LEU A 186 -21.57 -18.91 2.35
C LEU A 186 -22.24 -19.37 1.06
N PRO A 187 -21.89 -18.73 -0.07
CA PRO A 187 -22.21 -19.35 -1.36
C PRO A 187 -21.26 -20.53 -1.57
N GLU A 188 -21.82 -21.72 -1.75
CA GLU A 188 -21.03 -22.94 -1.72
C GLU A 188 -20.25 -23.13 -3.00
N CYS A 189 -18.93 -23.11 -2.87
CA CYS A 189 -18.03 -23.28 -4.00
C CYS A 189 -17.79 -24.76 -4.20
N ASP A 190 -17.32 -25.10 -5.39
CA ASP A 190 -17.20 -26.48 -5.80
C ASP A 190 -16.14 -26.70 -6.88
N TYR A 191 -15.98 -27.96 -7.29
CA TYR A 191 -15.02 -28.32 -8.32
C TYR A 191 -15.63 -28.31 -9.71
N ILE A 192 -16.82 -28.93 -9.83
CA ILE A 192 -17.41 -29.22 -11.13
C ILE A 192 -16.36 -29.97 -11.97
N ASN A 193 -16.18 -29.62 -13.25
CA ASN A 193 -15.23 -30.27 -14.14
C ASN A 193 -13.84 -29.63 -13.97
N ASP A 194 -13.19 -29.95 -12.87
CA ASP A 194 -11.97 -29.24 -12.48
C ASP A 194 -10.68 -29.90 -12.95
N TYR A 195 -10.76 -30.70 -14.00
CA TYR A 195 -9.54 -31.18 -14.63
C TYR A 195 -9.71 -31.30 -16.13
N ILE A 196 -8.59 -31.26 -16.83
CA ILE A 196 -8.56 -31.40 -18.27
C ILE A 196 -7.59 -32.54 -18.63
N LYS A 197 -8.10 -33.53 -19.36
CA LYS A 197 -7.37 -34.72 -19.81
C LYS A 197 -6.60 -34.49 -21.12
N THR A 198 -5.30 -34.79 -21.05
CA THR A 198 -4.32 -34.57 -22.12
C THR A 198 -3.67 -35.89 -22.56
N PRO A 199 -3.08 -35.92 -23.77
CA PRO A 199 -2.51 -37.16 -24.33
C PRO A 199 -1.35 -37.70 -23.50
N GLN A 200 -1.22 -39.02 -23.47
CA GLN A 200 -0.21 -39.68 -22.62
C GLN A 200 1.18 -39.58 -23.27
N VAL A 201 2.22 -39.44 -22.45
CA VAL A 201 3.61 -39.47 -22.95
C VAL A 201 4.12 -40.92 -23.09
N THR A 210 17.57 -51.16 -12.39
CA THR A 210 16.67 -50.29 -13.17
C THR A 210 15.81 -49.38 -12.26
N ARG A 211 14.61 -49.83 -11.88
CA ARG A 211 13.73 -49.05 -11.03
C ARG A 211 13.75 -49.68 -9.64
N ALA A 212 14.01 -48.85 -8.63
CA ALA A 212 13.96 -49.27 -7.24
C ALA A 212 13.64 -48.05 -6.41
N VAL A 213 13.49 -48.25 -5.11
CA VAL A 213 13.37 -47.12 -4.20
C VAL A 213 14.67 -46.30 -4.34
N PRO A 214 14.55 -44.99 -4.54
CA PRO A 214 15.78 -44.20 -4.70
C PRO A 214 16.59 -44.09 -3.40
N SER A 215 17.90 -43.89 -3.52
CA SER A 215 18.79 -43.75 -2.36
C SER A 215 18.40 -42.55 -1.48
N GLU A 216 17.92 -41.48 -2.11
CA GLU A 216 17.42 -40.28 -1.44
C GLU A 216 16.11 -39.92 -2.14
N PRO A 217 15.12 -39.35 -1.40
CA PRO A 217 13.89 -38.93 -2.07
C PRO A 217 14.22 -37.87 -3.14
N LYS A 218 13.46 -37.89 -4.23
CA LYS A 218 13.64 -36.91 -5.28
C LYS A 218 13.00 -35.61 -4.83
N THR A 219 13.70 -34.50 -4.97
CA THR A 219 13.11 -33.21 -4.64
C THR A 219 12.25 -32.79 -5.81
N VAL A 220 10.97 -32.54 -5.54
CA VAL A 220 10.05 -31.99 -6.51
C VAL A 220 9.61 -30.61 -6.01
N TYR A 221 9.92 -29.57 -6.80
CA TYR A 221 9.47 -28.22 -6.50
C TYR A 221 8.04 -28.06 -6.95
N VAL A 222 7.24 -27.47 -6.06
CA VAL A 222 5.88 -27.04 -6.36
C VAL A 222 5.95 -25.51 -6.35
N ILE A 223 6.01 -24.94 -7.54
CA ILE A 223 6.25 -23.50 -7.75
C ILE A 223 4.89 -22.82 -7.76
N CYS A 224 4.57 -22.13 -6.68
CA CYS A 224 3.26 -21.52 -6.55
C CYS A 224 3.45 -20.08 -6.93
N LEU A 225 2.57 -19.58 -7.77
CA LEU A 225 2.74 -18.25 -8.31
C LEU A 225 1.50 -17.45 -7.96
N ARG A 226 1.72 -16.41 -7.16
CA ARG A 226 0.71 -15.45 -6.78
C ARG A 226 0.25 -14.71 -8.04
N GLU A 227 -1.03 -14.86 -8.39
CA GLU A 227 -1.57 -14.23 -9.57
C GLU A 227 -1.41 -12.74 -9.47
N ASN A 228 -1.10 -12.10 -10.59
CA ASN A 228 -0.97 -10.63 -10.66
C ASN A 228 -2.24 -9.99 -10.12
N GLY A 229 -2.09 -9.21 -9.06
CA GLY A 229 -3.20 -8.51 -8.44
C GLY A 229 -3.86 -9.26 -7.29
N SER A 230 -3.44 -10.50 -7.03
CA SER A 230 -3.97 -11.27 -5.92
C SER A 230 -3.27 -10.89 -4.62
N THR A 231 -4.03 -10.87 -3.53
CA THR A 231 -3.45 -10.86 -2.20
C THR A 231 -3.75 -12.24 -1.63
N VAL A 232 -2.69 -12.93 -1.19
CA VAL A 232 -2.84 -14.21 -0.52
C VAL A 232 -2.21 -14.07 0.84
N TYR A 233 -2.72 -14.83 1.81
CA TYR A 233 -2.36 -14.61 3.17
C TYR A 233 -1.40 -15.76 3.58
N PRO A 234 -0.23 -15.45 4.18
CA PRO A 234 0.79 -16.50 4.45
C PRO A 234 0.25 -17.71 5.21
N ASN A 235 -0.54 -17.50 6.25
CA ASN A 235 -1.15 -18.64 7.00
C ASN A 235 -2.04 -19.52 6.10
N GLU A 236 -2.74 -18.91 5.17
CA GLU A 236 -3.66 -19.63 4.26
C GLU A 236 -2.96 -20.44 3.23
N VAL A 237 -1.98 -19.82 2.59
CA VAL A 237 -1.17 -20.48 1.60
C VAL A 237 -0.41 -21.66 2.22
N SER A 238 0.26 -21.48 3.36
CA SER A 238 1.06 -22.55 3.93
CA SER A 238 1.05 -22.54 3.98
C SER A 238 0.18 -23.72 4.38
N ALA A 239 -1.03 -23.43 4.84
CA ALA A 239 -1.98 -24.50 5.22
C ALA A 239 -2.36 -25.34 4.01
N GLN A 240 -2.58 -24.71 2.88
CA GLN A 240 -2.87 -25.45 1.63
C GLN A 240 -1.70 -26.32 1.21
N MET A 241 -0.49 -25.79 1.37
CA MET A 241 0.73 -26.52 0.98
C MET A 241 0.93 -27.72 1.90
N GLN A 242 0.81 -27.48 3.21
CA GLN A 242 0.92 -28.58 4.19
C GLN A 242 -0.07 -29.71 3.89
N ASP A 243 -1.33 -29.35 3.67
CA ASP A 243 -2.35 -30.39 3.43
C ASP A 243 -2.06 -31.12 2.10
N ALA A 244 -1.62 -30.39 1.08
CA ALA A 244 -1.21 -31.02 -0.18
C ALA A 244 -0.07 -31.99 0.02
N ALA A 245 1.00 -31.55 0.70
CA ALA A 245 2.17 -32.42 0.92
C ALA A 245 1.76 -33.66 1.71
N ASN A 246 0.99 -33.46 2.78
CA ASN A 246 0.61 -34.58 3.65
C ASN A 246 -0.32 -35.59 2.98
N SER A 247 -1.11 -35.11 2.03
CA SER A 247 -1.97 -36.00 1.25
C SER A 247 -1.15 -36.94 0.37
N VAL A 248 0.02 -36.49 -0.06
CA VAL A 248 0.92 -37.33 -0.86
C VAL A 248 1.64 -38.33 0.05
N TYR A 249 2.20 -37.87 1.16
CA TYR A 249 3.05 -38.71 1.98
C TYR A 249 2.25 -39.82 2.64
N ALA A 250 0.95 -39.58 2.84
CA ALA A 250 0.06 -40.56 3.46
C ALA A 250 -0.15 -41.80 2.57
N VAL A 251 0.21 -41.70 1.30
CA VAL A 251 -0.02 -42.74 0.31
C VAL A 251 1.27 -43.54 0.10
N HIS A 252 1.19 -44.86 0.27
CA HIS A 252 2.23 -45.83 -0.08
C HIS A 252 3.65 -45.47 0.35
N GLY A 253 3.79 -44.92 1.56
CA GLY A 253 5.10 -44.47 2.04
C GLY A 253 5.88 -43.60 1.05
N LEU A 254 5.19 -42.66 0.43
CA LEU A 254 5.78 -41.86 -0.66
C LEU A 254 6.90 -40.94 -0.25
N LYS A 255 7.09 -40.67 1.04
CA LYS A 255 8.23 -39.84 1.46
C LYS A 255 9.56 -40.51 1.08
N ARG A 256 9.55 -41.81 0.82
CA ARG A 256 10.74 -42.50 0.34
C ARG A 256 11.15 -42.03 -1.05
N TYR A 257 10.17 -41.56 -1.82
CA TYR A 257 10.32 -41.31 -3.24
C TYR A 257 10.42 -39.85 -3.55
N VAL A 258 9.68 -39.02 -2.81
CA VAL A 258 9.61 -37.60 -3.06
CA VAL A 258 9.66 -37.58 -3.04
C VAL A 258 9.66 -36.79 -1.77
N ASN A 259 10.29 -35.60 -1.84
CA ASN A 259 10.20 -34.59 -0.82
C ASN A 259 9.74 -33.33 -1.58
N LEU A 260 8.62 -32.76 -1.18
CA LEU A 260 8.06 -31.60 -1.87
C LEU A 260 8.66 -30.32 -1.34
N HIS A 261 9.02 -29.41 -2.25
CA HIS A 261 9.59 -28.15 -1.89
C HIS A 261 8.73 -27.06 -2.56
N PHE A 262 7.95 -26.39 -1.74
CA PHE A 262 7.07 -25.34 -2.18
C PHE A 262 7.79 -24.00 -2.15
N VAL A 263 7.61 -23.22 -3.22
CA VAL A 263 8.10 -21.85 -3.22
C VAL A 263 6.97 -20.98 -3.74
N LEU A 264 6.90 -19.75 -3.24
CA LEU A 264 5.88 -18.80 -3.72
C LEU A 264 6.55 -17.51 -4.13
N TYR A 265 6.25 -17.09 -5.35
CA TYR A 265 6.56 -15.72 -5.77
C TYR A 265 5.46 -15.19 -6.66
N THR A 266 5.57 -13.95 -7.11
CA THR A 266 4.48 -13.36 -7.88
C THR A 266 4.71 -13.50 -9.39
N THR A 267 3.65 -13.76 -10.15
CA THR A 267 3.75 -13.77 -11.60
C THR A 267 3.05 -12.54 -12.19
N GLU A 268 3.48 -12.13 -13.38
CA GLU A 268 2.79 -11.07 -14.11
C GLU A 268 1.47 -11.55 -14.72
N TYR A 269 1.27 -12.86 -14.76
CA TYR A 269 0.07 -13.44 -15.36
C TYR A 269 -1.14 -13.23 -14.47
N ALA A 270 -2.26 -12.86 -15.09
CA ALA A 270 -3.58 -12.92 -14.46
C ALA A 270 -4.54 -13.53 -15.50
N CYS A 271 -5.52 -14.30 -15.02
CA CYS A 271 -6.51 -14.88 -15.90
C CYS A 271 -7.23 -13.79 -16.71
N PRO A 272 -7.44 -14.02 -18.02
CA PRO A 272 -8.10 -13.04 -18.88
C PRO A 272 -9.62 -12.91 -18.68
N SER A 273 -10.25 -13.87 -18.03
CA SER A 273 -11.69 -13.87 -17.81
C SER A 273 -11.95 -14.55 -16.49
N GLY A 274 -13.22 -14.75 -16.16
CA GLY A 274 -13.56 -15.53 -14.98
C GLY A 274 -13.51 -17.03 -15.17
N ASN A 275 -13.27 -17.50 -16.38
CA ASN A 275 -13.38 -18.92 -16.70
C ASN A 275 -12.10 -19.68 -16.33
N ALA A 276 -12.25 -20.73 -15.52
CA ALA A 276 -11.12 -21.54 -15.04
C ALA A 276 -10.34 -22.22 -16.17
N ASP A 277 -11.05 -22.80 -17.13
CA ASP A 277 -10.39 -23.49 -18.25
C ASP A 277 -9.54 -22.56 -19.11
N GLU A 278 -10.12 -21.43 -19.49
CA GLU A 278 -9.39 -20.39 -20.21
C GLU A 278 -8.21 -19.88 -19.35
N GLY A 279 -8.42 -19.75 -18.04
CA GLY A 279 -7.37 -19.29 -17.12
C GLY A 279 -6.16 -20.22 -17.09
N LEU A 280 -6.45 -21.52 -17.05
CA LEU A 280 -5.39 -22.51 -16.99
C LEU A 280 -4.62 -22.58 -18.30
N ASP A 281 -5.33 -22.57 -19.44
CA ASP A 281 -4.68 -22.47 -20.76
C ASP A 281 -3.69 -21.31 -20.80
N GLY A 282 -4.15 -20.14 -20.38
CA GLY A 282 -3.29 -18.94 -20.37
C GLY A 282 -2.13 -19.05 -19.41
N PHE A 283 -2.36 -19.69 -18.26
CA PHE A 283 -1.30 -19.81 -17.25
C PHE A 283 -0.18 -20.72 -17.76
N THR A 284 -0.54 -21.89 -18.28
CA THR A 284 0.48 -22.81 -18.81
C THR A 284 1.24 -22.15 -19.97
N ALA A 285 0.52 -21.43 -20.82
CA ALA A 285 1.12 -20.69 -21.91
C ALA A 285 2.10 -19.63 -21.38
N SER A 286 1.74 -18.96 -20.28
CA SER A 286 2.62 -17.97 -19.65
C SER A 286 3.96 -18.56 -19.17
N LEU A 287 3.90 -19.80 -18.67
CA LEU A 287 5.13 -20.49 -18.22
C LEU A 287 6.04 -20.81 -19.39
N LYS A 288 5.47 -21.33 -20.46
CA LYS A 288 6.23 -21.74 -21.64
C LYS A 288 6.85 -20.54 -22.32
N ALA A 289 6.16 -19.41 -22.26
CA ALA A 289 6.55 -18.20 -22.96
C ALA A 289 7.62 -17.41 -22.20
N ASN A 290 7.89 -17.78 -20.95
CA ASN A 290 8.80 -17.05 -20.09
C ASN A 290 10.23 -17.62 -20.12
N PRO A 291 11.17 -16.88 -20.75
CA PRO A 291 12.59 -17.30 -20.82
C PRO A 291 13.19 -17.58 -19.44
N LYS A 292 12.72 -16.85 -18.43
CA LYS A 292 13.12 -17.06 -17.03
C LYS A 292 12.86 -18.48 -16.51
N ALA A 293 11.82 -19.14 -17.02
CA ALA A 293 11.46 -20.48 -16.54
C ALA A 293 12.12 -21.60 -17.34
N GLU A 294 12.92 -21.26 -18.37
CA GLU A 294 13.61 -22.29 -19.17
C GLU A 294 14.42 -23.19 -18.25
N GLY A 295 14.29 -24.50 -18.45
CA GLY A 295 15.07 -25.47 -17.68
C GLY A 295 14.40 -25.94 -16.39
N TYR A 296 13.24 -25.35 -16.07
CA TYR A 296 12.44 -25.80 -14.93
C TYR A 296 11.07 -26.31 -15.41
N ASP A 297 11.04 -26.80 -16.64
CA ASP A 297 9.79 -27.22 -17.24
C ASP A 297 9.29 -28.56 -16.68
N ASP A 298 10.11 -29.19 -15.84
CA ASP A 298 9.78 -30.50 -15.25
C ASP A 298 9.30 -30.44 -13.80
N GLN A 299 8.96 -29.25 -13.33
CA GLN A 299 8.49 -29.08 -11.96
C GLN A 299 6.98 -28.96 -11.99
N ILE A 300 6.38 -28.79 -10.82
CA ILE A 300 4.95 -28.59 -10.72
C ILE A 300 4.65 -27.14 -10.43
N TYR A 301 3.60 -26.63 -11.06
CA TYR A 301 3.23 -25.21 -11.01
C TYR A 301 1.77 -25.00 -10.65
N PHE A 302 1.53 -24.10 -9.70
CA PHE A 302 0.17 -23.65 -9.39
C PHE A 302 0.05 -22.15 -9.50
N LEU A 303 -0.97 -21.69 -10.19
CA LEU A 303 -1.37 -20.28 -10.07
C LEU A 303 -2.28 -20.21 -8.87
N ILE A 304 -1.95 -19.38 -7.88
CA ILE A 304 -2.82 -19.24 -6.73
C ILE A 304 -3.44 -17.86 -6.61
N ARG A 305 -4.63 -17.84 -6.02
CA ARG A 305 -5.37 -16.65 -5.72
C ARG A 305 -6.14 -16.91 -4.43
N TRP A 306 -6.73 -15.87 -3.87
CA TRP A 306 -7.59 -16.01 -2.70
C TRP A 306 -9.01 -16.39 -3.11
N GLY A 307 -9.47 -15.80 -4.20
CA GLY A 307 -10.85 -15.98 -4.65
C GLY A 307 -11.03 -17.25 -5.45
N THR A 308 -12.16 -17.33 -6.12
CA THR A 308 -12.55 -18.51 -6.90
C THR A 308 -12.81 -18.07 -8.34
N TRP A 309 -13.15 -19.02 -9.20
CA TRP A 309 -13.45 -18.74 -10.60
C TRP A 309 -14.96 -18.84 -10.89
N ASP A 310 -15.34 -18.57 -12.12
CA ASP A 310 -16.76 -18.61 -12.52
C ASP A 310 -17.39 -19.94 -12.11
N ASN A 311 -18.68 -19.86 -11.76
CA ASN A 311 -19.44 -21.00 -11.26
C ASN A 311 -18.90 -21.43 -9.88
N ASN A 312 -18.37 -20.46 -9.13
CA ASN A 312 -17.77 -20.72 -7.81
C ASN A 312 -16.80 -21.92 -7.83
N ILE A 313 -15.99 -22.02 -8.90
CA ILE A 313 -15.06 -23.12 -9.10
C ILE A 313 -13.80 -22.86 -8.27
N LEU A 314 -13.33 -23.88 -7.56
CA LEU A 314 -12.24 -23.72 -6.56
C LEU A 314 -10.84 -23.86 -7.14
N GLY A 315 -10.73 -24.54 -8.29
CA GLY A 315 -9.43 -24.80 -8.86
C GLY A 315 -9.58 -25.62 -10.11
N ILE A 316 -8.46 -25.89 -10.78
CA ILE A 316 -8.48 -26.66 -12.02
C ILE A 316 -7.06 -27.14 -12.31
N SER A 317 -6.92 -28.31 -12.92
CA SER A 317 -5.61 -28.82 -13.23
C SER A 317 -5.55 -29.66 -14.51
N TRP A 318 -4.34 -29.87 -15.02
CA TRP A 318 -4.14 -30.82 -16.10
C TRP A 318 -4.02 -32.21 -15.46
N LEU A 319 -4.87 -33.14 -15.86
CA LEU A 319 -4.94 -34.49 -15.24
C LEU A 319 -3.77 -35.32 -15.69
N ASN A 320 -3.12 -35.97 -14.73
CA ASN A 320 -2.12 -36.97 -14.99
C ASN A 320 -0.99 -36.38 -15.83
N SER A 321 -0.44 -35.28 -15.33
CA SER A 321 0.50 -34.44 -16.03
C SER A 321 1.89 -34.45 -15.42
N TYR A 322 2.04 -35.09 -14.27
CA TYR A 322 3.34 -35.20 -13.65
C TYR A 322 3.73 -36.66 -13.48
N ASN A 323 4.92 -37.00 -13.97
CA ASN A 323 5.54 -38.32 -13.74
C ASN A 323 7.03 -38.05 -13.55
N VAL A 324 7.63 -38.64 -12.53
CA VAL A 324 9.04 -38.33 -12.21
C VAL A 324 10.02 -38.65 -13.33
N ASN A 325 9.66 -39.56 -14.24
CA ASN A 325 10.56 -39.93 -15.33
C ASN A 325 10.41 -39.08 -16.58
N THR A 326 9.23 -38.50 -16.77
CA THR A 326 8.91 -37.86 -18.05
C THR A 326 8.43 -36.40 -17.92
N ALA A 327 8.36 -35.86 -16.71
CA ALA A 327 7.88 -34.49 -16.52
C ALA A 327 8.59 -33.51 -17.45
N SER A 328 7.84 -32.65 -18.11
CA SER A 328 8.36 -31.75 -19.16
C SER A 328 7.32 -30.70 -19.53
N ASP A 329 7.80 -29.65 -20.20
CA ASP A 329 6.99 -28.68 -20.93
C ASP A 329 5.91 -27.97 -20.10
N PHE A 330 6.18 -27.76 -18.82
CA PHE A 330 5.22 -27.16 -17.88
C PHE A 330 3.85 -27.83 -17.86
N LYS A 331 3.80 -29.11 -18.21
CA LYS A 331 2.52 -29.84 -18.29
C LYS A 331 1.85 -29.99 -16.94
N ALA A 332 2.67 -30.07 -15.90
CA ALA A 332 2.20 -30.37 -14.55
C ALA A 332 1.81 -29.06 -13.88
N SER A 333 0.71 -28.48 -14.34
CA SER A 333 0.29 -27.20 -13.86
C SER A 333 -1.20 -27.16 -13.57
N GLY A 334 -1.57 -26.25 -12.67
CA GLY A 334 -2.94 -26.08 -12.22
C GLY A 334 -3.14 -24.74 -11.56
N MET A 335 -4.35 -24.52 -11.06
CA MET A 335 -4.74 -23.29 -10.40
C MET A 335 -5.54 -23.66 -9.17
N SER A 336 -5.38 -22.88 -8.11
CA SER A 336 -6.03 -23.18 -6.82
C SER A 336 -6.33 -21.90 -6.05
N THR A 337 -7.53 -21.85 -5.49
CA THR A 337 -7.83 -20.97 -4.40
C THR A 337 -6.97 -21.35 -3.20
N THR A 338 -6.73 -20.39 -2.34
CA THR A 338 -6.04 -20.65 -1.09
C THR A 338 -6.81 -20.16 0.14
N GLN A 339 -8.06 -19.77 -0.03
CA GLN A 339 -8.77 -19.21 1.11
C GLN A 339 -8.99 -20.26 2.22
N LEU A 340 -8.99 -19.77 3.46
CA LEU A 340 -9.05 -20.63 4.65
C LEU A 340 -10.26 -21.55 4.69
N MET A 341 -11.37 -21.06 4.17
CA MET A 341 -12.65 -21.78 4.27
C MET A 341 -12.74 -23.00 3.35
N TYR A 342 -11.78 -23.16 2.45
CA TYR A 342 -11.74 -24.32 1.56
C TYR A 342 -10.40 -25.05 1.68
N PRO A 343 -10.17 -25.66 2.86
CA PRO A 343 -8.94 -26.42 3.03
C PRO A 343 -8.90 -27.60 2.06
N GLY A 344 -7.71 -27.90 1.58
CA GLY A 344 -7.49 -29.11 0.76
C GLY A 344 -7.71 -28.97 -0.73
N VAL A 345 -8.02 -27.76 -1.22
CA VAL A 345 -8.18 -27.57 -2.67
C VAL A 345 -6.85 -27.80 -3.40
N MET A 346 -5.76 -27.26 -2.89
CA MET A 346 -4.46 -27.49 -3.51
C MET A 346 -4.14 -28.99 -3.49
N ALA A 347 -4.40 -29.64 -2.38
CA ALA A 347 -4.25 -31.10 -2.31
C ALA A 347 -5.03 -31.84 -3.39
N HIS A 348 -6.30 -31.46 -3.58
CA HIS A 348 -7.18 -32.07 -4.57
C HIS A 348 -6.60 -31.87 -6.00
N GLU A 349 -6.20 -30.64 -6.34
CA GLU A 349 -5.67 -30.38 -7.66
C GLU A 349 -4.34 -31.07 -7.87
N LEU A 350 -3.48 -31.08 -6.86
CA LEU A 350 -2.22 -31.86 -6.94
C LEU A 350 -2.54 -33.33 -7.15
N GLY A 351 -3.60 -33.81 -6.49
CA GLY A 351 -4.09 -35.16 -6.75
C GLY A 351 -4.34 -35.41 -8.23
N HIS A 352 -5.09 -34.51 -8.87
CA HIS A 352 -5.35 -34.63 -10.32
C HIS A 352 -4.05 -34.60 -11.13
N ILE A 353 -3.12 -33.69 -10.79
CA ILE A 353 -1.83 -33.56 -11.51
C ILE A 353 -1.06 -34.90 -11.50
N LEU A 354 -1.11 -35.56 -10.35
CA LEU A 354 -0.48 -36.86 -10.15
C LEU A 354 -1.30 -38.05 -10.67
N GLY A 355 -2.47 -37.77 -11.25
CA GLY A 355 -3.22 -38.75 -11.98
C GLY A 355 -4.53 -39.19 -11.35
N ALA A 356 -4.84 -38.71 -10.16
CA ALA A 356 -6.05 -39.16 -9.44
C ALA A 356 -7.28 -38.65 -10.15
N ASN A 357 -8.24 -39.56 -10.34
CA ASN A 357 -9.59 -39.23 -10.81
C ASN A 357 -10.49 -38.92 -9.62
N HIS A 358 -11.70 -38.44 -9.90
CA HIS A 358 -12.71 -38.27 -8.85
C HIS A 358 -13.07 -39.64 -8.29
N ALA A 359 -13.20 -39.69 -6.97
CA ALA A 359 -13.52 -40.90 -6.23
C ALA A 359 -14.98 -40.90 -5.84
N ASP A 360 -15.49 -42.09 -5.52
CA ASP A 360 -16.90 -42.30 -5.21
C ASP A 360 -17.28 -42.06 -3.75
N ASP A 361 -16.29 -42.04 -2.87
CA ASP A 361 -16.52 -41.91 -1.43
C ASP A 361 -16.57 -40.43 -1.06
N PRO A 362 -17.67 -39.97 -0.47
CA PRO A 362 -17.77 -38.57 -0.05
C PRO A 362 -16.74 -38.14 1.00
N LYS A 363 -16.10 -39.09 1.68
CA LYS A 363 -15.03 -38.74 2.63
C LYS A 363 -13.63 -38.66 1.98
N ASP A 364 -13.56 -38.88 0.67
CA ASP A 364 -12.28 -38.86 -0.09
C ASP A 364 -11.96 -37.42 -0.46
N LEU A 365 -10.70 -37.02 -0.26
CA LEU A 365 -10.14 -35.81 -0.84
C LEU A 365 -10.60 -35.58 -2.29
N MET A 366 -10.63 -36.66 -3.07
CA MET A 366 -10.93 -36.60 -4.50
C MET A 366 -12.38 -36.80 -4.88
N TYR A 367 -13.28 -36.68 -3.92
CA TYR A 367 -14.69 -36.67 -4.25
C TYR A 367 -14.97 -35.52 -5.21
N SER A 368 -15.96 -35.70 -6.07
CA SER A 368 -16.26 -34.75 -7.13
C SER A 368 -16.88 -33.46 -6.61
N LYS A 369 -17.46 -33.50 -5.41
CA LYS A 369 -17.92 -32.29 -4.74
C LYS A 369 -16.96 -31.94 -3.59
N TYR A 370 -16.84 -30.64 -3.30
CA TYR A 370 -15.96 -30.21 -2.21
C TYR A 370 -16.57 -30.68 -0.88
N THR A 371 -15.84 -31.52 -0.13
CA THR A 371 -16.34 -31.93 1.18
C THR A 371 -15.36 -31.71 2.34
N GLY A 372 -14.20 -31.14 2.06
CA GLY A 372 -13.26 -30.74 3.11
C GLY A 372 -12.33 -31.82 3.65
N TYR A 373 -12.41 -33.05 3.13
CA TYR A 373 -11.53 -34.12 3.58
C TYR A 373 -10.17 -34.00 2.92
N LEU A 374 -9.14 -34.48 3.61
CA LEU A 374 -7.77 -34.15 3.20
C LEU A 374 -6.88 -35.33 2.79
N PHE A 375 -7.44 -36.54 2.74
CA PHE A 375 -6.69 -37.75 2.34
C PHE A 375 -7.35 -38.57 1.25
N HIS A 376 -6.50 -39.14 0.40
CA HIS A 376 -6.90 -40.12 -0.60
C HIS A 376 -7.37 -41.39 0.10
N LEU A 377 -8.52 -41.89 -0.32
CA LEU A 377 -9.05 -43.17 0.15
C LEU A 377 -9.13 -44.21 -0.96
N SER A 378 -9.18 -43.76 -2.21
CA SER A 378 -9.32 -44.65 -3.36
C SER A 378 -8.03 -45.40 -3.64
N GLU A 379 -8.09 -46.73 -3.58
CA GLU A 379 -6.89 -47.53 -3.84
C GLU A 379 -6.44 -47.35 -5.26
N LYS A 380 -7.39 -47.20 -6.19
CA LYS A 380 -7.04 -46.98 -7.59
C LYS A 380 -6.25 -45.68 -7.72
N ASN A 381 -6.72 -44.61 -7.09
CA ASN A 381 -6.01 -43.32 -7.10
C ASN A 381 -4.66 -43.36 -6.41
N MET A 382 -4.58 -44.08 -5.30
CA MET A 382 -3.33 -44.18 -4.58
C MET A 382 -2.28 -44.89 -5.42
N ASP A 383 -2.68 -45.90 -6.15
CA ASP A 383 -1.76 -46.65 -6.99
C ASP A 383 -1.28 -45.77 -8.15
N ILE A 384 -2.19 -45.02 -8.75
CA ILE A 384 -1.85 -44.12 -9.88
C ILE A 384 -0.83 -43.06 -9.45
N ILE A 385 -1.14 -42.37 -8.35
CA ILE A 385 -0.27 -41.31 -7.82
C ILE A 385 1.11 -41.87 -7.46
N ALA A 386 1.11 -43.00 -6.77
CA ALA A 386 2.39 -43.59 -6.32
C ALA A 386 3.25 -44.03 -7.48
N LYS A 387 2.65 -44.67 -8.50
CA LYS A 387 3.40 -45.09 -9.68
C LYS A 387 4.04 -43.91 -10.40
N ASN A 388 3.33 -42.79 -10.48
CA ASN A 388 3.83 -41.59 -11.13
C ASN A 388 5.00 -40.97 -10.38
N LEU A 389 5.13 -41.33 -9.11
CA LEU A 389 6.26 -40.88 -8.30
C LEU A 389 7.37 -41.89 -8.09
N GLY A 390 7.30 -43.04 -8.77
CA GLY A 390 8.39 -44.02 -8.83
C GLY A 390 8.18 -45.33 -8.06
N TRP A 391 7.04 -45.42 -7.39
CA TRP A 391 6.70 -46.62 -6.62
C TRP A 391 6.11 -47.74 -7.46
N GLU A 392 6.38 -48.96 -7.00
CA GLU A 392 5.73 -50.16 -7.50
C GLU A 392 5.43 -51.04 -6.28
N ILE A 393 4.43 -51.88 -6.41
CA ILE A 393 3.94 -52.67 -5.29
C ILE A 393 4.99 -53.55 -4.62
N ALA A 394 6.00 -54.01 -5.37
CA ALA A 394 7.07 -54.84 -4.78
C ALA A 394 7.84 -54.07 -3.71
N ASP A 395 7.79 -52.74 -3.75
CA ASP A 395 8.47 -51.90 -2.74
C ASP A 395 7.77 -51.87 -1.39
N GLY A 396 6.52 -52.30 -1.34
CA GLY A 396 5.71 -52.19 -0.13
C GLY A 396 5.39 -50.75 0.24
N ASP A 397 4.90 -50.55 1.46
CA ASP A 397 4.50 -49.22 1.93
C ASP A 397 5.55 -48.68 2.88
N PRO B 33 23.82 -33.11 -15.14
CA PRO B 33 23.44 -32.27 -13.99
C PRO B 33 24.51 -31.22 -13.63
N VAL B 34 24.29 -29.97 -14.06
CA VAL B 34 25.28 -28.91 -13.89
C VAL B 34 25.28 -28.46 -12.44
N THR B 35 26.48 -28.37 -11.86
CA THR B 35 26.62 -28.08 -10.44
C THR B 35 26.17 -26.66 -10.15
N ALA B 36 25.46 -26.50 -9.04
CA ALA B 36 25.04 -25.21 -8.52
C ALA B 36 26.26 -24.35 -8.23
N SER B 37 26.14 -23.04 -8.48
CA SER B 37 27.27 -22.13 -8.22
C SER B 37 26.81 -20.79 -7.64
N ILE B 38 27.70 -20.15 -6.91
CA ILE B 38 27.49 -18.82 -6.36
C ILE B 38 28.58 -17.95 -6.97
N ASP B 39 28.19 -16.86 -7.62
CA ASP B 39 29.10 -15.92 -8.29
C ASP B 39 29.35 -14.76 -7.35
N LEU B 40 30.54 -14.75 -6.76
CA LEU B 40 30.85 -13.79 -5.73
C LEU B 40 31.07 -12.37 -6.26
N GLN B 41 31.09 -12.22 -7.58
CA GLN B 41 31.08 -10.90 -8.17
C GLN B 41 29.71 -10.22 -8.16
N SER B 42 28.63 -10.97 -7.86
CA SER B 42 27.26 -10.41 -7.85
C SER B 42 26.34 -11.01 -6.76
N VAL B 43 26.92 -11.73 -5.79
CA VAL B 43 26.13 -12.49 -4.83
C VAL B 43 25.16 -11.61 -4.02
N SER B 44 23.89 -12.02 -4.03
CA SER B 44 22.81 -11.31 -3.32
C SER B 44 22.20 -12.19 -2.24
N TYR B 45 21.32 -11.59 -1.43
CA TYR B 45 20.58 -12.37 -0.47
C TYR B 45 19.83 -13.51 -1.18
N THR B 46 19.13 -13.19 -2.26
CA THR B 46 18.30 -14.17 -2.97
CA THR B 46 18.31 -14.20 -2.92
C THR B 46 19.16 -15.31 -3.50
N ASP B 47 20.36 -14.99 -4.00
CA ASP B 47 21.30 -16.00 -4.47
C ASP B 47 21.61 -16.98 -3.37
N LEU B 48 22.01 -16.46 -2.19
CA LEU B 48 22.37 -17.33 -1.08
C LEU B 48 21.16 -18.10 -0.56
N ALA B 49 20.03 -17.44 -0.41
CA ALA B 49 18.86 -18.07 0.15
C ALA B 49 18.36 -19.20 -0.76
N THR B 50 18.29 -18.94 -2.06
CA THR B 50 17.76 -19.95 -2.98
C THR B 50 18.69 -21.18 -3.03
N GLN B 51 19.99 -20.95 -2.95
CA GLN B 51 20.94 -22.08 -2.98
C GLN B 51 20.90 -22.85 -1.67
N LEU B 52 20.95 -22.15 -0.54
CA LEU B 52 20.94 -22.81 0.76
C LEU B 52 19.60 -23.47 1.14
N ASN B 53 18.49 -22.86 0.73
CA ASN B 53 17.18 -23.50 0.91
C ASN B 53 17.00 -24.81 0.12
N ASP B 54 17.86 -25.05 -0.89
CA ASP B 54 17.82 -26.29 -1.66
C ASP B 54 18.70 -27.39 -1.05
N VAL B 55 19.43 -27.08 0.03
CA VAL B 55 20.27 -28.10 0.66
C VAL B 55 19.39 -29.11 1.41
N SER B 56 19.40 -30.35 0.94
CA SER B 56 18.68 -31.43 1.58
C SER B 56 19.46 -32.00 2.77
N ASP B 57 18.84 -32.95 3.47
CA ASP B 57 19.51 -33.67 4.57
C ASP B 57 20.74 -34.43 4.12
N PHE B 58 20.87 -34.68 2.82
CA PHE B 58 22.02 -35.41 2.29
C PHE B 58 23.13 -34.47 1.77
N GLY B 59 22.88 -33.16 1.82
CA GLY B 59 23.87 -32.20 1.38
C GLY B 59 23.85 -31.95 -0.11
N LYS B 60 24.59 -30.92 -0.52
CA LYS B 60 24.57 -30.44 -1.90
CA LYS B 60 24.54 -30.36 -1.87
C LYS B 60 25.93 -29.88 -2.24
N MET B 61 26.43 -30.22 -3.43
CA MET B 61 27.65 -29.58 -3.94
C MET B 61 27.30 -28.19 -4.47
N ILE B 62 28.09 -27.19 -4.06
CA ILE B 62 27.94 -25.83 -4.54
C ILE B 62 29.33 -25.29 -4.86
N ILE B 63 29.49 -24.75 -6.06
CA ILE B 63 30.77 -24.17 -6.48
C ILE B 63 30.78 -22.66 -6.18
N LEU B 64 31.71 -22.24 -5.34
CA LEU B 64 31.96 -20.82 -5.13
C LEU B 64 32.89 -20.32 -6.23
N LYS B 65 32.57 -19.20 -6.85
CA LYS B 65 33.39 -18.66 -7.95
C LYS B 65 33.62 -17.18 -7.79
N ASP B 66 34.84 -16.74 -8.04
CA ASP B 66 35.14 -15.33 -8.16
C ASP B 66 36.23 -15.16 -9.19
N ASN B 67 36.60 -13.92 -9.51
CA ASN B 67 37.78 -13.66 -10.31
C ASN B 67 38.96 -14.43 -9.74
N GLY B 68 39.52 -15.33 -10.54
CA GLY B 68 40.68 -16.09 -10.14
C GLY B 68 40.50 -17.09 -9.00
N PHE B 69 39.26 -17.48 -8.73
CA PHE B 69 38.93 -18.33 -7.59
C PHE B 69 37.80 -19.30 -7.89
N ASN B 70 37.97 -20.53 -7.43
CA ASN B 70 36.88 -21.51 -7.41
C ASN B 70 37.07 -22.43 -6.21
N ARG B 71 35.97 -22.91 -5.67
CA ARG B 71 36.01 -23.96 -4.67
C ARG B 71 34.72 -24.75 -4.74
N GLN B 72 34.84 -26.07 -4.87
CA GLN B 72 33.68 -26.92 -4.81
C GLN B 72 33.49 -27.31 -3.35
N VAL B 73 32.36 -26.94 -2.78
CA VAL B 73 32.06 -27.22 -1.36
C VAL B 73 30.84 -28.11 -1.27
N HIS B 74 30.90 -29.08 -0.37
CA HIS B 74 29.74 -29.93 -0.10
C HIS B 74 29.08 -29.38 1.16
N VAL B 75 27.90 -28.81 0.98
CA VAL B 75 27.24 -28.04 2.01
C VAL B 75 26.22 -28.93 2.70
N SER B 76 26.21 -28.88 4.04
CA SER B 76 25.22 -29.60 4.84
CA SER B 76 25.21 -29.59 4.80
C SER B 76 24.53 -28.65 5.80
N MET B 77 23.28 -28.94 6.13
CA MET B 77 22.56 -28.25 7.18
C MET B 77 23.23 -28.59 8.51
N ASP B 78 23.39 -27.60 9.36
CA ASP B 78 23.89 -27.83 10.72
C ASP B 78 22.69 -28.15 11.61
N LYS B 79 22.56 -29.42 11.99
CA LYS B 79 21.45 -29.90 12.82
C LYS B 79 21.79 -29.82 14.32
N ARG B 80 22.99 -29.36 14.64
CA ARG B 80 23.46 -29.34 16.03
C ARG B 80 23.05 -28.07 16.77
N THR B 81 22.87 -26.99 16.03
CA THR B 81 22.73 -25.69 16.64
C THR B 81 21.44 -25.02 16.19
N LYS B 82 20.76 -24.40 17.13
CA LYS B 82 19.54 -23.63 16.81
C LYS B 82 19.82 -22.21 17.24
N ILE B 83 19.28 -21.24 16.50
CA ILE B 83 19.44 -19.82 16.82
C ILE B 83 18.12 -19.10 16.54
N GLN B 84 17.67 -18.30 17.50
CA GLN B 84 16.66 -17.25 17.21
C GLN B 84 17.19 -15.91 17.68
N LEU B 85 16.97 -14.90 16.85
CA LEU B 85 17.30 -13.54 17.20
C LEU B 85 15.99 -12.79 17.26
N ASP B 86 15.57 -12.42 18.47
CA ASP B 86 14.25 -11.81 18.68
C ASP B 86 13.18 -12.64 17.97
N ASN B 87 13.23 -13.96 18.15
CA ASN B 87 12.30 -14.94 17.58
C ASN B 87 12.41 -15.21 16.08
N GLU B 88 13.38 -14.60 15.43
CA GLU B 88 13.66 -14.85 14.02
C GLU B 88 14.63 -16.01 13.91
N ASN B 89 14.24 -17.03 13.16
CA ASN B 89 14.99 -18.30 13.08
C ASN B 89 16.16 -18.14 12.12
N VAL B 90 17.33 -18.53 12.61
CA VAL B 90 18.56 -18.42 11.85
C VAL B 90 19.17 -19.81 11.77
N ARG B 91 19.43 -20.24 10.53
CA ARG B 91 19.96 -21.56 10.28
C ARG B 91 21.41 -21.49 9.87
N LEU B 92 22.16 -22.52 10.25
CA LEU B 92 23.58 -22.60 9.93
C LEU B 92 23.83 -23.74 8.95
N PHE B 93 24.88 -23.58 8.15
CA PHE B 93 25.30 -24.59 7.20
C PHE B 93 26.84 -24.74 7.23
N ASN B 94 27.30 -25.97 7.04
CA ASN B 94 28.71 -26.33 7.08
C ASN B 94 29.21 -26.88 5.76
N GLY B 95 30.43 -26.54 5.40
CA GLY B 95 31.14 -27.34 4.42
C GLY B 95 31.78 -28.53 5.11
N ARG B 96 32.49 -29.34 4.33
CA ARG B 96 33.35 -30.38 4.88
C ARG B 96 34.49 -29.66 5.59
N ASP B 97 35.20 -30.35 6.47
CA ASP B 97 36.35 -29.72 7.13
C ASP B 97 37.37 -29.15 6.13
N LYS B 98 37.70 -29.93 5.11
CA LYS B 98 38.60 -29.48 4.03
C LYS B 98 38.11 -28.26 3.23
N ASP B 99 36.80 -27.99 3.25
CA ASP B 99 36.22 -26.88 2.51
C ASP B 99 36.40 -25.52 3.16
N SER B 100 36.56 -25.51 4.49
CA SER B 100 36.75 -24.27 5.27
C SER B 100 35.71 -23.20 4.93
N THR B 101 34.44 -23.61 4.98
CA THR B 101 33.33 -22.79 4.54
C THR B 101 32.13 -23.02 5.47
N ASN B 102 31.48 -21.92 5.86
CA ASN B 102 30.23 -21.96 6.65
C ASN B 102 29.29 -20.88 6.15
N PHE B 103 27.99 -21.11 6.32
CA PHE B 103 26.98 -20.12 5.96
C PHE B 103 26.05 -19.87 7.13
N ILE B 104 25.38 -18.74 7.08
CA ILE B 104 24.30 -18.37 8.00
C ILE B 104 23.15 -17.88 7.14
N LEU B 105 21.92 -18.30 7.47
CA LEU B 105 20.73 -17.87 6.76
C LEU B 105 19.55 -17.54 7.66
N GLY B 106 19.14 -16.28 7.60
CA GLY B 106 17.91 -15.83 8.20
C GLY B 106 16.98 -15.36 7.09
N ASP B 107 15.75 -15.00 7.45
CA ASP B 107 14.82 -14.38 6.50
C ASP B 107 15.35 -13.01 6.09
N GLU B 108 16.12 -12.35 6.96
CA GLU B 108 16.52 -10.96 6.72
C GLU B 108 17.93 -10.81 6.17
N PHE B 109 18.79 -11.81 6.35
CA PHE B 109 20.18 -11.72 5.94
C PHE B 109 20.77 -13.10 5.70
N ALA B 110 21.88 -13.12 4.98
CA ALA B 110 22.65 -14.32 4.76
C ALA B 110 24.14 -13.99 4.81
N VAL B 111 24.95 -14.96 5.23
CA VAL B 111 26.39 -14.81 5.31
C VAL B 111 27.04 -16.06 4.72
N LEU B 112 28.06 -15.84 3.89
CA LEU B 112 29.00 -16.88 3.49
C LEU B 112 30.36 -16.47 4.05
N ARG B 113 30.98 -17.36 4.80
CA ARG B 113 32.32 -17.11 5.30
C ARG B 113 33.23 -18.28 4.96
N PHE B 114 34.37 -17.97 4.36
CA PHE B 114 35.34 -19.01 4.05
C PHE B 114 36.76 -18.51 4.17
N TYR B 115 37.69 -19.46 4.20
CA TYR B 115 39.11 -19.13 4.36
C TYR B 115 39.79 -19.38 3.05
N ARG B 116 40.58 -18.39 2.62
CA ARG B 116 41.44 -18.48 1.45
C ARG B 116 42.84 -18.09 1.88
N ASN B 117 43.81 -18.98 1.70
CA ASN B 117 45.19 -18.71 2.11
C ASN B 117 45.25 -18.15 3.54
N GLY B 118 44.58 -18.86 4.45
CA GLY B 118 44.66 -18.52 5.86
C GLY B 118 43.82 -17.34 6.30
N GLU B 119 43.12 -16.68 5.38
CA GLU B 119 42.37 -15.46 5.69
C GLU B 119 40.86 -15.66 5.66
N SER B 120 40.18 -15.04 6.62
CA SER B 120 38.73 -15.18 6.78
C SER B 120 37.99 -14.13 5.93
N ILE B 121 37.20 -14.60 4.98
CA ILE B 121 36.48 -13.72 4.07
C ILE B 121 34.98 -13.95 4.25
N SER B 122 34.26 -12.87 4.53
CA SER B 122 32.82 -12.90 4.75
C SER B 122 32.09 -12.13 3.65
N TYR B 123 31.06 -12.75 3.06
CA TYR B 123 30.11 -12.08 2.20
C TYR B 123 28.80 -11.93 2.98
N ILE B 124 28.33 -10.70 3.13
CA ILE B 124 27.21 -10.37 3.99
C ILE B 124 26.14 -9.69 3.14
N ALA B 125 24.97 -10.32 3.08
CA ALA B 125 23.87 -9.87 2.22
C ALA B 125 22.57 -9.76 3.01
N TYR B 126 22.01 -8.57 3.06
CA TYR B 126 20.70 -8.35 3.68
C TYR B 126 19.63 -8.30 2.59
N LYS B 127 18.47 -8.85 2.92
CA LYS B 127 17.35 -8.93 1.98
C LYS B 127 16.79 -7.58 1.57
N GLU B 128 16.60 -6.71 2.55
CA GLU B 128 15.95 -5.42 2.31
C GLU B 128 16.98 -4.40 1.85
N ALA B 129 16.62 -3.64 0.81
CA ALA B 129 17.53 -2.69 0.17
C ALA B 129 18.02 -1.61 1.14
N GLN B 130 17.13 -1.08 1.96
CA GLN B 130 17.50 -0.03 2.90
C GLN B 130 18.41 -0.54 4.00
N MET B 131 18.20 -1.77 4.45
CA MET B 131 19.10 -2.34 5.44
C MET B 131 20.45 -2.68 4.81
N MET B 132 20.43 -3.21 3.59
CA MET B 132 21.66 -3.49 2.87
C MET B 132 22.48 -2.22 2.69
N ASN B 133 21.82 -1.13 2.32
CA ASN B 133 22.51 0.15 2.20
C ASN B 133 23.09 0.59 3.56
N GLU B 134 22.31 0.46 4.62
CA GLU B 134 22.76 0.80 5.96
C GLU B 134 23.99 -0.01 6.39
N ILE B 135 23.96 -1.33 6.14
CA ILE B 135 25.06 -2.22 6.48
C ILE B 135 26.30 -1.87 5.66
N ALA B 136 26.10 -1.63 4.36
CA ALA B 136 27.19 -1.25 3.47
C ALA B 136 27.91 0.00 3.97
N GLU B 137 27.13 1.02 4.33
CA GLU B 137 27.66 2.29 4.84
C GLU B 137 28.38 2.08 6.16
N PHE B 138 27.81 1.22 6.99
CA PHE B 138 28.36 0.87 8.30
C PHE B 138 29.75 0.24 8.20
N TYR B 139 29.93 -0.71 7.29
CA TYR B 139 31.23 -1.34 7.13
C TYR B 139 32.22 -0.47 6.35
N ALA B 140 31.71 0.40 5.49
CA ALA B 140 32.55 1.28 4.68
C ALA B 140 33.21 2.38 5.52
N ALA B 141 32.50 2.85 6.54
CA ALA B 141 32.89 4.06 7.28
C ALA B 141 34.32 4.05 7.84
N PRO B 142 34.75 2.92 8.44
CA PRO B 142 36.15 2.85 8.89
C PRO B 142 37.19 3.09 7.77
N PHE B 143 36.87 2.68 6.54
CA PHE B 143 37.82 2.77 5.42
C PHE B 143 37.87 4.16 4.77
N LYS B 144 36.83 4.97 4.98
CA LYS B 144 36.81 6.35 4.51
C LYS B 144 37.85 7.20 5.25
N LYS B 145 38.00 6.91 6.54
CA LYS B 145 38.95 7.59 7.41
C LYS B 145 40.41 7.23 7.08
N THR B 146 40.59 6.06 6.46
CA THR B 146 41.92 5.58 6.08
C THR B 146 42.24 5.92 4.61
N ARG B 147 41.39 5.43 3.71
CA ARG B 147 41.52 5.64 2.26
C ARG B 147 42.88 5.15 1.71
N ALA B 148 43.23 3.89 2.01
CA ALA B 148 44.48 3.30 1.52
C ALA B 148 44.39 2.93 0.03
N ILE B 149 43.20 2.50 -0.39
CA ILE B 149 42.95 2.03 -1.77
C ILE B 149 43.89 0.88 -2.19
N ASN B 150 44.29 0.08 -1.21
CA ASN B 150 44.44 -1.36 -1.38
C ASN B 150 43.18 -1.90 -0.70
N GLU B 151 42.05 -1.30 -1.08
CA GLU B 151 40.82 -1.46 -0.33
C GLU B 151 40.09 -2.71 -0.79
N LYS B 152 39.89 -2.86 -2.10
CA LYS B 152 39.02 -3.92 -2.66
C LYS B 152 39.29 -5.33 -2.15
N GLU B 153 40.56 -5.68 -1.90
CA GLU B 153 40.88 -7.01 -1.38
C GLU B 153 40.45 -7.17 0.09
N ALA B 154 40.37 -6.05 0.81
CA ALA B 154 39.97 -6.00 2.22
C ALA B 154 38.46 -5.75 2.40
N PHE B 155 37.91 -4.86 1.59
CA PHE B 155 36.49 -4.51 1.69
C PHE B 155 35.99 -4.07 0.32
N GLU B 156 34.85 -4.63 -0.08
CA GLU B 156 34.21 -4.27 -1.34
C GLU B 156 32.69 -4.37 -1.25
N CYS B 157 32.01 -3.34 -1.74
CA CYS B 157 30.57 -3.42 -2.01
C CYS B 157 30.35 -4.16 -3.32
N ILE B 158 29.42 -5.12 -3.29
CA ILE B 158 29.13 -5.96 -4.43
C ILE B 158 27.80 -5.53 -5.03
N TYR B 159 27.77 -5.36 -6.35
CA TYR B 159 26.56 -4.89 -7.06
C TYR B 159 26.11 -5.96 -8.07
N ASP B 160 24.84 -5.95 -8.44
CA ASP B 160 24.27 -7.08 -9.20
C ASP B 160 24.67 -7.07 -10.68
N SER B 161 24.60 -8.26 -11.28
CA SER B 161 25.07 -8.56 -12.65
C SER B 161 24.77 -7.44 -13.65
N ARG B 162 25.82 -6.69 -14.01
CA ARG B 162 25.67 -5.56 -14.92
C ARG B 162 24.58 -4.60 -14.40
N THR B 163 23.35 -4.71 -14.94
CA THR B 163 22.22 -3.90 -14.53
C THR B 163 20.99 -4.81 -14.43
N ARG B 164 21.22 -6.06 -14.00
CA ARG B 164 20.16 -7.05 -13.83
C ARG B 164 19.48 -6.80 -12.48
N SER B 165 18.57 -5.82 -12.47
CA SER B 165 18.05 -5.21 -11.25
C SER B 165 19.22 -4.81 -10.32
N ALA B 166 20.10 -3.96 -10.88
CA ALA B 166 21.36 -3.59 -10.23
C ALA B 166 21.77 -2.14 -10.52
N GLY B 167 22.77 -1.68 -9.77
CA GLY B 167 23.38 -0.37 -10.00
C GLY B 167 23.60 0.45 -8.75
N LYS B 168 22.50 0.95 -8.17
CA LYS B 168 22.58 2.03 -7.17
C LYS B 168 22.88 1.48 -5.79
N TYR B 169 22.17 0.42 -5.39
CA TYR B 169 22.36 -0.15 -4.07
C TYR B 169 23.15 -1.48 -4.19
N PRO B 170 24.11 -1.72 -3.28
CA PRO B 170 24.80 -3.00 -3.30
C PRO B 170 23.89 -4.15 -2.91
N VAL B 171 24.24 -5.35 -3.34
CA VAL B 171 23.49 -6.56 -2.98
C VAL B 171 24.20 -7.35 -1.89
N SER B 172 25.49 -7.09 -1.69
CA SER B 172 26.24 -7.64 -0.57
C SER B 172 27.50 -6.82 -0.33
N VAL B 173 28.19 -7.19 0.73
CA VAL B 173 29.45 -6.63 1.14
C VAL B 173 30.45 -7.79 1.30
N LYS B 174 31.67 -7.60 0.80
CA LYS B 174 32.77 -8.55 1.02
C LYS B 174 33.76 -7.91 1.99
N ILE B 175 34.12 -8.64 3.05
CA ILE B 175 35.12 -8.17 4.02
C ILE B 175 36.11 -9.29 4.28
N ASN B 176 37.37 -9.04 3.96
CA ASN B 176 38.46 -9.91 4.36
C ASN B 176 39.01 -9.33 5.66
N VAL B 177 38.64 -9.95 6.78
CA VAL B 177 38.92 -9.33 8.09
C VAL B 177 40.41 -9.27 8.39
N ASP B 178 41.12 -10.29 7.95
CA ASP B 178 42.57 -10.32 8.17
C ASP B 178 43.29 -9.19 7.43
N LYS B 179 42.89 -8.92 6.18
CA LYS B 179 43.41 -7.76 5.43
C LYS B 179 42.91 -6.42 6.01
N ALA B 180 41.66 -6.40 6.46
CA ALA B 180 41.03 -5.23 7.09
C ALA B 180 41.73 -4.81 8.38
N LYS B 181 42.06 -5.80 9.23
CA LYS B 181 42.83 -5.54 10.46
C LYS B 181 44.13 -4.81 10.20
N LYS B 182 44.81 -5.17 9.11
CA LYS B 182 46.07 -4.53 8.71
C LYS B 182 45.88 -3.08 8.25
N ILE B 183 44.87 -2.86 7.39
CA ILE B 183 44.57 -1.54 6.84
C ILE B 183 44.10 -0.57 7.92
N LEU B 184 43.25 -1.05 8.83
CA LEU B 184 42.64 -0.19 9.85
C LEU B 184 43.54 0.11 11.06
N ASN B 185 44.68 -0.59 11.15
CA ASN B 185 45.58 -0.48 12.32
C ASN B 185 44.83 -0.79 13.62
N LEU B 186 44.24 -1.98 13.65
CA LEU B 186 43.49 -2.46 14.81
C LEU B 186 44.51 -2.72 15.92
N PRO B 187 44.19 -2.30 17.18
CA PRO B 187 45.14 -2.55 18.28
C PRO B 187 45.42 -4.04 18.55
N GLU B 188 46.51 -4.32 19.26
CA GLU B 188 46.92 -5.71 19.55
C GLU B 188 45.81 -6.48 20.27
N CYS B 189 45.22 -5.85 21.29
CA CYS B 189 44.16 -6.42 22.13
C CYS B 189 44.60 -7.70 22.85
N ASP B 190 44.92 -7.55 24.13
CA ASP B 190 45.39 -8.67 24.94
C ASP B 190 44.22 -9.27 25.74
N TYR B 191 44.11 -10.60 25.70
CA TYR B 191 43.25 -11.33 26.63
C TYR B 191 44.04 -11.44 27.96
N ILE B 192 44.04 -10.36 28.75
CA ILE B 192 44.66 -10.37 30.07
C ILE B 192 43.58 -10.09 31.11
N ASN B 193 43.29 -11.11 31.93
CA ASN B 193 42.24 -11.05 32.95
C ASN B 193 40.89 -10.82 32.31
N ASP B 194 40.65 -11.56 31.24
CA ASP B 194 39.34 -11.57 30.60
C ASP B 194 38.49 -12.67 31.24
N TYR B 195 38.78 -12.99 32.49
CA TYR B 195 37.93 -13.87 33.28
C TYR B 195 38.02 -13.55 34.75
N ILE B 196 36.95 -13.89 35.46
CA ILE B 196 36.88 -13.82 36.91
C ILE B 196 36.73 -15.23 37.44
N LYS B 197 37.44 -15.55 38.50
CA LYS B 197 37.32 -16.89 39.07
C LYS B 197 36.86 -16.84 40.51
N THR B 198 35.96 -17.76 40.83
CA THR B 198 35.69 -18.16 42.20
C THR B 198 36.77 -19.17 42.53
N PRO B 199 37.03 -19.40 43.82
CA PRO B 199 38.04 -20.39 44.16
C PRO B 199 37.57 -21.80 43.81
N GLN B 200 36.40 -22.18 44.34
CA GLN B 200 35.77 -23.50 44.13
C GLN B 200 36.05 -24.10 42.76
N ARG B 211 24.03 -41.18 31.74
CA ARG B 211 23.78 -42.38 30.95
C ARG B 211 24.90 -42.62 29.90
N ALA B 212 26.16 -42.60 30.35
CA ALA B 212 27.34 -42.63 29.48
C ALA B 212 27.15 -41.58 28.37
N VAL B 213 27.36 -41.97 27.10
CA VAL B 213 26.92 -41.13 25.98
C VAL B 213 25.39 -41.17 25.99
N PRO B 214 24.75 -39.99 26.08
CA PRO B 214 23.31 -39.98 26.31
C PRO B 214 22.48 -40.42 25.10
N SER B 215 21.26 -40.88 25.38
CA SER B 215 20.23 -41.14 24.36
C SER B 215 20.10 -39.96 23.36
N GLU B 216 20.03 -38.75 23.90
CA GLU B 216 19.94 -37.53 23.12
C GLU B 216 21.02 -36.59 23.63
N PRO B 217 21.62 -35.79 22.75
CA PRO B 217 22.46 -34.71 23.25
C PRO B 217 21.62 -33.81 24.16
N LYS B 218 22.24 -33.29 25.22
CA LYS B 218 21.53 -32.37 26.10
C LYS B 218 21.43 -31.02 25.42
N THR B 219 20.25 -30.42 25.43
CA THR B 219 20.08 -29.06 24.91
C THR B 219 20.51 -28.06 25.95
N VAL B 220 21.46 -27.19 25.60
CA VAL B 220 21.91 -26.15 26.51
C VAL B 220 21.62 -24.82 25.84
N TYR B 221 20.86 -23.98 26.52
CA TYR B 221 20.52 -22.68 25.94
C TYR B 221 21.62 -21.68 26.27
N VAL B 222 21.99 -20.91 25.26
CA VAL B 222 22.90 -19.81 25.45
C VAL B 222 22.07 -18.57 25.21
N ILE B 223 21.73 -17.90 26.30
CA ILE B 223 20.79 -16.79 26.29
C ILE B 223 21.60 -15.50 26.18
N CYS B 224 21.55 -14.90 24.99
CA CYS B 224 22.29 -13.71 24.68
C CYS B 224 21.36 -12.52 24.85
N LEU B 225 21.86 -11.50 25.54
CA LEU B 225 21.06 -10.35 25.87
C LEU B 225 21.71 -9.09 25.35
N ARG B 226 20.96 -8.43 24.47
CA ARG B 226 21.32 -7.16 23.91
C ARG B 226 21.32 -6.13 25.03
N GLU B 227 22.50 -5.61 25.34
CA GLU B 227 22.70 -4.61 26.38
C GLU B 227 21.75 -3.44 26.13
N ASN B 228 21.09 -2.98 27.19
CA ASN B 228 20.18 -1.83 27.10
C ASN B 228 20.92 -0.69 26.43
N GLY B 229 20.28 -0.14 25.39
CA GLY B 229 20.83 0.98 24.61
C GLY B 229 21.65 0.58 23.40
N SER B 230 21.96 -0.72 23.27
CA SER B 230 22.87 -1.22 22.25
C SER B 230 22.16 -1.50 20.94
N THR B 231 22.89 -1.32 19.84
CA THR B 231 22.47 -1.78 18.54
C THR B 231 23.50 -2.82 18.07
N VAL B 232 23.03 -4.03 17.81
CA VAL B 232 23.86 -5.10 17.24
C VAL B 232 23.21 -5.61 15.95
N TYR B 233 24.04 -6.00 15.00
CA TYR B 233 23.55 -6.50 13.72
C TYR B 233 23.48 -8.03 13.71
N PRO B 234 22.40 -8.59 13.12
CA PRO B 234 22.21 -10.03 13.18
C PRO B 234 23.30 -10.85 12.51
N ASN B 235 23.92 -10.32 11.45
CA ASN B 235 25.05 -11.06 10.85
C ASN B 235 26.23 -11.19 11.79
N GLU B 236 26.49 -10.15 12.55
CA GLU B 236 27.60 -10.13 13.48
C GLU B 236 27.35 -11.02 14.67
N VAL B 237 26.15 -10.95 15.22
CA VAL B 237 25.82 -11.77 16.37
C VAL B 237 25.85 -13.25 15.99
N SER B 238 25.25 -13.57 14.85
CA SER B 238 25.14 -14.92 14.35
C SER B 238 26.50 -15.57 14.13
N ALA B 239 27.44 -14.80 13.55
CA ALA B 239 28.81 -15.29 13.34
C ALA B 239 29.51 -15.68 14.65
N GLN B 240 29.42 -14.83 15.66
CA GLN B 240 29.98 -15.13 16.98
C GLN B 240 29.38 -16.41 17.56
N MET B 241 28.05 -16.56 17.44
CA MET B 241 27.37 -17.78 17.91
C MET B 241 27.85 -19.04 17.21
N GLN B 242 27.95 -18.95 15.89
CA GLN B 242 28.34 -20.10 15.08
C GLN B 242 29.74 -20.57 15.46
N ASP B 243 30.65 -19.61 15.58
CA ASP B 243 32.06 -19.92 15.92
C ASP B 243 32.16 -20.50 17.32
N ALA B 244 31.37 -19.96 18.24
CA ALA B 244 31.34 -20.47 19.62
C ALA B 244 30.87 -21.91 19.64
N ALA B 245 29.74 -22.21 18.97
CA ALA B 245 29.19 -23.57 18.95
C ALA B 245 30.19 -24.55 18.31
N ASN B 246 30.75 -24.15 17.17
CA ASN B 246 31.65 -25.04 16.43
C ASN B 246 32.96 -25.31 17.16
N SER B 247 33.39 -24.36 17.97
CA SER B 247 34.57 -24.55 18.84
C SER B 247 34.33 -25.69 19.85
N VAL B 248 33.09 -25.84 20.30
CA VAL B 248 32.74 -26.90 21.25
C VAL B 248 32.58 -28.26 20.55
N TYR B 249 31.83 -28.31 19.44
CA TYR B 249 31.61 -29.58 18.76
C TYR B 249 32.89 -30.22 18.22
N ALA B 250 33.88 -29.38 17.89
CA ALA B 250 35.17 -29.84 17.39
C ALA B 250 35.94 -30.66 18.40
N VAL B 251 35.52 -30.59 19.67
CA VAL B 251 36.22 -31.22 20.77
C VAL B 251 35.54 -32.53 21.17
N HIS B 252 36.32 -33.62 21.15
CA HIS B 252 35.91 -34.92 21.70
C HIS B 252 34.49 -35.36 21.28
N GLY B 253 34.11 -35.09 20.03
CA GLY B 253 32.80 -35.51 19.50
C GLY B 253 31.64 -35.06 20.36
N LEU B 254 31.74 -33.83 20.84
CA LEU B 254 30.79 -33.33 21.85
C LEU B 254 29.36 -33.12 21.34
N LYS B 255 29.13 -33.21 20.03
CA LYS B 255 27.75 -33.14 19.54
C LYS B 255 26.92 -34.32 20.07
N ARG B 256 27.58 -35.40 20.49
CA ARG B 256 26.88 -36.51 21.12
C ARG B 256 26.30 -36.09 22.48
N TYR B 257 26.91 -35.10 23.12
CA TYR B 257 26.59 -34.75 24.50
C TYR B 257 25.78 -33.48 24.63
N VAL B 258 26.00 -32.54 23.72
CA VAL B 258 25.32 -31.24 23.76
C VAL B 258 24.91 -30.75 22.37
N ASN B 259 23.83 -30.00 22.36
CA ASN B 259 23.37 -29.24 21.21
C ASN B 259 23.05 -27.84 21.77
N LEU B 260 23.70 -26.80 21.23
CA LEU B 260 23.57 -25.46 21.75
C LEU B 260 22.42 -24.74 21.08
N HIS B 261 21.61 -24.03 21.87
CA HIS B 261 20.46 -23.31 21.34
C HIS B 261 20.62 -21.87 21.77
N PHE B 262 20.92 -21.00 20.82
CA PHE B 262 21.18 -19.60 21.12
C PHE B 262 19.88 -18.85 20.93
N VAL B 263 19.58 -17.94 21.84
CA VAL B 263 18.48 -17.00 21.70
C VAL B 263 18.99 -15.63 22.07
N LEU B 264 18.44 -14.61 21.41
CA LEU B 264 18.80 -13.23 21.63
C LEU B 264 17.55 -12.41 21.88
N TYR B 265 17.58 -11.62 22.93
CA TYR B 265 16.61 -10.54 23.10
C TYR B 265 17.22 -9.44 23.95
N THR B 266 16.47 -8.38 24.22
CA THR B 266 17.00 -7.20 24.90
C THR B 266 16.82 -7.30 26.41
N THR B 267 17.83 -6.85 27.17
CA THR B 267 17.72 -6.74 28.62
C THR B 267 17.66 -5.27 29.02
N GLU B 268 17.18 -5.01 30.23
CA GLU B 268 17.19 -3.66 30.80
C GLU B 268 18.56 -3.27 31.32
N TYR B 269 19.38 -4.27 31.60
CA TYR B 269 20.69 -4.05 32.18
C TYR B 269 21.65 -3.41 31.17
N ALA B 270 22.38 -2.40 31.65
CA ALA B 270 23.52 -1.83 30.94
C ALA B 270 24.69 -1.75 31.91
N CYS B 271 25.90 -1.92 31.41
CA CYS B 271 27.11 -1.81 32.23
C CYS B 271 27.23 -0.36 32.74
N PRO B 272 27.46 -0.18 34.05
CA PRO B 272 27.49 1.18 34.59
C PRO B 272 28.79 1.96 34.28
N SER B 273 29.82 1.27 33.79
CA SER B 273 31.08 1.91 33.42
C SER B 273 31.77 1.08 32.33
N GLY B 274 32.98 1.47 31.95
CA GLY B 274 33.77 0.70 30.99
C GLY B 274 34.46 -0.52 31.60
N ASN B 275 34.34 -0.67 32.92
CA ASN B 275 34.98 -1.78 33.65
C ASN B 275 34.26 -3.11 33.37
N ALA B 276 34.99 -4.02 32.72
CA ALA B 276 34.44 -5.33 32.36
C ALA B 276 34.05 -6.15 33.60
N ASP B 277 34.93 -6.11 34.60
CA ASP B 277 34.75 -6.87 35.85
C ASP B 277 33.48 -6.46 36.59
N GLU B 278 33.25 -5.16 36.65
CA GLU B 278 32.06 -4.57 37.26
C GLU B 278 30.82 -4.86 36.45
N GLY B 279 30.94 -4.70 35.13
CA GLY B 279 29.86 -5.01 34.20
C GLY B 279 29.35 -6.43 34.37
N LEU B 280 30.27 -7.40 34.40
CA LEU B 280 29.87 -8.80 34.55
C LEU B 280 29.21 -9.05 35.91
N ASP B 281 29.83 -8.53 36.98
CA ASP B 281 29.29 -8.73 38.32
C ASP B 281 27.84 -8.24 38.39
N GLY B 282 27.59 -7.04 37.84
CA GLY B 282 26.23 -6.49 37.78
C GLY B 282 25.30 -7.23 36.84
N PHE B 283 25.84 -7.70 35.72
CA PHE B 283 25.05 -8.49 34.77
C PHE B 283 24.54 -9.75 35.47
N THR B 284 25.46 -10.51 36.06
CA THR B 284 25.12 -11.74 36.77
C THR B 284 24.08 -11.45 37.85
N ALA B 285 24.27 -10.36 38.59
CA ALA B 285 23.29 -9.91 39.59
C ALA B 285 21.92 -9.54 38.99
N SER B 286 21.90 -8.90 37.82
CA SER B 286 20.64 -8.56 37.13
C SER B 286 19.82 -9.80 36.72
N LEU B 287 20.53 -10.88 36.38
CA LEU B 287 19.86 -12.14 36.06
C LEU B 287 19.14 -12.68 37.31
N LYS B 288 19.84 -12.68 38.43
CA LYS B 288 19.29 -13.19 39.69
C LYS B 288 18.12 -12.34 40.19
N ALA B 289 18.21 -11.03 39.98
CA ALA B 289 17.20 -10.10 40.51
C ALA B 289 15.91 -10.07 39.68
N ASN B 290 15.85 -10.86 38.61
CA ASN B 290 14.68 -10.87 37.74
C ASN B 290 13.82 -12.14 37.92
N PRO B 291 12.58 -11.99 38.43
CA PRO B 291 11.64 -13.11 38.60
C PRO B 291 11.38 -13.90 37.32
N LYS B 292 11.39 -13.21 36.17
CA LYS B 292 11.19 -13.84 34.87
C LYS B 292 12.18 -14.99 34.62
N ALA B 293 13.44 -14.77 35.01
CA ALA B 293 14.52 -15.73 34.75
C ALA B 293 14.51 -16.90 35.73
N GLU B 294 13.65 -16.81 36.76
CA GLU B 294 13.52 -17.89 37.75
C GLU B 294 13.24 -19.21 37.02
N GLY B 295 14.00 -20.25 37.37
CA GLY B 295 13.92 -21.54 36.67
C GLY B 295 14.91 -21.74 35.54
N TYR B 296 15.65 -20.70 35.18
CA TYR B 296 16.62 -20.77 34.08
C TYR B 296 18.04 -20.45 34.53
N ASP B 297 18.30 -20.64 35.82
CA ASP B 297 19.61 -20.34 36.40
C ASP B 297 20.71 -21.32 36.00
N ASP B 298 20.33 -22.43 35.38
CA ASP B 298 21.26 -23.46 34.93
C ASP B 298 21.63 -23.37 33.43
N GLN B 299 21.30 -22.26 32.78
CA GLN B 299 21.68 -22.06 31.39
C GLN B 299 22.93 -21.17 31.31
N ILE B 300 23.35 -20.83 30.10
CA ILE B 300 24.53 -19.99 29.85
C ILE B 300 24.05 -18.65 29.36
N TYR B 301 24.64 -17.56 29.87
CA TYR B 301 24.21 -16.21 29.55
C TYR B 301 25.34 -15.35 29.05
N PHE B 302 25.08 -14.59 27.99
CA PHE B 302 26.00 -13.56 27.58
C PHE B 302 25.30 -12.23 27.42
N LEU B 303 25.93 -11.19 27.97
CA LEU B 303 25.57 -9.82 27.61
C LEU B 303 26.37 -9.44 26.38
N ILE B 304 25.69 -9.02 25.32
CA ILE B 304 26.41 -8.67 24.11
C ILE B 304 26.25 -7.20 23.74
N ARG B 305 27.28 -6.68 23.08
CA ARG B 305 27.28 -5.32 22.57
C ARG B 305 28.15 -5.30 21.34
N TRP B 306 28.09 -4.20 20.60
CA TRP B 306 28.98 -4.02 19.48
C TRP B 306 30.39 -3.71 19.99
N GLY B 307 30.49 -2.82 20.99
CA GLY B 307 31.77 -2.32 21.46
C GLY B 307 32.54 -3.25 22.39
N THR B 308 33.55 -2.66 23.05
CA THR B 308 34.45 -3.37 23.95
C THR B 308 34.54 -2.62 25.29
N TRP B 309 35.31 -3.16 26.23
CA TRP B 309 35.39 -2.59 27.58
C TRP B 309 36.77 -2.00 27.83
N ASP B 310 36.93 -1.34 28.98
CA ASP B 310 38.21 -0.74 29.38
C ASP B 310 39.37 -1.73 29.35
N ASN B 311 40.58 -1.21 29.15
CA ASN B 311 41.79 -2.02 29.04
C ASN B 311 41.71 -2.94 27.79
N ASN B 312 40.98 -2.46 26.78
CA ASN B 312 40.74 -3.19 25.52
C ASN B 312 40.32 -4.65 25.69
N ILE B 313 39.45 -4.84 26.67
CA ILE B 313 38.87 -6.13 26.96
C ILE B 313 37.75 -6.35 25.94
N LEU B 314 37.83 -7.47 25.22
CA LEU B 314 36.83 -7.81 24.18
C LEU B 314 35.66 -8.60 24.77
N GLY B 315 35.89 -9.21 25.92
CA GLY B 315 34.87 -10.00 26.60
C GLY B 315 35.40 -10.45 27.95
N ILE B 316 34.52 -11.05 28.74
CA ILE B 316 34.83 -11.49 30.08
C ILE B 316 33.82 -12.57 30.49
N SER B 317 34.25 -13.49 31.36
CA SER B 317 33.37 -14.53 31.87
C SER B 317 33.83 -15.09 33.22
N TRP B 318 32.90 -15.80 33.87
CA TRP B 318 33.20 -16.55 35.07
C TRP B 318 33.87 -17.84 34.61
N LEU B 319 35.08 -18.06 35.11
CA LEU B 319 35.89 -19.21 34.70
C LEU B 319 35.37 -20.49 35.30
N ASN B 320 35.19 -21.50 34.47
CA ASN B 320 34.81 -22.84 34.90
C ASN B 320 33.51 -22.81 35.71
N SER B 321 32.51 -22.18 35.12
CA SER B 321 31.22 -21.90 35.76
C SER B 321 30.06 -22.76 35.23
N TYR B 322 30.27 -23.50 34.15
CA TYR B 322 29.22 -24.39 33.64
C TYR B 322 29.62 -25.87 33.69
N ASN B 323 28.72 -26.70 34.23
CA ASN B 323 28.85 -28.16 34.20
C ASN B 323 27.43 -28.70 34.08
N VAL B 324 27.21 -29.69 33.22
CA VAL B 324 25.86 -30.20 32.95
C VAL B 324 25.17 -30.83 34.15
N ASN B 325 25.94 -31.30 35.14
CA ASN B 325 25.35 -31.84 36.36
C ASN B 325 25.02 -30.78 37.41
N THR B 326 25.85 -29.74 37.53
CA THR B 326 25.78 -28.82 38.68
C THR B 326 25.44 -27.35 38.36
N ALA B 327 25.15 -27.05 37.10
CA ALA B 327 24.88 -25.68 36.65
C ALA B 327 23.74 -25.07 37.44
N SER B 328 23.96 -23.85 37.91
CA SER B 328 23.03 -23.19 38.84
C SER B 328 23.39 -21.73 39.03
N ASP B 329 22.42 -20.97 39.53
CA ASP B 329 22.64 -19.62 40.06
C ASP B 329 23.24 -18.62 39.05
N PHE B 330 22.99 -18.84 37.77
CA PHE B 330 23.46 -17.95 36.71
C PHE B 330 24.98 -17.78 36.71
N LYS B 331 25.68 -18.76 37.28
CA LYS B 331 27.13 -18.72 37.37
C LYS B 331 27.78 -18.69 36.01
N ALA B 332 27.19 -19.42 35.06
CA ALA B 332 27.71 -19.56 33.72
C ALA B 332 27.32 -18.34 32.88
N SER B 333 27.92 -17.20 33.23
CA SER B 333 27.66 -15.97 32.54
C SER B 333 28.93 -15.27 32.10
N GLY B 334 28.78 -14.49 31.04
CA GLY B 334 29.84 -13.63 30.54
C GLY B 334 29.33 -12.48 29.69
N MET B 335 30.28 -11.80 29.04
CA MET B 335 30.00 -10.68 28.18
C MET B 335 30.90 -10.80 26.95
N SER B 336 30.39 -10.40 25.79
CA SER B 336 31.15 -10.46 24.56
C SER B 336 30.83 -9.31 23.62
N THR B 337 31.88 -8.74 23.02
CA THR B 337 31.70 -7.92 21.83
C THR B 337 31.15 -8.81 20.71
N THR B 338 30.51 -8.20 19.73
CA THR B 338 30.04 -8.92 18.56
C THR B 338 30.58 -8.33 17.24
N GLN B 339 31.51 -7.39 17.33
CA GLN B 339 32.16 -6.80 16.15
C GLN B 339 32.66 -7.82 15.17
N LEU B 340 32.40 -7.60 13.88
CA LEU B 340 32.84 -8.54 12.85
C LEU B 340 34.36 -8.74 12.88
N MET B 341 35.09 -7.68 13.21
CA MET B 341 36.55 -7.68 13.13
C MET B 341 37.24 -8.44 14.27
N TYR B 342 36.46 -8.91 15.23
CA TYR B 342 36.99 -9.75 16.30
C TYR B 342 36.24 -11.08 16.36
N PRO B 343 36.39 -11.92 15.33
CA PRO B 343 35.73 -13.23 15.39
C PRO B 343 36.28 -14.11 16.52
N GLY B 344 35.38 -14.86 17.14
CA GLY B 344 35.76 -15.89 18.08
C GLY B 344 35.88 -15.42 19.51
N VAL B 345 35.45 -14.19 19.79
CA VAL B 345 35.46 -13.69 21.16
C VAL B 345 34.45 -14.46 21.99
N MET B 346 33.23 -14.64 21.51
CA MET B 346 32.23 -15.41 22.26
C MET B 346 32.72 -16.86 22.45
N ALA B 347 33.36 -17.41 21.41
CA ALA B 347 33.98 -18.74 21.48
C ALA B 347 35.00 -18.83 22.62
N HIS B 348 35.89 -17.85 22.69
CA HIS B 348 36.95 -17.78 23.69
C HIS B 348 36.34 -17.71 25.09
N GLU B 349 35.34 -16.85 25.26
CA GLU B 349 34.67 -16.68 26.57
C GLU B 349 33.84 -17.89 26.95
N LEU B 350 33.19 -18.51 25.97
CA LEU B 350 32.48 -19.76 26.20
C LEU B 350 33.48 -20.84 26.66
N GLY B 351 34.70 -20.78 26.12
CA GLY B 351 35.76 -21.69 26.50
C GLY B 351 36.09 -21.55 27.98
N HIS B 352 36.27 -20.32 28.45
CA HIS B 352 36.50 -20.05 29.87
C HIS B 352 35.34 -20.56 30.72
N ILE B 353 34.12 -20.27 30.29
CA ILE B 353 32.93 -20.73 31.01
C ILE B 353 32.91 -22.24 31.19
N LEU B 354 33.33 -22.95 30.13
CA LEU B 354 33.44 -24.41 30.16
C LEU B 354 34.71 -24.97 30.84
N GLY B 355 35.58 -24.08 31.33
CA GLY B 355 36.69 -24.44 32.19
C GLY B 355 38.06 -24.30 31.55
N ALA B 356 38.11 -23.88 30.29
CA ALA B 356 39.38 -23.74 29.59
C ALA B 356 40.17 -22.56 30.15
N ASN B 357 41.48 -22.76 30.30
CA ASN B 357 42.41 -21.70 30.72
C ASN B 357 43.14 -21.19 29.49
N HIS B 358 43.92 -20.13 29.63
CA HIS B 358 44.75 -19.70 28.50
C HIS B 358 45.79 -20.76 28.14
N ALA B 359 46.02 -20.90 26.83
CA ALA B 359 46.87 -21.95 26.26
C ALA B 359 48.17 -21.34 25.74
N ASP B 360 49.20 -22.18 25.63
CA ASP B 360 50.55 -21.74 25.26
C ASP B 360 50.74 -21.61 23.74
N ASP B 361 49.96 -22.36 22.97
CA ASP B 361 50.08 -22.36 21.50
C ASP B 361 49.48 -21.05 20.96
N PRO B 362 50.28 -20.24 20.23
CA PRO B 362 49.78 -18.98 19.65
C PRO B 362 48.66 -19.11 18.60
N LYS B 363 48.41 -20.34 18.15
CA LYS B 363 47.33 -20.62 17.19
C LYS B 363 46.08 -21.20 17.89
N ASP B 364 46.11 -21.27 19.22
CA ASP B 364 44.99 -21.78 20.02
C ASP B 364 43.95 -20.67 20.20
N LEU B 365 42.66 -21.03 20.11
CA LEU B 365 41.55 -20.13 20.47
C LEU B 365 41.81 -19.45 21.82
N MET B 366 42.31 -20.23 22.77
CA MET B 366 42.50 -19.79 24.16
C MET B 366 43.89 -19.24 24.45
N TYR B 367 44.65 -18.89 23.42
CA TYR B 367 45.90 -18.14 23.62
C TYR B 367 45.53 -16.80 24.28
N SER B 368 46.45 -16.28 25.09
CA SER B 368 46.18 -15.08 25.90
C SER B 368 46.30 -13.76 25.14
N LYS B 369 46.56 -13.81 23.84
CA LYS B 369 46.43 -12.64 22.98
C LYS B 369 45.41 -13.00 21.94
N TYR B 370 44.57 -12.02 21.58
CA TYR B 370 43.58 -12.23 20.56
C TYR B 370 44.27 -12.48 19.22
N THR B 371 43.90 -13.59 18.56
CA THR B 371 44.54 -14.00 17.30
C THR B 371 43.58 -14.17 16.13
N GLY B 372 42.34 -14.57 16.39
CA GLY B 372 41.40 -14.90 15.33
C GLY B 372 41.36 -16.39 15.03
N TYR B 373 42.19 -17.18 15.71
CA TYR B 373 42.04 -18.63 15.60
C TYR B 373 40.79 -19.05 16.39
N LEU B 374 40.11 -20.11 15.93
CA LEU B 374 38.77 -20.43 16.43
C LEU B 374 38.60 -21.81 17.04
N PHE B 375 39.69 -22.55 17.24
CA PHE B 375 39.60 -23.90 17.81
C PHE B 375 40.55 -24.13 18.95
N HIS B 376 40.08 -24.93 19.90
CA HIS B 376 40.89 -25.39 21.02
C HIS B 376 41.93 -26.37 20.50
N LEU B 377 43.17 -26.13 20.89
CA LEU B 377 44.29 -26.98 20.55
C LEU B 377 44.86 -27.68 21.79
N SER B 378 44.70 -27.07 22.96
CA SER B 378 45.21 -27.61 24.21
C SER B 378 44.46 -28.86 24.64
N GLU B 379 45.17 -30.00 24.73
CA GLU B 379 44.55 -31.25 25.16
C GLU B 379 44.01 -31.17 26.59
N LYS B 380 44.72 -30.45 27.46
CA LYS B 380 44.26 -30.21 28.83
C LYS B 380 42.90 -29.50 28.86
N ASN B 381 42.77 -28.42 28.09
CA ASN B 381 41.49 -27.71 27.95
C ASN B 381 40.39 -28.56 27.36
N MET B 382 40.71 -29.32 26.31
CA MET B 382 39.69 -30.13 25.64
C MET B 382 39.12 -31.13 26.63
N ASP B 383 40.00 -31.76 27.42
CA ASP B 383 39.57 -32.69 28.46
C ASP B 383 38.67 -32.00 29.51
N ILE B 384 39.02 -30.78 29.90
CA ILE B 384 38.27 -30.06 30.94
C ILE B 384 36.86 -29.74 30.43
N ILE B 385 36.81 -29.21 29.20
CA ILE B 385 35.55 -28.80 28.56
C ILE B 385 34.62 -29.99 28.35
N ALA B 386 35.18 -31.08 27.83
CA ALA B 386 34.36 -32.25 27.51
C ALA B 386 33.79 -32.89 28.76
N LYS B 387 34.63 -33.01 29.80
CA LYS B 387 34.19 -33.59 31.08
C LYS B 387 33.07 -32.77 31.72
N ASN B 388 33.16 -31.44 31.61
CA ASN B 388 32.10 -30.56 32.09
C ASN B 388 30.81 -30.74 31.29
N LEU B 389 30.91 -31.36 30.12
CA LEU B 389 29.74 -31.60 29.26
C LEU B 389 29.27 -33.06 29.27
N GLY B 390 29.88 -33.90 30.12
CA GLY B 390 29.40 -35.26 30.38
C GLY B 390 30.22 -36.37 29.74
N TRP B 391 31.29 -35.99 29.06
CA TRP B 391 32.17 -36.96 28.37
C TRP B 391 33.17 -37.59 29.33
N GLU B 392 33.52 -38.85 29.04
CA GLU B 392 34.62 -39.54 29.71
C GLU B 392 35.39 -40.35 28.67
N ILE B 393 36.65 -40.66 28.99
CA ILE B 393 37.57 -41.22 28.02
C ILE B 393 37.10 -42.56 27.41
N ALA B 394 36.43 -43.39 28.21
CA ALA B 394 35.88 -44.67 27.75
C ALA B 394 34.84 -44.54 26.61
N ASP B 395 34.25 -43.36 26.46
CA ASP B 395 33.28 -43.08 25.39
C ASP B 395 33.94 -42.78 24.04
N GLY B 396 35.21 -42.38 24.07
CA GLY B 396 35.96 -42.08 22.85
C GLY B 396 35.56 -40.75 22.24
N ASP B 397 36.06 -40.48 21.04
CA ASP B 397 35.71 -39.28 20.30
C ASP B 397 34.65 -39.56 19.24
N PRO C 33 7.92 6.64 3.26
CA PRO C 33 6.57 7.00 3.71
C PRO C 33 5.64 5.79 3.85
N VAL C 34 4.36 6.00 3.57
CA VAL C 34 3.36 4.93 3.52
C VAL C 34 2.39 5.26 2.37
N THR C 35 2.29 4.37 1.39
CA THR C 35 1.50 4.67 0.20
C THR C 35 0.00 4.75 0.54
N ALA C 36 -0.66 5.73 -0.06
CA ALA C 36 -2.11 5.94 0.04
C ALA C 36 -2.89 4.75 -0.49
N SER C 37 -4.04 4.47 0.12
CA SER C 37 -4.81 3.28 -0.23
C SER C 37 -6.30 3.51 -0.11
N ILE C 38 -7.06 2.78 -0.93
CA ILE C 38 -8.50 2.78 -0.89
C ILE C 38 -8.97 1.36 -0.54
N ASP C 39 -9.69 1.25 0.57
CA ASP C 39 -10.22 -0.05 1.06
C ASP C 39 -11.60 -0.23 0.45
N LEU C 40 -11.72 -1.12 -0.53
CA LEU C 40 -12.96 -1.31 -1.25
C LEU C 40 -14.03 -2.05 -0.43
N GLN C 41 -13.69 -2.52 0.77
CA GLN C 41 -14.68 -3.06 1.68
C GLN C 41 -15.47 -1.97 2.43
N SER C 42 -15.02 -0.72 2.35
CA SER C 42 -15.66 0.39 3.09
C SER C 42 -15.63 1.73 2.36
N VAL C 43 -15.26 1.71 1.10
CA VAL C 43 -15.04 2.95 0.32
C VAL C 43 -16.28 3.84 0.25
N SER C 44 -16.05 5.10 0.58
CA SER C 44 -17.09 6.11 0.67
C SER C 44 -16.74 7.28 -0.24
N TYR C 45 -17.67 8.22 -0.34
CA TYR C 45 -17.42 9.40 -1.14
C TYR C 45 -16.20 10.16 -0.57
N THR C 46 -16.17 10.35 0.74
CA THR C 46 -15.11 11.10 1.38
C THR C 46 -13.76 10.39 1.21
N ASP C 47 -13.74 9.06 1.22
CA ASP C 47 -12.52 8.33 0.93
C ASP C 47 -12.00 8.69 -0.47
N LEU C 48 -12.87 8.63 -1.47
CA LEU C 48 -12.42 8.88 -2.82
C LEU C 48 -12.08 10.36 -3.04
N ALA C 49 -12.87 11.26 -2.48
CA ALA C 49 -12.65 12.69 -2.64
C ALA C 49 -11.30 13.08 -2.03
N THR C 50 -11.03 12.63 -0.81
CA THR C 50 -9.81 13.03 -0.11
C THR C 50 -8.56 12.49 -0.85
N GLN C 51 -8.63 11.27 -1.39
CA GLN C 51 -7.51 10.70 -2.15
C GLN C 51 -7.31 11.41 -3.49
N LEU C 52 -8.38 11.60 -4.25
CA LEU C 52 -8.27 12.18 -5.59
C LEU C 52 -7.97 13.66 -5.54
N ASN C 53 -8.45 14.35 -4.50
CA ASN C 53 -8.09 15.74 -4.33
C ASN C 53 -6.62 16.00 -3.98
N ASP C 54 -5.90 14.97 -3.53
CA ASP C 54 -4.49 15.07 -3.23
C ASP C 54 -3.61 14.76 -4.45
N VAL C 55 -4.20 14.39 -5.58
CA VAL C 55 -3.43 14.11 -6.79
C VAL C 55 -2.96 15.41 -7.41
N SER C 56 -1.64 15.60 -7.46
CA SER C 56 -1.05 16.80 -8.03
C SER C 56 -0.87 16.63 -9.54
N ASP C 57 -0.34 17.66 -10.19
CA ASP C 57 -0.04 17.60 -11.62
C ASP C 57 1.00 16.56 -11.99
N PHE C 58 1.74 16.06 -11.01
CA PHE C 58 2.78 15.05 -11.21
C PHE C 58 2.31 13.63 -10.88
N GLY C 59 1.06 13.50 -10.46
CA GLY C 59 0.48 12.20 -10.18
C GLY C 59 0.74 11.65 -8.79
N LYS C 60 0.05 10.56 -8.46
CA LYS C 60 0.07 9.99 -7.11
CA LYS C 60 0.03 10.00 -7.10
C LYS C 60 -0.15 8.49 -7.22
N MET C 61 0.67 7.72 -6.50
CA MET C 61 0.44 6.27 -6.39
C MET C 61 -0.68 6.05 -5.36
N ILE C 62 -1.67 5.25 -5.74
CA ILE C 62 -2.77 4.85 -4.83
C ILE C 62 -2.93 3.32 -4.94
N ILE C 63 -3.03 2.66 -3.79
CA ILE C 63 -3.26 1.22 -3.74
C ILE C 63 -4.74 0.93 -3.56
N LEU C 64 -5.32 0.22 -4.51
CA LEU C 64 -6.68 -0.30 -4.38
C LEU C 64 -6.57 -1.63 -3.65
N LYS C 65 -7.36 -1.80 -2.58
CA LYS C 65 -7.35 -3.04 -1.81
C LYS C 65 -8.74 -3.61 -1.59
N ASP C 66 -8.86 -4.91 -1.72
CA ASP C 66 -10.07 -5.62 -1.30
C ASP C 66 -9.64 -6.98 -0.78
N ASN C 67 -10.59 -7.74 -0.26
CA ASN C 67 -10.31 -9.13 0.09
C ASN C 67 -9.67 -9.79 -1.11
N GLY C 68 -8.47 -10.33 -0.94
CA GLY C 68 -7.83 -11.07 -2.01
C GLY C 68 -7.34 -10.26 -3.20
N PHE C 69 -7.27 -8.94 -3.05
CA PHE C 69 -6.97 -8.06 -4.18
C PHE C 69 -6.17 -6.84 -3.78
N ASN C 70 -5.21 -6.52 -4.64
CA ASN C 70 -4.50 -5.27 -4.53
C ASN C 70 -4.07 -4.82 -5.93
N ARG C 71 -4.01 -3.51 -6.12
CA ARG C 71 -3.46 -2.94 -7.34
C ARG C 71 -2.85 -1.58 -7.02
N GLN C 72 -1.60 -1.39 -7.39
CA GLN C 72 -0.96 -0.08 -7.27
C GLN C 72 -1.20 0.68 -8.58
N VAL C 73 -1.92 1.79 -8.49
CA VAL C 73 -2.27 2.58 -9.65
C VAL C 73 -1.56 3.92 -9.53
N HIS C 74 -0.98 4.40 -10.64
CA HIS C 74 -0.44 5.74 -10.67
C HIS C 74 -1.51 6.60 -11.32
N VAL C 75 -2.12 7.43 -10.48
CA VAL C 75 -3.27 8.21 -10.85
C VAL C 75 -2.83 9.61 -11.27
N SER C 76 -3.38 10.07 -12.39
CA SER C 76 -3.15 11.43 -12.86
C SER C 76 -4.48 12.14 -13.13
N MET C 77 -4.50 13.46 -12.95
CA MET C 77 -5.62 14.31 -13.36
C MET C 77 -5.76 14.29 -14.87
N ASP C 78 -6.98 14.15 -15.38
CA ASP C 78 -7.22 14.24 -16.80
C ASP C 78 -7.37 15.71 -17.15
N LYS C 79 -6.36 16.26 -17.81
CA LYS C 79 -6.31 17.69 -18.16
C LYS C 79 -6.97 17.99 -19.52
N ARG C 80 -7.46 16.95 -20.19
CA ARG C 80 -7.88 17.07 -21.60
C ARG C 80 -9.38 17.38 -21.69
N THR C 81 -10.12 16.91 -20.69
CA THR C 81 -11.59 16.90 -20.73
C THR C 81 -12.13 17.74 -19.60
N LYS C 82 -13.11 18.59 -19.91
CA LYS C 82 -13.88 19.30 -18.91
C LYS C 82 -15.33 18.80 -18.97
N ILE C 83 -15.99 18.78 -17.82
CA ILE C 83 -17.39 18.40 -17.70
C ILE C 83 -18.08 19.29 -16.66
N GLN C 84 -19.20 19.89 -17.03
CA GLN C 84 -20.17 20.36 -16.06
C GLN C 84 -21.49 19.66 -16.27
N LEU C 85 -22.12 19.29 -15.15
CA LEU C 85 -23.48 18.78 -15.16
C LEU C 85 -24.35 19.77 -14.43
N ASP C 86 -25.23 20.48 -15.16
CA ASP C 86 -26.03 21.57 -14.60
C ASP C 86 -25.14 22.53 -13.79
N ASN C 87 -24.00 22.92 -14.41
CA ASN C 87 -22.97 23.79 -13.85
C ASN C 87 -22.14 23.22 -12.70
N GLU C 88 -22.34 21.94 -12.38
CA GLU C 88 -21.54 21.26 -11.34
C GLU C 88 -20.29 20.68 -11.99
N ASN C 89 -19.12 21.05 -11.48
CA ASN C 89 -17.87 20.66 -12.16
C ASN C 89 -17.49 19.24 -11.81
N VAL C 90 -17.17 18.45 -12.84
CA VAL C 90 -16.80 17.04 -12.67
C VAL C 90 -15.41 16.81 -13.25
N ARG C 91 -14.52 16.24 -12.42
CA ARG C 91 -13.15 16.02 -12.81
C ARG C 91 -12.91 14.54 -13.06
N LEU C 92 -12.08 14.26 -14.06
CA LEU C 92 -11.70 12.89 -14.38
C LEU C 92 -10.25 12.64 -14.02
N PHE C 93 -9.96 11.38 -13.70
CA PHE C 93 -8.62 10.91 -13.38
C PHE C 93 -8.39 9.57 -14.02
N ASN C 94 -7.14 9.34 -14.40
CA ASN C 94 -6.73 8.17 -15.17
C ASN C 94 -5.63 7.43 -14.43
N GLY C 95 -5.63 6.10 -14.53
CA GLY C 95 -4.45 5.32 -14.23
C GLY C 95 -3.56 5.27 -15.48
N ARG C 96 -2.42 4.61 -15.35
CA ARG C 96 -1.61 4.27 -16.50
C ARG C 96 -2.45 3.30 -17.33
N ASP C 97 -2.16 3.19 -18.61
CA ASP C 97 -2.79 2.16 -19.44
C ASP C 97 -2.77 0.77 -18.76
N LYS C 98 -1.62 0.34 -18.26
CA LYS C 98 -1.51 -0.97 -17.59
C LYS C 98 -2.34 -1.11 -16.29
N ASP C 99 -2.74 0.01 -15.69
CA ASP C 99 -3.54 0.00 -14.45
C ASP C 99 -5.02 -0.29 -14.67
N SER C 100 -5.51 -0.10 -15.90
CA SER C 100 -6.93 -0.25 -16.27
C SER C 100 -7.87 0.30 -15.22
N THR C 101 -7.65 1.57 -14.84
CA THR C 101 -8.39 2.20 -13.79
C THR C 101 -8.64 3.65 -14.18
N ASN C 102 -9.85 4.11 -13.94
CA ASN C 102 -10.08 5.53 -13.91
C ASN C 102 -11.16 5.96 -12.93
N PHE C 103 -11.24 7.26 -12.71
CA PHE C 103 -12.10 7.79 -11.66
C PHE C 103 -12.87 8.98 -12.20
N ILE C 104 -13.96 9.29 -11.52
CA ILE C 104 -14.78 10.46 -11.73
C ILE C 104 -15.02 11.12 -10.36
N LEU C 105 -14.88 12.44 -10.29
CA LEU C 105 -15.12 13.18 -9.05
C LEU C 105 -15.88 14.47 -9.24
N GLY C 106 -17.05 14.50 -8.64
CA GLY C 106 -17.81 15.72 -8.47
C GLY C 106 -17.97 16.02 -7.00
N ASP C 107 -18.56 17.17 -6.69
CA ASP C 107 -18.89 17.50 -5.31
C ASP C 107 -19.91 16.53 -4.74
N GLU C 108 -20.76 15.96 -5.61
CA GLU C 108 -21.90 15.17 -5.15
C GLU C 108 -21.70 13.67 -5.21
N PHE C 109 -20.70 13.22 -5.96
CA PHE C 109 -20.50 11.80 -6.21
C PHE C 109 -19.10 11.54 -6.70
N ALA C 110 -18.70 10.28 -6.60
CA ALA C 110 -17.44 9.85 -7.08
C ALA C 110 -17.57 8.44 -7.61
N VAL C 111 -16.74 8.13 -8.59
CA VAL C 111 -16.73 6.80 -9.19
C VAL C 111 -15.30 6.31 -9.36
N LEU C 112 -15.09 5.05 -9.02
CA LEU C 112 -13.87 4.31 -9.36
C LEU C 112 -14.33 3.18 -10.27
N ARG C 113 -13.72 3.05 -11.43
CA ARG C 113 -14.00 1.93 -12.31
C ARG C 113 -12.69 1.29 -12.75
N PHE C 114 -12.60 -0.02 -12.60
CA PHE C 114 -11.41 -0.75 -13.05
C PHE C 114 -11.78 -2.09 -13.60
N TYR C 115 -10.84 -2.66 -14.35
CA TYR C 115 -10.96 -3.96 -15.01
C TYR C 115 -10.17 -4.98 -14.22
N ARG C 116 -10.82 -6.11 -13.95
CA ARG C 116 -10.22 -7.23 -13.26
C ARG C 116 -10.65 -8.52 -13.92
N ASN C 117 -9.67 -9.31 -14.37
CA ASN C 117 -9.90 -10.54 -15.09
C ASN C 117 -11.00 -10.37 -16.18
N GLY C 118 -10.86 -9.30 -16.95
CA GLY C 118 -11.70 -9.12 -18.14
C GLY C 118 -13.08 -8.55 -17.83
N GLU C 119 -13.29 -8.10 -16.59
CA GLU C 119 -14.60 -7.58 -16.19
C GLU C 119 -14.47 -6.17 -15.63
N SER C 120 -15.49 -5.34 -15.92
CA SER C 120 -15.52 -3.94 -15.53
C SER C 120 -16.29 -3.79 -14.22
N ILE C 121 -15.62 -3.24 -13.21
CA ILE C 121 -16.18 -3.10 -11.88
C ILE C 121 -16.23 -1.60 -11.51
N SER C 122 -17.41 -1.10 -11.14
CA SER C 122 -17.59 0.27 -10.72
C SER C 122 -17.95 0.34 -9.23
N TYR C 123 -17.28 1.25 -8.51
CA TYR C 123 -17.66 1.65 -7.18
C TYR C 123 -18.22 3.06 -7.29
N ILE C 124 -19.46 3.22 -6.86
CA ILE C 124 -20.20 4.47 -7.06
C ILE C 124 -20.64 4.97 -5.69
N ALA C 125 -20.18 6.16 -5.33
CA ALA C 125 -20.37 6.72 -4.00
C ALA C 125 -20.92 8.14 -4.10
N TYR C 126 -22.08 8.37 -3.52
CA TYR C 126 -22.67 9.68 -3.47
C TYR C 126 -22.43 10.26 -2.08
N LYS C 127 -22.22 11.57 -2.06
CA LYS C 127 -21.92 12.28 -0.83
C LYS C 127 -23.07 12.31 0.15
N GLU C 128 -24.27 12.61 -0.32
CA GLU C 128 -25.42 12.82 0.55
C GLU C 128 -26.11 11.50 0.86
N ALA C 129 -26.40 11.28 2.15
CA ALA C 129 -27.00 10.02 2.62
C ALA C 129 -28.26 9.66 1.85
N GLN C 130 -29.14 10.64 1.66
CA GLN C 130 -30.42 10.38 0.99
C GLN C 130 -30.23 9.96 -0.47
N MET C 131 -29.29 10.61 -1.16
CA MET C 131 -29.01 10.25 -2.53
C MET C 131 -28.36 8.87 -2.63
N MET C 132 -27.44 8.56 -1.72
CA MET C 132 -26.75 7.30 -1.75
C MET C 132 -27.77 6.17 -1.52
N ASN C 133 -28.72 6.37 -0.60
CA ASN C 133 -29.78 5.40 -0.38
C ASN C 133 -30.65 5.24 -1.62
N GLU C 134 -30.99 6.35 -2.27
CA GLU C 134 -31.80 6.32 -3.50
C GLU C 134 -31.08 5.55 -4.61
N ILE C 135 -29.80 5.86 -4.80
CA ILE C 135 -28.95 5.20 -5.80
C ILE C 135 -28.80 3.70 -5.51
N ALA C 136 -28.60 3.36 -4.24
CA ALA C 136 -28.48 1.94 -3.88
C ALA C 136 -29.75 1.17 -4.18
N GLU C 137 -30.91 1.74 -3.86
CA GLU C 137 -32.19 1.11 -4.13
C GLU C 137 -32.45 0.96 -5.64
N PHE C 138 -32.00 1.97 -6.37
CA PHE C 138 -32.11 2.01 -7.83
C PHE C 138 -31.34 0.84 -8.47
N TYR C 139 -30.09 0.65 -8.05
CA TYR C 139 -29.28 -0.43 -8.61
C TYR C 139 -29.67 -1.79 -8.07
N ALA C 140 -30.26 -1.82 -6.88
CA ALA C 140 -30.72 -3.08 -6.28
C ALA C 140 -31.99 -3.61 -6.94
N ALA C 141 -32.88 -2.71 -7.35
CA ALA C 141 -34.23 -3.09 -7.81
C ALA C 141 -34.29 -4.23 -8.85
N PRO C 142 -33.43 -4.17 -9.90
CA PRO C 142 -33.47 -5.23 -10.92
C PRO C 142 -33.10 -6.62 -10.39
N PHE C 143 -32.28 -6.68 -9.34
CA PHE C 143 -31.87 -7.97 -8.77
C PHE C 143 -32.92 -8.62 -7.86
N LYS C 144 -33.93 -7.87 -7.44
CA LYS C 144 -34.97 -8.40 -6.53
C LYS C 144 -35.84 -9.43 -7.26
N LYS C 145 -36.14 -9.14 -8.53
CA LYS C 145 -36.87 -10.03 -9.43
C LYS C 145 -36.24 -11.43 -9.45
N THR C 146 -34.92 -11.47 -9.55
CA THR C 146 -34.15 -12.71 -9.52
C THR C 146 -33.64 -12.95 -8.09
N ARG C 147 -32.99 -14.09 -7.87
CA ARG C 147 -32.22 -14.29 -6.64
C ARG C 147 -31.24 -15.43 -6.88
N ALA C 148 -30.04 -15.06 -7.33
CA ALA C 148 -29.04 -16.03 -7.77
C ALA C 148 -28.12 -16.46 -6.63
N ILE C 149 -27.54 -15.47 -5.93
CA ILE C 149 -26.33 -15.68 -5.12
C ILE C 149 -25.18 -16.02 -6.10
N ASN C 150 -23.98 -15.53 -5.78
CA ASN C 150 -23.00 -15.11 -6.79
C ASN C 150 -23.45 -13.72 -7.26
N GLU C 151 -24.53 -13.25 -6.64
CA GLU C 151 -25.12 -11.94 -6.92
C GLU C 151 -24.27 -10.87 -6.24
N LYS C 152 -23.66 -11.22 -5.11
CA LYS C 152 -22.77 -10.30 -4.40
C LYS C 152 -21.56 -9.92 -5.26
N GLU C 153 -21.08 -10.87 -6.09
CA GLU C 153 -19.99 -10.56 -7.02
C GLU C 153 -20.44 -9.62 -8.14
N ALA C 154 -21.75 -9.61 -8.42
CA ALA C 154 -22.36 -8.74 -9.42
C ALA C 154 -22.78 -7.39 -8.83
N PHE C 155 -23.34 -7.41 -7.62
CA PHE C 155 -23.81 -6.21 -6.98
C PHE C 155 -23.73 -6.32 -5.47
N GLU C 156 -23.12 -5.34 -4.83
CA GLU C 156 -23.06 -5.28 -3.38
C GLU C 156 -23.18 -3.83 -2.89
N CYS C 157 -24.00 -3.64 -1.86
CA CYS C 157 -23.97 -2.39 -1.08
C CYS C 157 -22.81 -2.44 -0.12
N ILE C 158 -22.05 -1.36 -0.05
CA ILE C 158 -20.84 -1.28 0.76
C ILE C 158 -21.14 -0.39 1.96
N TYR C 159 -20.73 -0.84 3.14
CA TYR C 159 -21.02 -0.14 4.40
C TYR C 159 -19.73 0.24 5.10
N ASP C 160 -19.76 1.25 5.97
CA ASP C 160 -18.51 1.74 6.55
C ASP C 160 -18.10 0.89 7.75
N SER C 161 -16.79 0.64 7.83
CA SER C 161 -16.17 -0.24 8.83
C SER C 161 -15.51 0.58 9.94
N ARG C 162 -15.02 1.76 9.54
CA ARG C 162 -14.64 2.85 10.45
C ARG C 162 -15.58 3.00 11.63
N THR C 163 -16.89 3.02 11.33
CA THR C 163 -17.93 3.02 12.37
C THR C 163 -18.46 1.59 12.58
N ARG C 164 -18.95 0.98 11.49
CA ARG C 164 -19.50 -0.40 11.50
C ARG C 164 -20.88 -0.52 12.17
N SER C 165 -20.96 -0.24 13.47
CA SER C 165 -22.23 -0.23 14.21
C SER C 165 -23.11 0.94 13.80
N ALA C 166 -22.49 1.99 13.23
CA ALA C 166 -23.21 3.13 12.65
C ALA C 166 -23.29 3.00 11.12
N GLY C 167 -23.39 1.76 10.62
CA GLY C 167 -23.42 1.48 9.18
C GLY C 167 -24.75 0.87 8.75
N LYS C 168 -25.77 1.72 8.63
CA LYS C 168 -27.12 1.32 8.23
C LYS C 168 -27.35 1.68 6.78
N TYR C 169 -26.95 2.89 6.39
CA TYR C 169 -26.99 3.34 5.00
C TYR C 169 -25.66 3.00 4.32
N PRO C 170 -25.72 2.56 3.05
CA PRO C 170 -24.46 2.24 2.39
C PRO C 170 -23.63 3.49 2.15
N VAL C 171 -22.33 3.31 2.04
CA VAL C 171 -21.43 4.41 1.63
C VAL C 171 -21.08 4.36 0.13
N SER C 172 -21.31 3.22 -0.50
CA SER C 172 -21.18 3.09 -1.95
C SER C 172 -21.82 1.78 -2.38
N VAL C 173 -21.88 1.60 -3.70
CA VAL C 173 -22.28 0.36 -4.30
C VAL C 173 -21.22 -0.10 -5.28
N LYS C 174 -21.04 -1.42 -5.33
CA LYS C 174 -20.13 -2.10 -6.23
C LYS C 174 -20.99 -2.77 -7.27
N ILE C 175 -20.71 -2.52 -8.54
CA ILE C 175 -21.41 -3.18 -9.63
C ILE C 175 -20.39 -3.77 -10.61
N ASN C 176 -20.45 -5.08 -10.78
CA ASN C 176 -19.68 -5.74 -11.83
C ASN C 176 -20.64 -5.90 -13.01
N VAL C 177 -20.51 -5.02 -14.01
CA VAL C 177 -21.49 -4.97 -15.12
C VAL C 177 -21.55 -6.28 -15.90
N ASP C 178 -20.38 -6.90 -16.10
CA ASP C 178 -20.32 -8.16 -16.83
C ASP C 178 -21.03 -9.31 -16.09
N LYS C 179 -20.81 -9.42 -14.78
CA LYS C 179 -21.54 -10.39 -13.98
C LYS C 179 -23.04 -10.06 -13.87
N ALA C 180 -23.35 -8.76 -13.76
CA ALA C 180 -24.72 -8.30 -13.65
C ALA C 180 -25.53 -8.67 -14.88
N LYS C 181 -24.95 -8.44 -16.07
CA LYS C 181 -25.62 -8.77 -17.34
C LYS C 181 -25.99 -10.24 -17.40
N LYS C 182 -25.05 -11.12 -17.03
CA LYS C 182 -25.30 -12.56 -16.99
C LYS C 182 -26.47 -12.95 -16.07
N ILE C 183 -26.52 -12.35 -14.88
CA ILE C 183 -27.56 -12.63 -13.90
C ILE C 183 -28.93 -12.03 -14.26
N LEU C 184 -28.92 -10.81 -14.81
CA LEU C 184 -30.18 -10.10 -15.08
C LEU C 184 -30.89 -10.66 -16.31
N ASN C 185 -30.11 -11.11 -17.29
CA ASN C 185 -30.65 -11.80 -18.46
C ASN C 185 -31.71 -10.94 -19.17
N LEU C 186 -31.37 -9.68 -19.40
CA LEU C 186 -32.28 -8.74 -20.05
C LEU C 186 -32.15 -8.82 -21.57
N PRO C 187 -33.18 -8.36 -22.31
CA PRO C 187 -33.09 -8.37 -23.77
C PRO C 187 -31.88 -7.55 -24.22
N GLU C 188 -31.08 -8.12 -25.11
CA GLU C 188 -29.89 -7.46 -25.62
C GLU C 188 -30.28 -6.25 -26.45
N CYS C 189 -29.73 -5.09 -26.11
CA CYS C 189 -29.89 -3.88 -26.90
C CYS C 189 -28.72 -3.79 -27.87
N ASP C 190 -28.90 -3.13 -29.01
CA ASP C 190 -27.87 -3.09 -30.07
C ASP C 190 -27.84 -1.78 -30.87
N TYR C 191 -26.97 -1.74 -31.90
CA TYR C 191 -26.71 -0.52 -32.68
C TYR C 191 -27.16 -0.66 -34.10
N ILE C 192 -27.91 -1.70 -34.40
CA ILE C 192 -28.30 -1.94 -35.76
C ILE C 192 -29.09 -0.74 -36.28
N ASN C 193 -28.63 -0.14 -37.38
CA ASN C 193 -29.32 1.02 -38.00
C ASN C 193 -29.27 2.29 -37.17
N ASP C 194 -28.18 2.47 -36.43
CA ASP C 194 -28.07 3.61 -35.52
C ASP C 194 -27.38 4.83 -36.14
N TYR C 195 -27.35 4.93 -37.46
CA TYR C 195 -26.85 6.15 -38.08
C TYR C 195 -27.58 6.48 -39.38
N ILE C 196 -27.59 7.76 -39.71
CA ILE C 196 -28.19 8.26 -40.95
C ILE C 196 -27.17 9.14 -41.65
N LYS C 197 -27.02 8.93 -42.96
CA LYS C 197 -26.12 9.73 -43.79
C LYS C 197 -26.70 11.11 -44.09
N THR C 198 -25.97 12.14 -43.65
CA THR C 198 -26.30 13.53 -43.88
C THR C 198 -25.82 13.95 -45.27
N PRO C 199 -26.74 14.44 -46.15
CA PRO C 199 -26.33 14.96 -47.46
C PRO C 199 -25.90 16.42 -47.40
N ARG C 211 -4.27 22.41 -41.23
CA ARG C 211 -3.01 21.83 -41.70
C ARG C 211 -1.85 22.23 -40.78
N ALA C 212 -1.87 21.67 -39.58
CA ALA C 212 -0.84 21.87 -38.55
C ALA C 212 -1.40 21.38 -37.23
N VAL C 213 -0.54 20.85 -36.36
CA VAL C 213 -0.91 20.64 -34.96
C VAL C 213 -1.12 22.04 -34.37
N PRO C 214 -2.35 22.33 -33.92
CA PRO C 214 -2.69 23.71 -33.59
C PRO C 214 -1.93 24.28 -32.40
N SER C 215 -1.85 25.61 -32.36
CA SER C 215 -1.35 26.39 -31.20
C SER C 215 -1.71 25.75 -29.85
N GLU C 216 -3.01 25.58 -29.66
CA GLU C 216 -3.52 24.82 -28.56
C GLU C 216 -4.55 23.88 -29.17
N PRO C 217 -4.89 22.81 -28.46
CA PRO C 217 -5.99 22.00 -29.00
C PRO C 217 -7.26 22.84 -29.12
N LYS C 218 -8.09 22.53 -30.11
CA LYS C 218 -9.37 23.19 -30.27
C LYS C 218 -10.32 22.69 -29.20
N THR C 219 -11.01 23.59 -28.52
CA THR C 219 -12.05 23.20 -27.59
C THR C 219 -13.30 22.87 -28.39
N VAL C 220 -13.80 21.66 -28.24
CA VAL C 220 -15.06 21.28 -28.87
C VAL C 220 -16.07 20.97 -27.77
N TYR C 221 -17.19 21.70 -27.73
CA TYR C 221 -18.23 21.43 -26.73
C TYR C 221 -19.11 20.31 -27.19
N VAL C 222 -19.38 19.38 -26.27
CA VAL C 222 -20.36 18.34 -26.47
C VAL C 222 -21.49 18.65 -25.50
N ILE C 223 -22.55 19.22 -26.05
CA ILE C 223 -23.69 19.73 -25.29
C ILE C 223 -24.67 18.60 -25.20
N CYS C 224 -24.79 18.05 -23.99
CA CYS C 224 -25.70 16.94 -23.73
C CYS C 224 -26.95 17.48 -23.07
N LEU C 225 -28.10 17.04 -23.55
CA LEU C 225 -29.37 17.64 -23.16
C LEU C 225 -30.27 16.54 -22.64
N ARG C 226 -30.63 16.70 -21.38
CA ARG C 226 -31.48 15.78 -20.68
C ARG C 226 -32.87 15.91 -21.28
N GLU C 227 -33.32 14.79 -21.84
CA GLU C 227 -34.60 14.78 -22.50
C GLU C 227 -35.68 15.24 -21.53
N ASN C 228 -36.61 16.04 -22.05
CA ASN C 228 -37.71 16.55 -21.24
C ASN C 228 -38.46 15.40 -20.58
N GLY C 229 -38.58 15.46 -19.25
CA GLY C 229 -39.27 14.41 -18.48
C GLY C 229 -38.42 13.21 -18.06
N SER C 230 -37.15 13.17 -18.47
CA SER C 230 -36.28 12.03 -18.15
C SER C 230 -35.47 12.33 -16.89
N THR C 231 -35.13 11.28 -16.15
CA THR C 231 -34.18 11.39 -15.06
C THR C 231 -32.95 10.60 -15.47
N VAL C 232 -31.80 11.25 -15.32
CA VAL C 232 -30.50 10.61 -15.53
C VAL C 232 -29.69 10.88 -14.27
N TYR C 233 -28.74 9.99 -13.98
CA TYR C 233 -27.93 10.08 -12.76
C TYR C 233 -26.52 10.53 -13.13
N PRO C 234 -25.90 11.39 -12.30
CA PRO C 234 -24.63 11.97 -12.76
C PRO C 234 -23.49 10.97 -12.90
N ASN C 235 -23.44 9.96 -12.05
CA ASN C 235 -22.42 8.90 -12.24
C ASN C 235 -22.53 8.22 -13.60
N GLU C 236 -23.77 8.00 -14.05
CA GLU C 236 -23.98 7.33 -15.32
C GLU C 236 -23.65 8.19 -16.53
N VAL C 237 -24.13 9.42 -16.52
CA VAL C 237 -23.83 10.37 -17.60
C VAL C 237 -22.35 10.61 -17.70
N SER C 238 -21.71 10.86 -16.56
CA SER C 238 -20.29 11.17 -16.57
CA SER C 238 -20.28 11.16 -16.51
C SER C 238 -19.42 10.01 -17.08
N ALA C 239 -19.79 8.79 -16.72
CA ALA C 239 -19.06 7.62 -17.25
C ALA C 239 -19.15 7.51 -18.79
N GLN C 240 -20.31 7.78 -19.34
CA GLN C 240 -20.49 7.79 -20.80
C GLN C 240 -19.61 8.88 -21.46
N MET C 241 -19.54 10.06 -20.84
CA MET C 241 -18.73 11.16 -21.34
C MET C 241 -17.23 10.80 -21.30
N GLN C 242 -16.78 10.27 -20.17
CA GLN C 242 -15.39 9.85 -20.00
C GLN C 242 -15.02 8.81 -21.06
N ASP C 243 -15.84 7.79 -21.21
CA ASP C 243 -15.57 6.75 -22.23
C ASP C 243 -15.55 7.31 -23.64
N ALA C 244 -16.48 8.23 -23.93
CA ALA C 244 -16.53 8.91 -25.23
C ALA C 244 -15.26 9.74 -25.50
N ALA C 245 -14.84 10.57 -24.54
CA ALA C 245 -13.64 11.37 -24.71
C ALA C 245 -12.41 10.48 -24.87
N ASN C 246 -12.30 9.45 -24.04
CA ASN C 246 -11.11 8.59 -24.06
C ASN C 246 -11.00 7.78 -25.35
N SER C 247 -12.14 7.48 -25.95
CA SER C 247 -12.16 6.79 -27.27
C SER C 247 -11.57 7.66 -28.36
N VAL C 248 -11.76 8.97 -28.24
CA VAL C 248 -11.18 9.92 -29.18
C VAL C 248 -9.68 10.11 -28.95
N TYR C 249 -9.27 10.35 -27.71
CA TYR C 249 -7.88 10.65 -27.41
C TYR C 249 -6.96 9.48 -27.72
N ALA C 250 -7.51 8.27 -27.64
CA ALA C 250 -6.75 7.06 -27.91
C ALA C 250 -6.32 6.96 -29.38
N VAL C 251 -7.00 7.71 -30.26
CA VAL C 251 -6.73 7.64 -31.69
C VAL C 251 -5.76 8.73 -32.11
N HIS C 252 -4.67 8.32 -32.78
CA HIS C 252 -3.72 9.23 -33.45
C HIS C 252 -3.28 10.42 -32.61
N GLY C 253 -3.04 10.20 -31.32
CA GLY C 253 -2.68 11.28 -30.41
C GLY C 253 -3.54 12.52 -30.51
N LEU C 254 -4.86 12.33 -30.58
CA LEU C 254 -5.79 13.41 -30.87
C LEU C 254 -5.97 14.48 -29.78
N LYS C 255 -5.43 14.28 -28.59
CA LYS C 255 -5.44 15.34 -27.56
C LYS C 255 -4.68 16.60 -28.01
N ARG C 256 -3.79 16.44 -28.98
CA ARG C 256 -3.04 17.56 -29.55
C ARG C 256 -3.96 18.47 -30.37
N TYR C 257 -5.04 17.91 -30.88
CA TYR C 257 -5.95 18.59 -31.80
C TYR C 257 -7.26 19.01 -31.18
N VAL C 258 -7.76 18.24 -30.20
CA VAL C 258 -9.07 18.51 -29.60
CA VAL C 258 -9.04 18.56 -29.58
C VAL C 258 -9.02 18.31 -28.09
N ASN C 259 -9.71 19.18 -27.36
CA ASN C 259 -10.01 18.96 -25.96
C ASN C 259 -11.53 19.08 -25.87
N LEU C 260 -12.18 18.03 -25.40
CA LEU C 260 -13.63 17.97 -25.33
C LEU C 260 -14.15 18.57 -24.02
N HIS C 261 -15.19 19.39 -24.14
CA HIS C 261 -15.83 20.02 -23.00
C HIS C 261 -17.31 19.63 -23.01
N PHE C 262 -17.67 18.72 -22.13
CA PHE C 262 -19.05 18.29 -22.00
C PHE C 262 -19.83 19.22 -21.06
N VAL C 263 -21.07 19.51 -21.44
CA VAL C 263 -21.99 20.23 -20.57
C VAL C 263 -23.34 19.52 -20.64
N LEU C 264 -24.05 19.48 -19.50
CA LEU C 264 -25.36 18.85 -19.41
C LEU C 264 -26.36 19.89 -18.92
N TYR C 265 -27.44 20.05 -19.66
CA TYR C 265 -28.61 20.74 -19.11
C TYR C 265 -29.89 20.14 -19.68
N THR C 266 -31.05 20.64 -19.23
CA THR C 266 -32.33 20.09 -19.67
C THR C 266 -32.84 20.79 -20.91
N THR C 267 -33.46 20.02 -21.80
CA THR C 267 -34.14 20.61 -22.94
C THR C 267 -35.65 20.42 -22.81
N GLU C 268 -36.39 21.31 -23.45
CA GLU C 268 -37.84 21.21 -23.55
C GLU C 268 -38.26 20.06 -24.46
N TYR C 269 -37.34 19.62 -25.33
CA TYR C 269 -37.64 18.60 -26.33
C TYR C 269 -37.77 17.22 -25.71
N ALA C 270 -38.76 16.48 -26.18
CA ALA C 270 -38.92 15.07 -25.90
C ALA C 270 -39.21 14.40 -27.23
N CYS C 271 -38.72 13.17 -27.40
CA CYS C 271 -39.05 12.39 -28.56
C CYS C 271 -40.54 12.15 -28.58
N PRO C 272 -41.20 12.43 -29.72
CA PRO C 272 -42.65 12.22 -29.81
C PRO C 272 -43.07 10.76 -29.77
N SER C 273 -42.16 9.83 -30.06
CA SER C 273 -42.46 8.40 -29.95
C SER C 273 -41.18 7.64 -29.63
N GLY C 274 -41.27 6.31 -29.60
CA GLY C 274 -40.08 5.48 -29.37
C GLY C 274 -39.20 5.30 -30.60
N ASN C 275 -39.62 5.83 -31.74
CA ASN C 275 -38.84 5.71 -32.99
C ASN C 275 -37.60 6.61 -32.94
N ALA C 276 -36.42 6.01 -32.97
CA ALA C 276 -35.18 6.77 -32.80
C ALA C 276 -34.88 7.70 -33.98
N ASP C 277 -35.20 7.24 -35.18
CA ASP C 277 -35.03 8.03 -36.40
C ASP C 277 -35.86 9.31 -36.38
N GLU C 278 -37.13 9.17 -36.05
CA GLU C 278 -38.03 10.29 -35.85
C GLU C 278 -37.53 11.20 -34.75
N GLY C 279 -37.17 10.60 -33.62
CA GLY C 279 -36.67 11.32 -32.45
C GLY C 279 -35.46 12.19 -32.75
N LEU C 280 -34.51 11.66 -33.50
CA LEU C 280 -33.33 12.41 -33.86
C LEU C 280 -33.67 13.58 -34.80
N ASP C 281 -34.50 13.32 -35.82
CA ASP C 281 -35.00 14.37 -36.72
C ASP C 281 -35.60 15.55 -35.95
N GLY C 282 -36.48 15.22 -35.00
CA GLY C 282 -37.09 16.22 -34.13
C GLY C 282 -36.12 16.94 -33.21
N PHE C 283 -35.06 16.24 -32.79
CA PHE C 283 -34.08 16.82 -31.87
C PHE C 283 -33.27 17.87 -32.60
N THR C 284 -32.70 17.47 -33.74
CA THR C 284 -31.94 18.40 -34.56
C THR C 284 -32.78 19.62 -34.97
N ALA C 285 -34.05 19.39 -35.32
CA ALA C 285 -34.97 20.48 -35.61
C ALA C 285 -35.17 21.39 -34.39
N SER C 286 -35.25 20.81 -33.19
CA SER C 286 -35.45 21.60 -31.97
C SER C 286 -34.27 22.52 -31.69
N LEU C 287 -33.06 22.06 -32.01
CA LEU C 287 -31.86 22.87 -31.89
C LEU C 287 -31.88 24.07 -32.84
N LYS C 288 -32.26 23.80 -34.10
CA LYS C 288 -32.31 24.84 -35.15
C LYS C 288 -33.42 25.86 -34.88
N ALA C 289 -34.53 25.40 -34.33
CA ALA C 289 -35.68 26.24 -34.05
C ALA C 289 -35.45 27.17 -32.85
N ASN C 290 -34.52 26.81 -31.97
CA ASN C 290 -34.26 27.53 -30.72
C ASN C 290 -33.28 28.70 -30.90
N PRO C 291 -33.77 29.96 -30.88
CA PRO C 291 -32.89 31.12 -31.09
C PRO C 291 -31.73 31.24 -30.08
N LYS C 292 -31.95 30.72 -28.86
CA LYS C 292 -30.91 30.64 -27.82
C LYS C 292 -29.63 29.94 -28.30
N ALA C 293 -29.77 28.97 -29.20
CA ALA C 293 -28.61 28.21 -29.66
C ALA C 293 -27.96 28.84 -30.89
N GLU C 294 -28.53 29.94 -31.42
CA GLU C 294 -27.88 30.68 -32.50
C GLU C 294 -26.46 31.01 -32.06
N GLY C 295 -25.51 30.86 -32.98
CA GLY C 295 -24.08 31.03 -32.65
C GLY C 295 -23.38 29.77 -32.14
N TYR C 296 -24.12 28.73 -31.77
CA TYR C 296 -23.52 27.48 -31.26
C TYR C 296 -23.83 26.28 -32.18
N ASP C 297 -24.08 26.57 -33.45
CA ASP C 297 -24.44 25.54 -34.41
C ASP C 297 -23.27 24.66 -34.87
N ASP C 298 -22.05 25.06 -34.49
CA ASP C 298 -20.82 24.32 -34.84
C ASP C 298 -20.32 23.37 -33.75
N GLN C 299 -21.15 23.11 -32.74
CA GLN C 299 -20.80 22.21 -31.64
C GLN C 299 -21.44 20.83 -31.85
N ILE C 300 -21.22 19.91 -30.92
CA ILE C 300 -21.77 18.56 -30.96
C ILE C 300 -22.88 18.47 -29.89
N TYR C 301 -23.99 17.86 -30.25
CA TYR C 301 -25.17 17.77 -29.39
C TYR C 301 -25.64 16.33 -29.20
N PHE C 302 -25.93 15.96 -27.96
CA PHE C 302 -26.57 14.67 -27.70
C PHE C 302 -27.83 14.88 -26.88
N LEU C 303 -28.92 14.26 -27.31
CA LEU C 303 -30.07 14.08 -26.43
C LEU C 303 -29.84 12.81 -25.61
N ILE C 304 -29.91 12.93 -24.29
CA ILE C 304 -29.68 11.75 -23.44
C ILE C 304 -30.92 11.36 -22.65
N ARG C 305 -30.99 10.08 -22.31
CA ARG C 305 -32.03 9.53 -21.46
C ARG C 305 -31.44 8.32 -20.78
N TRP C 306 -32.16 7.77 -19.81
CA TRP C 306 -31.73 6.55 -19.16
C TRP C 306 -31.95 5.34 -20.06
N GLY C 307 -33.10 5.33 -20.71
CA GLY C 307 -33.56 4.13 -21.39
C GLY C 307 -33.11 4.04 -22.82
N THR C 308 -33.80 3.18 -23.56
CA THR C 308 -33.49 2.91 -24.95
C THR C 308 -34.70 3.35 -25.78
N TRP C 309 -34.58 3.19 -27.09
CA TRP C 309 -35.64 3.52 -28.04
C TRP C 309 -36.20 2.23 -28.59
N ASP C 310 -37.19 2.34 -29.50
CA ASP C 310 -37.84 1.16 -30.08
C ASP C 310 -36.85 0.19 -30.70
N ASN C 311 -37.21 -1.11 -30.70
CA ASN C 311 -36.34 -2.18 -31.18
C ASN C 311 -35.04 -2.27 -30.34
N ASN C 312 -35.14 -1.88 -29.07
CA ASN C 312 -34.00 -1.83 -28.12
C ASN C 312 -32.77 -1.11 -28.69
N ILE C 313 -33.01 -0.01 -29.41
CA ILE C 313 -31.94 0.76 -30.01
C ILE C 313 -31.30 1.62 -28.92
N LEU C 314 -29.96 1.61 -28.84
CA LEU C 314 -29.23 2.26 -27.74
C LEU C 314 -28.93 3.73 -27.99
N GLY C 315 -28.98 4.11 -29.26
CA GLY C 315 -28.63 5.45 -29.68
C GLY C 315 -28.71 5.58 -31.19
N ILE C 316 -28.45 6.79 -31.67
CA ILE C 316 -28.53 7.08 -33.09
C ILE C 316 -27.80 8.38 -33.33
N SER C 317 -27.21 8.55 -34.51
CA SER C 317 -26.47 9.74 -34.84
C SER C 317 -26.45 10.04 -36.32
N TRP C 318 -26.16 11.31 -36.66
CA TRP C 318 -25.90 11.69 -38.02
C TRP C 318 -24.46 11.32 -38.35
N LEU C 319 -24.28 10.47 -39.35
CA LEU C 319 -22.96 9.96 -39.72
C LEU C 319 -22.13 11.07 -40.37
N ASN C 320 -20.88 11.18 -39.91
CA ASN C 320 -19.86 12.05 -40.54
C ASN C 320 -20.37 13.49 -40.63
N SER C 321 -20.81 14.00 -39.49
CA SER C 321 -21.48 15.28 -39.39
C SER C 321 -20.68 16.35 -38.64
N TYR C 322 -19.51 15.98 -38.12
CA TYR C 322 -18.62 16.94 -37.50
C TYR C 322 -17.25 16.97 -38.20
N ASN C 323 -16.84 18.17 -38.61
CA ASN C 323 -15.47 18.39 -39.07
C ASN C 323 -15.03 19.75 -38.52
N VAL C 324 -13.82 19.83 -37.94
CA VAL C 324 -13.38 21.07 -37.27
C VAL C 324 -13.41 22.32 -38.15
N ASN C 325 -13.29 22.15 -39.47
CA ASN C 325 -13.33 23.27 -40.40
C ASN C 325 -14.72 23.66 -40.87
N THR C 326 -15.64 22.68 -40.97
CA THR C 326 -16.94 22.90 -41.61
C THR C 326 -18.17 22.77 -40.70
N ALA C 327 -17.97 22.46 -39.43
CA ALA C 327 -19.09 22.20 -38.51
C ALA C 327 -20.10 23.34 -38.51
N SER C 328 -21.39 23.00 -38.64
CA SER C 328 -22.45 24.01 -38.80
C SER C 328 -23.85 23.40 -38.68
N ASP C 329 -24.83 24.28 -38.51
CA ASP C 329 -26.26 23.97 -38.57
C ASP C 329 -26.73 22.78 -37.72
N PHE C 330 -26.10 22.60 -36.56
CA PHE C 330 -26.46 21.54 -35.61
C PHE C 330 -26.41 20.14 -36.22
N LYS C 331 -25.63 19.97 -37.28
CA LYS C 331 -25.54 18.70 -38.00
C LYS C 331 -25.00 17.59 -37.14
N ALA C 332 -24.05 17.96 -36.27
CA ALA C 332 -23.32 17.01 -35.43
C ALA C 332 -24.15 16.74 -34.17
N SER C 333 -25.19 15.93 -34.36
CA SER C 333 -26.09 15.58 -33.28
C SER C 333 -26.44 14.10 -33.32
N GLY C 334 -26.82 13.61 -32.14
CA GLY C 334 -27.16 12.24 -31.93
C GLY C 334 -27.93 12.11 -30.64
N MET C 335 -28.28 10.88 -30.32
CA MET C 335 -29.01 10.57 -29.11
C MET C 335 -28.33 9.34 -28.50
N SER C 336 -28.32 9.26 -27.18
CA SER C 336 -27.64 8.17 -26.47
C SER C 336 -28.35 7.81 -25.16
N THR C 337 -28.46 6.51 -24.90
CA THR C 337 -28.75 6.01 -23.56
C THR C 337 -27.55 6.32 -22.66
N THR C 338 -27.79 6.38 -21.36
CA THR C 338 -26.72 6.56 -20.41
C THR C 338 -26.70 5.52 -19.30
N GLN C 339 -27.50 4.48 -19.42
CA GLN C 339 -27.53 3.49 -18.35
C GLN C 339 -26.19 2.76 -18.19
N LEU C 340 -25.91 2.41 -16.94
CA LEU C 340 -24.62 1.88 -16.53
C LEU C 340 -24.27 0.58 -17.25
N MET C 341 -25.27 -0.26 -17.50
CA MET C 341 -25.07 -1.58 -18.10
C MET C 341 -24.63 -1.55 -19.56
N TYR C 342 -24.67 -0.38 -20.18
CA TYR C 342 -24.24 -0.23 -21.58
C TYR C 342 -23.17 0.86 -21.71
N PRO C 343 -21.99 0.62 -21.11
CA PRO C 343 -20.93 1.58 -21.23
C PRO C 343 -20.50 1.70 -22.69
N GLY C 344 -20.10 2.92 -23.06
CA GLY C 344 -19.56 3.21 -24.38
C GLY C 344 -20.55 3.53 -25.51
N VAL C 345 -21.84 3.69 -25.19
CA VAL C 345 -22.83 3.99 -26.23
C VAL C 345 -22.57 5.39 -26.76
N MET C 346 -22.35 6.35 -25.86
CA MET C 346 -22.05 7.73 -26.30
C MET C 346 -20.77 7.73 -27.13
N ALA C 347 -19.78 6.93 -26.71
CA ALA C 347 -18.57 6.77 -27.51
C ALA C 347 -18.83 6.27 -28.90
N HIS C 348 -19.68 5.26 -29.04
CA HIS C 348 -20.01 4.70 -30.35
C HIS C 348 -20.69 5.74 -31.25
N GLU C 349 -21.69 6.43 -30.70
CA GLU C 349 -22.40 7.46 -31.45
C GLU C 349 -21.53 8.68 -31.83
N LEU C 350 -20.67 9.12 -30.91
CA LEU C 350 -19.65 10.13 -31.21
C LEU C 350 -18.74 9.69 -32.34
N GLY C 351 -18.38 8.40 -32.32
CA GLY C 351 -17.61 7.80 -33.39
C GLY C 351 -18.27 7.99 -34.75
N HIS C 352 -19.56 7.69 -34.83
CA HIS C 352 -20.36 7.93 -36.05
C HIS C 352 -20.38 9.40 -36.44
N ILE C 353 -20.63 10.29 -35.47
CA ILE C 353 -20.60 11.73 -35.72
C ILE C 353 -19.28 12.17 -36.33
N LEU C 354 -18.18 11.61 -35.85
CA LEU C 354 -16.84 11.88 -36.37
C LEU C 354 -16.47 11.10 -37.64
N GLY C 355 -17.40 10.29 -38.15
CA GLY C 355 -17.26 9.67 -39.44
C GLY C 355 -17.00 8.19 -39.46
N ALA C 356 -16.91 7.57 -38.29
CA ALA C 356 -16.63 6.13 -38.19
C ALA C 356 -17.83 5.33 -38.65
N ASN C 357 -17.54 4.26 -39.37
CA ASN C 357 -18.56 3.32 -39.86
C ASN C 357 -18.54 2.12 -38.94
N HIS C 358 -19.49 1.22 -39.10
CA HIS C 358 -19.42 -0.03 -38.34
C HIS C 358 -18.20 -0.84 -38.77
N ALA C 359 -17.61 -1.53 -37.81
CA ALA C 359 -16.34 -2.23 -38.02
C ALA C 359 -16.57 -3.72 -37.91
N ASP C 360 -15.60 -4.48 -38.41
CA ASP C 360 -15.72 -5.93 -38.53
C ASP C 360 -15.22 -6.71 -37.32
N ASP C 361 -14.29 -6.13 -36.56
CA ASP C 361 -13.72 -6.81 -35.40
C ASP C 361 -14.75 -6.75 -34.26
N PRO C 362 -15.16 -7.94 -33.74
CA PRO C 362 -16.10 -7.99 -32.61
C PRO C 362 -15.60 -7.33 -31.34
N LYS C 363 -14.32 -6.98 -31.28
CA LYS C 363 -13.77 -6.25 -30.12
C LYS C 363 -13.67 -4.74 -30.35
N ASP C 364 -14.19 -4.26 -31.48
CA ASP C 364 -14.17 -2.83 -31.81
C ASP C 364 -15.36 -2.13 -31.16
N LEU C 365 -15.10 -0.96 -30.58
CA LEU C 365 -16.18 -0.03 -30.19
C LEU C 365 -17.27 0.05 -31.26
N MET C 366 -16.85 0.13 -32.51
CA MET C 366 -17.78 0.38 -33.62
C MET C 366 -18.34 -0.86 -34.26
N TYR C 367 -18.16 -2.02 -33.64
CA TYR C 367 -18.86 -3.23 -34.08
C TYR C 367 -20.37 -2.96 -34.02
N SER C 368 -21.15 -3.53 -34.95
CA SER C 368 -22.59 -3.22 -35.04
C SER C 368 -23.45 -3.82 -33.90
N LYS C 369 -22.92 -4.83 -33.21
CA LYS C 369 -23.57 -5.34 -32.02
C LYS C 369 -22.94 -4.67 -30.82
N TYR C 370 -23.69 -4.58 -29.74
CA TYR C 370 -23.15 -4.02 -28.52
C TYR C 370 -22.16 -5.03 -27.89
N THR C 371 -20.96 -4.56 -27.60
CA THR C 371 -19.85 -5.42 -27.16
C THR C 371 -19.27 -5.10 -25.78
N GLY C 372 -19.42 -3.85 -25.35
CA GLY C 372 -18.79 -3.40 -24.11
C GLY C 372 -17.36 -2.92 -24.27
N TYR C 373 -16.78 -3.06 -25.46
CA TYR C 373 -15.42 -2.57 -25.71
C TYR C 373 -15.47 -1.08 -26.00
N LEU C 374 -14.41 -0.35 -25.64
CA LEU C 374 -14.50 1.11 -25.57
C LEU C 374 -13.54 1.82 -26.51
N PHE C 375 -12.87 1.08 -27.39
CA PHE C 375 -11.85 1.66 -28.27
C PHE C 375 -11.99 1.29 -29.72
N HIS C 376 -11.66 2.27 -30.56
CA HIS C 376 -11.60 2.06 -32.00
C HIS C 376 -10.42 1.18 -32.32
N LEU C 377 -10.64 0.16 -33.14
CA LEU C 377 -9.58 -0.73 -33.64
C LEU C 377 -9.39 -0.62 -35.15
N SER C 378 -10.43 -0.17 -35.85
CA SER C 378 -10.39 -0.07 -37.29
C SER C 378 -9.48 1.09 -37.72
N GLU C 379 -8.44 0.77 -38.48
CA GLU C 379 -7.50 1.81 -38.91
C GLU C 379 -8.16 2.79 -39.86
N LYS C 380 -9.09 2.30 -40.69
CA LYS C 380 -9.86 3.18 -41.57
C LYS C 380 -10.68 4.19 -40.77
N ASN C 381 -11.37 3.70 -39.73
CA ASN C 381 -12.16 4.57 -38.88
C ASN C 381 -11.29 5.58 -38.16
N MET C 382 -10.13 5.13 -37.70
CA MET C 382 -9.22 5.99 -36.95
C MET C 382 -8.71 7.14 -37.81
N ASP C 383 -8.40 6.85 -39.08
CA ASP C 383 -7.95 7.86 -40.03
C ASP C 383 -9.07 8.86 -40.33
N ILE C 384 -10.29 8.36 -40.55
CA ILE C 384 -11.44 9.22 -40.82
C ILE C 384 -11.69 10.17 -39.64
N ILE C 385 -11.69 9.63 -38.43
CA ILE C 385 -11.98 10.44 -37.24
C ILE C 385 -10.90 11.49 -37.04
N ALA C 386 -9.64 11.08 -37.14
CA ALA C 386 -8.53 11.99 -36.88
C ALA C 386 -8.48 13.10 -37.93
N LYS C 387 -8.76 12.77 -39.18
CA LYS C 387 -8.77 13.76 -40.26
C LYS C 387 -9.87 14.81 -40.05
N ASN C 388 -11.03 14.37 -39.56
CA ASN C 388 -12.13 15.30 -39.27
C ASN C 388 -11.82 16.23 -38.07
N LEU C 389 -10.85 15.85 -37.26
CA LEU C 389 -10.37 16.68 -36.15
C LEU C 389 -9.05 17.43 -36.45
N GLY C 390 -8.59 17.36 -37.69
CA GLY C 390 -7.51 18.24 -38.17
C GLY C 390 -6.16 17.57 -38.33
N TRP C 391 -6.10 16.28 -38.00
CA TRP C 391 -4.86 15.49 -38.12
C TRP C 391 -4.58 15.05 -39.55
N GLU C 392 -3.28 14.91 -39.84
CA GLU C 392 -2.81 14.30 -41.08
C GLU C 392 -1.58 13.43 -40.75
N ILE C 393 -1.29 12.48 -41.62
CA ILE C 393 -0.30 11.44 -41.35
C ILE C 393 1.10 12.00 -41.05
N ALA C 394 1.45 13.13 -41.68
CA ALA C 394 2.75 13.78 -41.45
C ALA C 394 2.96 14.21 -39.99
N ASP C 395 1.87 14.39 -39.25
CA ASP C 395 1.93 14.82 -37.85
C ASP C 395 2.26 13.68 -36.88
N GLY C 396 2.16 12.44 -37.35
CA GLY C 396 2.47 11.27 -36.52
C GLY C 396 1.41 11.06 -35.45
N ASP C 397 1.68 10.15 -34.52
CA ASP C 397 0.79 9.92 -33.39
C ASP C 397 1.36 10.60 -32.15
N PRO D 33 -12.69 36.15 -32.51
CA PRO D 33 -13.41 37.27 -33.13
C PRO D 33 -14.37 37.99 -32.16
N VAL D 34 -15.18 37.25 -31.42
CA VAL D 34 -16.16 37.84 -30.49
C VAL D 34 -15.74 37.65 -29.02
N THR D 35 -15.13 38.69 -28.43
CA THR D 35 -14.56 38.59 -27.09
C THR D 35 -15.63 38.38 -26.02
N ALA D 36 -15.41 37.38 -25.16
CA ALA D 36 -16.25 37.09 -24.01
C ALA D 36 -16.33 38.26 -23.04
N SER D 37 -17.48 38.38 -22.38
CA SER D 37 -17.71 39.48 -21.46
C SER D 37 -18.59 39.07 -20.30
N ILE D 38 -18.46 39.80 -19.21
CA ILE D 38 -19.31 39.62 -18.03
C ILE D 38 -19.95 41.00 -17.79
N ASP D 39 -21.28 41.05 -17.89
CA ASP D 39 -22.03 42.28 -17.62
C ASP D 39 -22.31 42.37 -16.12
N LEU D 40 -21.60 43.27 -15.45
CA LEU D 40 -21.67 43.40 -13.99
C LEU D 40 -23.00 44.00 -13.50
N GLN D 41 -23.77 44.58 -14.40
CA GLN D 41 -25.09 45.10 -14.06
C GLN D 41 -26.12 43.98 -13.89
N SER D 42 -25.75 42.75 -14.26
CA SER D 42 -26.66 41.62 -14.16
C SER D 42 -25.95 40.30 -13.81
N VAL D 43 -24.72 40.38 -13.30
CA VAL D 43 -23.88 39.20 -13.13
C VAL D 43 -24.48 38.18 -12.13
N SER D 44 -24.61 36.95 -12.61
CA SER D 44 -25.16 35.86 -11.82
C SER D 44 -24.11 34.76 -11.63
N TYR D 45 -24.44 33.78 -10.81
CA TYR D 45 -23.61 32.63 -10.67
C TYR D 45 -23.35 31.98 -12.05
N THR D 46 -24.40 31.78 -12.83
CA THR D 46 -24.22 31.08 -14.10
C THR D 46 -23.36 31.88 -15.09
N ASP D 47 -23.43 33.22 -15.06
CA ASP D 47 -22.52 34.03 -15.88
C ASP D 47 -21.07 33.73 -15.52
N LEU D 48 -20.74 33.81 -14.25
CA LEU D 48 -19.39 33.61 -13.81
C LEU D 48 -18.92 32.16 -14.07
N ALA D 49 -19.79 31.19 -13.78
CA ALA D 49 -19.44 29.79 -13.94
C ALA D 49 -19.18 29.45 -15.41
N THR D 50 -20.09 29.84 -16.30
CA THR D 50 -19.96 29.50 -17.72
C THR D 50 -18.67 30.13 -18.30
N GLN D 51 -18.37 31.36 -17.89
CA GLN D 51 -17.15 32.01 -18.38
C GLN D 51 -15.84 31.41 -17.83
N LEU D 52 -15.77 31.23 -16.52
CA LEU D 52 -14.58 30.67 -15.88
C LEU D 52 -14.38 29.19 -16.24
N ASN D 53 -15.48 28.45 -16.37
CA ASN D 53 -15.33 27.05 -16.80
C ASN D 53 -14.78 26.88 -18.22
N ASP D 54 -14.89 27.93 -19.05
CA ASP D 54 -14.31 27.94 -20.39
C ASP D 54 -12.83 28.35 -20.43
N VAL D 55 -12.24 28.71 -19.28
CA VAL D 55 -10.84 29.10 -19.23
C VAL D 55 -9.94 27.87 -19.37
N SER D 56 -9.20 27.83 -20.47
CA SER D 56 -8.30 26.72 -20.75
C SER D 56 -6.92 26.97 -20.14
N ASP D 57 -6.01 26.02 -20.35
CA ASP D 57 -4.60 26.17 -19.96
C ASP D 57 -3.92 27.43 -20.43
N PHE D 58 -4.33 27.93 -21.58
CA PHE D 58 -3.68 29.07 -22.19
C PHE D 58 -4.35 30.40 -21.82
N GLY D 59 -5.37 30.35 -20.98
CA GLY D 59 -6.05 31.57 -20.55
C GLY D 59 -7.06 32.10 -21.55
N LYS D 60 -7.81 33.12 -21.14
CA LYS D 60 -8.97 33.63 -21.89
C LYS D 60 -9.08 35.14 -21.62
N MET D 61 -9.31 35.92 -22.67
CA MET D 61 -9.58 37.35 -22.52
C MET D 61 -11.06 37.48 -22.18
N ILE D 62 -11.35 38.21 -21.11
CA ILE D 62 -12.74 38.49 -20.75
C ILE D 62 -12.89 39.99 -20.51
N ILE D 63 -13.93 40.59 -21.10
CA ILE D 63 -14.23 42.00 -20.87
C ILE D 63 -15.18 42.13 -19.70
N LEU D 64 -14.81 42.91 -18.69
CA LEU D 64 -15.72 43.17 -17.57
C LEU D 64 -16.43 44.49 -17.88
N LYS D 65 -17.76 44.48 -17.96
CA LYS D 65 -18.54 45.68 -18.35
C LYS D 65 -19.43 46.13 -17.20
N ASP D 66 -19.49 47.44 -16.96
CA ASP D 66 -20.43 47.98 -15.96
C ASP D 66 -20.94 49.33 -16.44
N ASN D 67 -22.08 49.30 -17.13
CA ASN D 67 -22.59 50.43 -17.88
C ASN D 67 -21.45 50.99 -18.73
N GLY D 68 -21.03 52.22 -18.52
CA GLY D 68 -19.95 52.80 -19.30
C GLY D 68 -18.56 52.23 -19.07
N PHE D 69 -18.38 51.59 -17.92
CA PHE D 69 -17.07 51.07 -17.51
C PHE D 69 -16.78 49.74 -18.21
N ASN D 70 -15.53 49.57 -18.62
CA ASN D 70 -15.14 48.49 -19.51
C ASN D 70 -13.66 48.20 -19.30
N ARG D 71 -13.34 46.95 -18.90
CA ARG D 71 -11.96 46.54 -18.69
C ARG D 71 -11.73 45.16 -19.27
N GLN D 72 -10.69 45.01 -20.08
CA GLN D 72 -10.30 43.71 -20.61
C GLN D 72 -9.26 43.08 -19.69
N VAL D 73 -9.48 41.84 -19.30
CA VAL D 73 -8.55 41.14 -18.43
C VAL D 73 -8.24 39.77 -19.03
N HIS D 74 -7.01 39.31 -18.83
CA HIS D 74 -6.62 37.99 -19.30
C HIS D 74 -6.63 37.05 -18.12
N VAL D 75 -7.53 36.10 -18.14
CA VAL D 75 -7.82 35.27 -16.98
C VAL D 75 -7.15 33.91 -17.16
N SER D 76 -6.51 33.43 -16.11
CA SER D 76 -5.89 32.08 -16.12
C SER D 76 -6.34 31.31 -14.89
N MET D 77 -6.37 29.97 -14.98
CA MET D 77 -6.65 29.18 -13.79
CA MET D 77 -6.63 29.13 -13.82
C MET D 77 -5.40 29.15 -12.93
N ASP D 78 -5.61 29.24 -11.62
CA ASP D 78 -4.52 29.20 -10.65
C ASP D 78 -4.23 27.74 -10.37
N LYS D 79 -3.10 27.26 -10.84
CA LYS D 79 -2.72 25.88 -10.69
C LYS D 79 -1.88 25.63 -9.43
N ARG D 80 -1.64 26.69 -8.63
CA ARG D 80 -0.72 26.61 -7.50
C ARG D 80 -1.45 26.16 -6.22
N THR D 81 -2.70 26.54 -6.11
CA THR D 81 -3.46 26.39 -4.88
C THR D 81 -4.64 25.45 -5.11
N LYS D 82 -4.84 24.52 -4.16
CA LYS D 82 -6.05 23.71 -4.10
C LYS D 82 -6.84 24.08 -2.86
N ILE D 83 -8.17 24.03 -2.97
CA ILE D 83 -9.09 24.30 -1.87
C ILE D 83 -10.24 23.34 -1.88
N GLN D 84 -10.47 22.70 -0.74
CA GLN D 84 -11.78 22.10 -0.50
C GLN D 84 -12.40 22.69 0.74
N LEU D 85 -13.69 22.94 0.67
CA LEU D 85 -14.48 23.40 1.82
C LEU D 85 -15.50 22.32 2.11
N ASP D 86 -15.30 21.59 3.19
CA ASP D 86 -16.16 20.44 3.53
C ASP D 86 -16.29 19.49 2.33
N ASN D 87 -15.14 19.25 1.69
CA ASN D 87 -14.99 18.37 0.50
C ASN D 87 -15.51 18.95 -0.82
N GLU D 88 -15.92 20.21 -0.79
CA GLU D 88 -16.43 20.88 -1.99
C GLU D 88 -15.24 21.59 -2.62
N ASN D 89 -14.98 21.28 -3.89
CA ASN D 89 -13.78 21.77 -4.57
C ASN D 89 -13.96 23.22 -5.02
N VAL D 90 -13.00 24.07 -4.71
CA VAL D 90 -13.02 25.51 -5.04
C VAL D 90 -11.80 25.84 -5.88
N ARG D 91 -12.06 26.45 -7.02
CA ARG D 91 -10.99 26.80 -7.93
C ARG D 91 -10.76 28.29 -7.96
N LEU D 92 -9.51 28.68 -8.12
CA LEU D 92 -9.11 30.09 -8.16
C LEU D 92 -8.64 30.45 -9.55
N PHE D 93 -8.88 31.70 -9.93
CA PHE D 93 -8.41 32.23 -11.19
C PHE D 93 -7.77 33.58 -10.97
N ASN D 94 -6.77 33.88 -11.77
CA ASN D 94 -6.03 35.14 -11.70
C ASN D 94 -6.13 35.94 -12.99
N GLY D 95 -6.14 37.27 -12.85
CA GLY D 95 -5.84 38.14 -13.97
C GLY D 95 -4.33 38.31 -14.07
N ARG D 96 -3.88 39.13 -15.02
CA ARG D 96 -2.48 39.51 -15.01
C ARG D 96 -2.30 40.48 -13.83
N ASP D 97 -1.07 40.79 -13.46
CA ASP D 97 -0.84 41.79 -12.41
C ASP D 97 -1.54 43.12 -12.72
N LYS D 98 -1.38 43.61 -13.93
CA LYS D 98 -1.96 44.89 -14.35
C LYS D 98 -3.49 44.91 -14.35
N ASP D 99 -4.12 43.74 -14.26
CA ASP D 99 -5.57 43.63 -14.19
C ASP D 99 -6.12 43.79 -12.76
N SER D 100 -5.29 43.52 -11.76
CA SER D 100 -5.73 43.51 -10.35
CA SER D 100 -5.72 43.47 -10.35
C SER D 100 -7.13 42.87 -10.18
N THR D 101 -7.25 41.63 -10.63
CA THR D 101 -8.52 40.93 -10.73
C THR D 101 -8.28 39.47 -10.38
N ASN D 102 -9.13 38.96 -9.51
CA ASN D 102 -9.12 37.55 -9.06
C ASN D 102 -10.54 37.01 -9.08
N PHE D 103 -10.67 35.71 -9.28
CA PHE D 103 -11.96 35.07 -9.22
C PHE D 103 -11.87 33.81 -8.34
N ILE D 104 -13.02 33.40 -7.82
CA ILE D 104 -13.16 32.14 -7.09
C ILE D 104 -14.40 31.45 -7.63
N LEU D 105 -14.34 30.12 -7.83
CA LEU D 105 -15.48 29.36 -8.33
C LEU D 105 -15.62 28.03 -7.62
N GLY D 106 -16.74 27.89 -6.93
CA GLY D 106 -17.20 26.64 -6.42
C GLY D 106 -18.45 26.23 -7.15
N ASP D 107 -18.97 25.05 -6.81
CA ASP D 107 -20.23 24.62 -7.37
C ASP D 107 -21.34 25.49 -6.80
N GLU D 108 -21.17 26.02 -5.58
CA GLU D 108 -22.28 26.75 -4.92
C GLU D 108 -22.22 28.27 -5.01
N PHE D 109 -21.07 28.80 -5.38
CA PHE D 109 -20.85 30.23 -5.37
C PHE D 109 -19.68 30.62 -6.26
N ALA D 110 -19.67 31.88 -6.65
CA ALA D 110 -18.59 32.46 -7.42
C ALA D 110 -18.34 33.87 -6.95
N VAL D 111 -17.09 34.27 -7.05
CA VAL D 111 -16.62 35.60 -6.65
C VAL D 111 -15.73 36.20 -7.73
N LEU D 112 -16.00 37.47 -8.04
CA LEU D 112 -15.10 38.35 -8.78
C LEU D 112 -14.67 39.47 -7.84
N ARG D 113 -13.36 39.63 -7.66
CA ARG D 113 -12.85 40.74 -6.93
C ARG D 113 -11.82 41.52 -7.77
N PHE D 114 -12.01 42.83 -7.85
CA PHE D 114 -11.07 43.68 -8.59
C PHE D 114 -11.03 45.04 -7.94
N TYR D 115 -10.16 45.89 -8.46
CA TYR D 115 -10.00 47.22 -7.92
C TYR D 115 -10.47 48.22 -8.93
N ARG D 116 -11.22 49.21 -8.45
CA ARG D 116 -11.49 50.42 -9.22
C ARG D 116 -11.17 51.62 -8.35
N ASN D 117 -10.38 52.55 -8.89
CA ASN D 117 -9.98 53.74 -8.15
C ASN D 117 -9.31 53.40 -6.82
N GLY D 118 -8.50 52.34 -6.84
CA GLY D 118 -7.76 51.89 -5.66
C GLY D 118 -8.57 51.09 -4.65
N GLU D 119 -9.83 50.82 -4.94
CA GLU D 119 -10.75 50.24 -3.94
C GLU D 119 -11.14 48.82 -4.30
N SER D 120 -11.21 47.96 -3.27
CA SER D 120 -11.50 46.54 -3.47
C SER D 120 -12.99 46.30 -3.56
N ILE D 121 -13.42 45.83 -4.72
CA ILE D 121 -14.82 45.53 -5.01
C ILE D 121 -15.01 44.04 -5.28
N SER D 122 -15.93 43.42 -4.54
CA SER D 122 -16.28 42.04 -4.72
C SER D 122 -17.71 41.90 -5.22
N TYR D 123 -17.86 41.11 -6.28
CA TYR D 123 -19.16 40.61 -6.72
C TYR D 123 -19.27 39.16 -6.28
N ILE D 124 -20.30 38.88 -5.50
CA ILE D 124 -20.51 37.59 -4.86
C ILE D 124 -21.85 37.02 -5.31
N ALA D 125 -21.80 35.86 -5.96
CA ALA D 125 -22.97 35.20 -6.54
C ALA D 125 -23.09 33.76 -6.08
N TYR D 126 -24.18 33.43 -5.41
CA TYR D 126 -24.48 32.05 -5.05
C TYR D 126 -25.45 31.43 -6.07
N LYS D 127 -25.24 30.15 -6.36
CA LYS D 127 -26.04 29.42 -7.34
C LYS D 127 -27.51 29.26 -7.00
N GLU D 128 -27.80 28.85 -5.78
CA GLU D 128 -29.16 28.54 -5.39
C GLU D 128 -29.89 29.80 -4.97
N ALA D 129 -31.12 29.95 -5.45
CA ALA D 129 -31.89 31.19 -5.20
C ALA D 129 -32.10 31.45 -3.70
N GLN D 130 -32.43 30.40 -2.95
CA GLN D 130 -32.63 30.53 -1.50
C GLN D 130 -31.35 31.00 -0.82
N MET D 131 -30.21 30.39 -1.14
CA MET D 131 -28.95 30.80 -0.57
C MET D 131 -28.56 32.21 -0.96
N MET D 132 -28.76 32.57 -2.22
CA MET D 132 -28.40 33.91 -2.69
C MET D 132 -29.25 34.94 -1.96
N ASN D 133 -30.54 34.65 -1.78
CA ASN D 133 -31.41 35.55 -1.01
C ASN D 133 -30.91 35.71 0.43
N GLU D 134 -30.56 34.59 1.04
CA GLU D 134 -30.01 34.62 2.40
C GLU D 134 -28.72 35.44 2.48
N ILE D 135 -27.83 35.24 1.53
CA ILE D 135 -26.54 35.91 1.53
C ILE D 135 -26.76 37.41 1.31
N ALA D 136 -27.67 37.77 0.41
CA ALA D 136 -28.00 39.17 0.15
C ALA D 136 -28.50 39.86 1.40
N GLU D 137 -29.41 39.20 2.10
CA GLU D 137 -29.97 39.70 3.36
C GLU D 137 -28.88 39.88 4.42
N PHE D 138 -28.00 38.88 4.51
CA PHE D 138 -26.85 38.87 5.43
C PHE D 138 -25.93 40.06 5.23
N TYR D 139 -25.59 40.33 3.98
CA TYR D 139 -24.74 41.48 3.67
C TYR D 139 -25.47 42.82 3.75
N ALA D 140 -26.77 42.83 3.45
CA ALA D 140 -27.57 44.06 3.47
C ALA D 140 -27.84 44.59 4.88
N ALA D 141 -27.95 43.67 5.83
CA ALA D 141 -28.48 43.99 7.17
C ALA D 141 -27.67 45.05 7.94
N PRO D 142 -26.33 45.00 7.89
CA PRO D 142 -25.48 46.02 8.55
C PRO D 142 -25.74 47.44 8.07
N PHE D 143 -26.11 47.59 6.80
CA PHE D 143 -26.40 48.90 6.22
C PHE D 143 -27.81 49.39 6.55
N LYS D 144 -28.66 48.50 7.04
CA LYS D 144 -29.98 48.88 7.55
C LYS D 144 -29.88 49.45 8.97
N LYS D 145 -28.90 48.98 9.74
CA LYS D 145 -28.64 49.52 11.09
C LYS D 145 -28.01 50.91 11.04
N THR D 146 -27.54 51.32 9.85
CA THR D 146 -26.91 52.62 9.65
C THR D 146 -27.74 53.49 8.68
N ARG D 147 -27.10 54.52 8.09
CA ARG D 147 -27.75 55.43 7.14
C ARG D 147 -27.72 54.86 5.72
N ALA D 148 -28.33 55.60 4.79
CA ALA D 148 -28.28 55.28 3.37
C ALA D 148 -28.15 56.59 2.57
N ILE D 149 -26.98 56.80 1.97
CA ILE D 149 -26.73 57.94 1.09
C ILE D 149 -25.88 57.49 -0.10
N ASN D 150 -24.62 57.16 0.20
CA ASN D 150 -23.65 56.65 -0.77
C ASN D 150 -23.64 55.11 -0.73
N GLU D 151 -24.82 54.54 -0.47
CA GLU D 151 -24.95 53.12 -0.19
C GLU D 151 -24.75 52.29 -1.45
N LYS D 152 -25.32 52.73 -2.57
CA LYS D 152 -25.18 52.02 -3.85
C LYS D 152 -23.70 51.76 -4.20
N GLU D 153 -22.87 52.76 -3.94
CA GLU D 153 -21.43 52.63 -4.13
C GLU D 153 -20.80 51.57 -3.21
N ALA D 154 -21.28 51.50 -1.96
CA ALA D 154 -20.71 50.59 -0.97
C ALA D 154 -21.30 49.18 -1.05
N PHE D 155 -22.62 49.10 -1.22
CA PHE D 155 -23.33 47.83 -1.28
C PHE D 155 -24.51 47.93 -2.22
N GLU D 156 -24.62 46.96 -3.13
CA GLU D 156 -25.75 46.87 -4.02
C GLU D 156 -26.17 45.41 -4.28
N CYS D 157 -27.46 45.14 -4.16
CA CYS D 157 -28.03 43.88 -4.67
C CYS D 157 -28.20 44.04 -6.17
N ILE D 158 -27.70 43.06 -6.91
CA ILE D 158 -27.75 43.07 -8.37
C ILE D 158 -28.86 42.16 -8.87
N TYR D 159 -29.68 42.69 -9.78
CA TYR D 159 -30.89 42.02 -10.20
C TYR D 159 -30.94 41.60 -11.66
N ASP D 160 -32.00 40.84 -11.95
CA ASP D 160 -32.45 40.39 -13.28
C ASP D 160 -31.45 39.41 -13.87
N SER D 161 -31.22 39.44 -15.17
CA SER D 161 -30.27 38.51 -15.75
C SER D 161 -29.89 39.00 -17.14
N ARG D 162 -29.03 38.23 -17.80
CA ARG D 162 -28.72 38.42 -19.21
C ARG D 162 -29.99 38.72 -20.00
N THR D 163 -31.02 37.91 -19.80
CA THR D 163 -32.28 37.98 -20.58
C THR D 163 -33.43 38.68 -19.85
N ARG D 164 -33.11 39.39 -18.76
CA ARG D 164 -34.10 40.09 -17.92
C ARG D 164 -35.18 39.15 -17.37
N SER D 165 -34.81 38.42 -16.31
CA SER D 165 -35.77 37.69 -15.49
C SER D 165 -36.66 38.69 -14.73
N ALA D 166 -36.23 39.97 -14.73
CA ALA D 166 -36.92 41.09 -14.07
C ALA D 166 -36.29 41.35 -12.69
N GLY D 167 -36.32 40.35 -11.83
CA GLY D 167 -35.88 40.51 -10.45
C GLY D 167 -36.78 39.78 -9.47
N LYS D 168 -37.16 40.48 -8.41
CA LYS D 168 -37.76 39.88 -7.21
C LYS D 168 -36.67 39.23 -6.35
N TYR D 169 -35.82 38.39 -6.96
CA TYR D 169 -34.64 37.83 -6.28
C TYR D 169 -33.31 38.33 -6.89
N PRO D 170 -32.36 38.78 -6.05
CA PRO D 170 -31.05 39.18 -6.61
C PRO D 170 -30.28 38.00 -7.15
N VAL D 171 -29.41 38.27 -8.13
CA VAL D 171 -28.52 37.26 -8.67
C VAL D 171 -27.08 37.37 -8.16
N SER D 172 -26.76 38.51 -7.53
CA SER D 172 -25.50 38.72 -6.85
C SER D 172 -25.56 39.95 -5.93
N VAL D 173 -24.50 40.14 -5.15
CA VAL D 173 -24.27 41.39 -4.47
C VAL D 173 -22.90 41.95 -4.83
N LYS D 174 -22.84 43.27 -4.87
CA LYS D 174 -21.62 44.03 -5.07
C LYS D 174 -21.30 44.73 -3.76
N ILE D 175 -20.10 44.50 -3.24
CA ILE D 175 -19.64 45.15 -2.01
C ILE D 175 -18.28 45.82 -2.25
N ASN D 176 -18.25 47.15 -2.08
CA ASN D 176 -16.99 47.88 -2.06
C ASN D 176 -16.53 47.93 -0.59
N VAL D 177 -15.54 47.13 -0.25
CA VAL D 177 -15.13 46.93 1.13
C VAL D 177 -14.58 48.22 1.72
N ASP D 178 -13.74 48.89 0.93
CA ASP D 178 -13.11 50.15 1.38
C ASP D 178 -14.14 51.26 1.63
N LYS D 179 -15.17 51.36 0.77
CA LYS D 179 -16.30 52.27 1.03
C LYS D 179 -17.20 51.80 2.19
N ALA D 180 -17.43 50.49 2.28
CA ALA D 180 -18.26 49.91 3.34
C ALA D 180 -17.65 50.14 4.72
N LYS D 181 -16.34 49.95 4.82
CA LYS D 181 -15.61 50.14 6.09
C LYS D 181 -15.83 51.50 6.72
N LYS D 182 -16.07 52.51 5.88
CA LYS D 182 -16.27 53.89 6.34
C LYS D 182 -17.69 54.10 6.85
N ILE D 183 -18.67 53.53 6.14
CA ILE D 183 -20.09 53.69 6.48
C ILE D 183 -20.44 52.92 7.76
N LEU D 184 -19.93 51.70 7.85
CA LEU D 184 -20.20 50.83 9.00
C LEU D 184 -19.40 51.22 10.26
N ASN D 185 -18.38 52.08 10.11
CA ASN D 185 -17.52 52.48 11.23
C ASN D 185 -17.13 51.29 12.09
N LEU D 186 -16.23 50.46 11.57
CA LEU D 186 -15.87 49.21 12.22
C LEU D 186 -15.16 49.45 13.56
N PRO D 187 -15.04 48.39 14.40
CA PRO D 187 -14.42 48.60 15.71
C PRO D 187 -12.93 49.00 15.66
N GLU D 188 -12.34 49.07 14.46
CA GLU D 188 -10.92 49.34 14.28
C GLU D 188 -10.15 48.18 14.91
N CYS D 189 -10.38 46.99 14.34
CA CYS D 189 -9.72 45.78 14.80
C CYS D 189 -8.27 45.78 14.32
N ASP D 190 -7.38 45.12 15.08
CA ASP D 190 -5.93 45.39 14.98
C ASP D 190 -5.00 44.18 15.26
N TYR D 191 -3.69 44.47 15.39
CA TYR D 191 -2.64 43.45 15.30
C TYR D 191 -1.49 43.68 16.26
N ILE D 192 -1.75 44.27 17.41
CA ILE D 192 -0.69 44.50 18.36
C ILE D 192 -0.10 43.16 18.86
N ASN D 193 -0.86 42.48 19.69
CA ASN D 193 -0.37 41.35 20.45
C ASN D 193 -0.84 40.07 19.79
N ASP D 194 -0.63 39.96 18.47
CA ASP D 194 -1.23 38.87 17.71
C ASP D 194 -0.26 37.71 17.41
N TYR D 195 0.81 37.58 18.20
CA TYR D 195 1.58 36.36 18.10
C TYR D 195 2.19 35.96 19.45
N ILE D 196 2.34 34.66 19.62
CA ILE D 196 2.92 34.10 20.82
C ILE D 196 4.09 33.19 20.42
N LYS D 197 4.87 32.81 21.42
CA LYS D 197 6.04 31.98 21.18
C LYS D 197 6.27 31.06 22.38
N THR D 198 6.69 29.83 22.08
CA THR D 198 7.23 28.92 23.07
C THR D 198 8.75 28.99 22.99
N PRO D 199 9.44 28.79 24.13
CA PRO D 199 10.90 28.68 24.05
C PRO D 199 11.35 27.60 23.05
N GLN D 200 12.52 27.79 22.47
CA GLN D 200 13.08 26.81 21.53
C GLN D 200 13.64 25.63 22.33
N VAL D 201 13.48 24.43 21.79
CA VAL D 201 13.98 23.20 22.42
C VAL D 201 15.39 22.97 21.85
N PRO D 202 16.31 22.40 22.64
CA PRO D 202 17.69 22.18 22.16
C PRO D 202 17.83 21.04 21.13
N ARG D 211 20.90 20.99 -0.50
CA ARG D 211 19.69 21.77 -0.70
C ARG D 211 19.68 22.44 -2.09
N ALA D 212 18.50 22.53 -2.69
CA ALA D 212 18.34 23.07 -4.04
C ALA D 212 16.85 23.38 -4.27
N VAL D 213 16.50 23.99 -5.40
CA VAL D 213 15.08 24.14 -5.74
C VAL D 213 14.55 22.71 -5.95
N PRO D 214 13.41 22.37 -5.33
CA PRO D 214 12.91 20.98 -5.47
C PRO D 214 12.41 20.71 -6.88
N SER D 215 12.48 19.44 -7.31
CA SER D 215 12.02 19.05 -8.63
C SER D 215 10.52 19.33 -8.81
N GLU D 216 9.75 19.20 -7.74
CA GLU D 216 8.34 19.53 -7.69
C GLU D 216 8.08 20.36 -6.43
N PRO D 217 7.17 21.35 -6.49
CA PRO D 217 6.88 22.07 -5.26
C PRO D 217 6.35 21.14 -4.17
N LYS D 218 6.73 21.41 -2.94
CA LYS D 218 6.23 20.65 -1.80
C LYS D 218 4.78 21.04 -1.55
N THR D 219 3.90 20.05 -1.46
CA THR D 219 2.52 20.31 -1.03
C THR D 219 2.49 20.57 0.46
N VAL D 220 2.01 21.73 0.86
CA VAL D 220 1.83 22.02 2.25
C VAL D 220 0.34 22.21 2.49
N TYR D 221 -0.26 21.41 3.35
CA TYR D 221 -1.68 21.58 3.69
C TYR D 221 -1.85 22.65 4.76
N VAL D 222 -2.83 23.51 4.55
CA VAL D 222 -3.30 24.51 5.50
C VAL D 222 -4.70 24.01 5.91
N ILE D 223 -4.75 23.37 7.08
CA ILE D 223 -5.93 22.67 7.56
C ILE D 223 -6.70 23.68 8.41
N CYS D 224 -7.77 24.18 7.82
CA CYS D 224 -8.61 25.17 8.45
C CYS D 224 -9.76 24.48 9.14
N LEU D 225 -9.96 24.83 10.41
CA LEU D 225 -10.94 24.16 11.21
C LEU D 225 -11.96 25.22 11.66
N ARG D 226 -13.18 25.07 11.19
CA ARG D 226 -14.32 25.86 11.62
C ARG D 226 -14.56 25.60 13.10
N GLU D 227 -14.45 26.66 13.89
CA GLU D 227 -14.66 26.56 15.32
C GLU D 227 -16.07 26.06 15.62
N ASN D 228 -16.19 25.27 16.67
CA ASN D 228 -17.48 24.72 17.11
C ASN D 228 -18.42 25.87 17.35
N GLY D 229 -19.56 25.87 16.68
CA GLY D 229 -20.55 26.93 16.85
C GLY D 229 -20.43 28.08 15.86
N SER D 230 -19.35 28.13 15.10
CA SER D 230 -19.16 29.23 14.17
C SER D 230 -19.86 28.93 12.84
N THR D 231 -20.40 29.97 12.20
CA THR D 231 -20.85 29.86 10.84
C THR D 231 -19.84 30.70 10.07
N VAL D 232 -19.26 30.11 9.04
CA VAL D 232 -18.42 30.83 8.11
C VAL D 232 -19.04 30.69 6.73
N TYR D 233 -18.72 31.63 5.85
CA TYR D 233 -19.40 31.78 4.59
C TYR D 233 -18.36 31.42 3.51
N PRO D 234 -18.69 30.50 2.58
CA PRO D 234 -17.67 29.97 1.68
C PRO D 234 -16.97 31.02 0.82
N ASN D 235 -17.68 32.05 0.38
CA ASN D 235 -17.01 33.14 -0.38
C ASN D 235 -15.99 33.88 0.45
N GLU D 236 -16.25 33.98 1.75
CA GLU D 236 -15.39 34.72 2.68
C GLU D 236 -14.17 33.91 3.02
N VAL D 237 -14.37 32.64 3.35
CA VAL D 237 -13.26 31.75 3.67
C VAL D 237 -12.30 31.62 2.48
N SER D 238 -12.86 31.39 1.31
CA SER D 238 -12.05 31.17 0.13
CA SER D 238 -12.09 31.20 0.09
C SER D 238 -11.25 32.43 -0.23
N ALA D 239 -11.84 33.62 -0.03
CA ALA D 239 -11.12 34.87 -0.27
C ALA D 239 -9.92 35.03 0.66
N GLN D 240 -10.07 34.66 1.93
CA GLN D 240 -8.95 34.72 2.88
C GLN D 240 -7.84 33.76 2.45
N MET D 241 -8.22 32.57 1.98
CA MET D 241 -7.26 31.54 1.56
C MET D 241 -6.51 31.99 0.30
N GLN D 242 -7.25 32.51 -0.68
CA GLN D 242 -6.65 33.03 -1.89
C GLN D 242 -5.63 34.12 -1.53
N ASP D 243 -6.06 35.07 -0.71
CA ASP D 243 -5.14 36.19 -0.36
C ASP D 243 -3.92 35.68 0.38
N ALA D 244 -4.11 34.71 1.28
CA ALA D 244 -2.99 34.12 2.03
C ALA D 244 -2.01 33.41 1.10
N ALA D 245 -2.52 32.55 0.22
CA ALA D 245 -1.64 31.86 -0.77
C ALA D 245 -0.88 32.84 -1.63
N ASN D 246 -1.59 33.82 -2.18
CA ASN D 246 -0.96 34.77 -3.11
C ASN D 246 0.07 35.69 -2.45
N SER D 247 -0.06 35.93 -1.15
CA SER D 247 0.96 36.69 -0.41
C SER D 247 2.28 35.94 -0.32
N VAL D 248 2.18 34.61 -0.27
CA VAL D 248 3.37 33.75 -0.23
C VAL D 248 4.02 33.65 -1.61
N TYR D 249 3.21 33.33 -2.62
CA TYR D 249 3.76 33.13 -3.97
C TYR D 249 4.42 34.39 -4.50
N ALA D 250 3.91 35.55 -4.09
CA ALA D 250 4.49 36.84 -4.49
C ALA D 250 5.94 37.03 -4.03
N VAL D 251 6.37 36.26 -3.03
CA VAL D 251 7.69 36.40 -2.46
C VAL D 251 8.66 35.41 -3.09
N HIS D 252 9.75 35.95 -3.65
CA HIS D 252 10.93 35.17 -4.12
C HIS D 252 10.57 33.95 -4.95
N GLY D 253 9.60 34.10 -5.86
CA GLY D 253 9.16 33.00 -6.72
C GLY D 253 8.88 31.71 -5.96
N LEU D 254 8.15 31.81 -4.85
CA LEU D 254 7.98 30.69 -3.94
C LEU D 254 7.10 29.55 -4.45
N LYS D 255 6.38 29.75 -5.55
CA LYS D 255 5.64 28.67 -6.16
C LYS D 255 6.53 27.52 -6.60
N ARG D 256 7.82 27.80 -6.83
CA ARG D 256 8.77 26.76 -7.14
C ARG D 256 8.96 25.80 -5.95
N TYR D 257 8.73 26.29 -4.75
CA TYR D 257 9.07 25.57 -3.51
C TYR D 257 7.86 24.98 -2.83
N VAL D 258 6.73 25.66 -2.92
CA VAL D 258 5.52 25.21 -2.23
C VAL D 258 4.28 25.40 -3.07
N ASN D 259 3.32 24.46 -2.92
CA ASN D 259 1.96 24.64 -3.42
C ASN D 259 1.06 24.41 -2.21
N LEU D 260 0.23 25.40 -1.90
CA LEU D 260 -0.64 25.36 -0.72
C LEU D 260 -1.96 24.63 -1.02
N HIS D 261 -2.37 23.76 -0.12
CA HIS D 261 -3.60 23.03 -0.29
C HIS D 261 -4.44 23.25 0.97
N PHE D 262 -5.49 24.05 0.82
CA PHE D 262 -6.35 24.39 1.93
C PHE D 262 -7.48 23.39 2.02
N VAL D 263 -7.80 22.99 3.25
CA VAL D 263 -8.97 22.18 3.50
C VAL D 263 -9.72 22.78 4.67
N LEU D 264 -11.04 22.62 4.65
CA LEU D 264 -11.86 23.08 5.74
C LEU D 264 -12.78 22.00 6.22
N TYR D 265 -12.78 21.80 7.52
CA TYR D 265 -13.81 21.01 8.17
C TYR D 265 -14.04 21.52 9.56
N THR D 266 -15.00 20.94 10.28
CA THR D 266 -15.37 21.45 11.60
C THR D 266 -14.62 20.74 12.72
N THR D 267 -14.26 21.51 13.75
CA THR D 267 -13.70 20.94 14.97
C THR D 267 -14.69 21.04 16.11
N GLU D 268 -14.55 20.13 17.07
CA GLU D 268 -15.29 20.23 18.34
C GLU D 268 -14.73 21.33 19.23
N TYR D 269 -13.52 21.79 18.94
CA TYR D 269 -12.89 22.81 19.78
C TYR D 269 -13.60 24.16 19.64
N ALA D 270 -13.78 24.84 20.76
CA ALA D 270 -14.11 26.26 20.77
C ALA D 270 -13.27 26.94 21.83
N CYS D 271 -12.90 28.19 21.57
CA CYS D 271 -12.14 28.95 22.54
C CYS D 271 -12.92 29.08 23.86
N PRO D 272 -12.25 28.87 25.01
CA PRO D 272 -12.96 28.88 26.28
C PRO D 272 -13.30 30.28 26.81
N SER D 273 -12.69 31.30 26.21
CA SER D 273 -12.93 32.68 26.61
C SER D 273 -12.80 33.56 25.39
N GLY D 274 -12.92 34.87 25.60
CA GLY D 274 -12.68 35.81 24.52
C GLY D 274 -11.20 36.06 24.25
N ASN D 275 -10.32 35.53 25.10
CA ASN D 275 -8.88 35.81 24.95
C ASN D 275 -8.20 34.98 23.86
N ALA D 276 -7.60 35.69 22.90
CA ALA D 276 -6.93 35.07 21.76
C ALA D 276 -5.78 34.16 22.18
N ASP D 277 -4.96 34.61 23.15
CA ASP D 277 -3.80 33.83 23.55
C ASP D 277 -4.20 32.49 24.17
N GLU D 278 -5.20 32.52 25.06
CA GLU D 278 -5.75 31.33 25.67
C GLU D 278 -6.38 30.43 24.60
N GLY D 279 -7.06 31.08 23.66
CA GLY D 279 -7.72 30.40 22.56
C GLY D 279 -6.75 29.59 21.72
N LEU D 280 -5.64 30.20 21.36
CA LEU D 280 -4.67 29.54 20.51
C LEU D 280 -3.97 28.42 21.28
N ASP D 281 -3.60 28.68 22.53
CA ASP D 281 -3.00 27.65 23.37
C ASP D 281 -3.91 26.42 23.45
N GLY D 282 -5.21 26.63 23.66
CA GLY D 282 -6.17 25.56 23.71
C GLY D 282 -6.37 24.83 22.39
N PHE D 283 -6.33 25.58 21.30
CA PHE D 283 -6.48 25.03 19.95
C PHE D 283 -5.32 24.08 19.63
N THR D 284 -4.10 24.56 19.84
CA THR D 284 -2.90 23.74 19.61
C THR D 284 -2.97 22.48 20.46
N ALA D 285 -3.34 22.64 21.74
CA ALA D 285 -3.49 21.49 22.64
C ALA D 285 -4.51 20.48 22.09
N SER D 286 -5.58 20.99 21.51
CA SER D 286 -6.67 20.13 20.99
C SER D 286 -6.23 19.32 19.78
N LEU D 287 -5.32 19.88 18.99
CA LEU D 287 -4.72 19.15 17.88
C LEU D 287 -3.83 18.02 18.39
N LYS D 288 -2.99 18.34 19.36
CA LYS D 288 -2.07 17.38 19.96
C LYS D 288 -2.82 16.25 20.68
N ALA D 289 -3.98 16.57 21.25
CA ALA D 289 -4.72 15.59 22.05
C ALA D 289 -5.63 14.68 21.21
N ASN D 290 -5.70 14.93 19.90
CA ASN D 290 -6.59 14.19 19.03
C ASN D 290 -5.88 13.07 18.27
N PRO D 291 -6.14 11.79 18.62
CA PRO D 291 -5.49 10.65 17.93
C PRO D 291 -5.65 10.68 16.41
N LYS D 292 -6.80 11.19 15.95
CA LYS D 292 -7.11 11.34 14.52
C LYS D 292 -6.13 12.21 13.74
N ALA D 293 -5.52 13.19 14.43
CA ALA D 293 -4.59 14.11 13.78
C ALA D 293 -3.17 13.55 13.77
N GLU D 294 -2.95 12.42 14.44
CA GLU D 294 -1.64 11.80 14.47
C GLU D 294 -1.13 11.58 13.04
N GLY D 295 0.17 11.87 12.84
CA GLY D 295 0.79 11.79 11.52
C GLY D 295 0.66 13.04 10.66
N TYR D 296 -0.10 14.04 11.11
CA TYR D 296 -0.22 15.30 10.38
C TYR D 296 0.26 16.48 11.22
N ASP D 297 1.16 16.23 12.16
CA ASP D 297 1.65 17.28 13.05
C ASP D 297 2.59 18.26 12.34
N ASP D 298 2.94 17.96 11.09
CA ASP D 298 3.86 18.81 10.32
C ASP D 298 3.17 19.73 9.30
N GLN D 299 1.85 19.86 9.38
CA GLN D 299 1.11 20.77 8.50
C GLN D 299 0.79 22.08 9.20
N ILE D 300 0.13 22.98 8.50
CA ILE D 300 -0.24 24.25 9.07
C ILE D 300 -1.73 24.18 9.40
N TYR D 301 -2.10 24.76 10.55
CA TYR D 301 -3.48 24.72 11.04
C TYR D 301 -4.00 26.10 11.42
N PHE D 302 -5.21 26.39 11.00
CA PHE D 302 -5.92 27.56 11.49
C PHE D 302 -7.27 27.20 12.05
N LEU D 303 -7.54 27.72 13.25
CA LEU D 303 -8.93 27.77 13.73
C LEU D 303 -9.58 29.01 13.11
N ILE D 304 -10.69 28.83 12.40
CA ILE D 304 -11.35 29.98 11.81
C ILE D 304 -12.77 30.20 12.38
N ARG D 305 -13.16 31.46 12.37
CA ARG D 305 -14.47 31.91 12.80
C ARG D 305 -14.82 33.12 11.98
N TRP D 306 -16.04 33.60 12.15
CA TRP D 306 -16.50 34.82 11.51
C TRP D 306 -16.13 36.05 12.34
N GLY D 307 -16.30 35.96 13.66
CA GLY D 307 -16.02 37.06 14.57
C GLY D 307 -14.55 37.27 14.89
N THR D 308 -14.31 38.02 15.97
CA THR D 308 -12.96 38.41 16.35
C THR D 308 -12.81 38.09 17.83
N TRP D 309 -11.67 38.43 18.42
CA TRP D 309 -11.38 38.10 19.81
C TRP D 309 -11.31 39.37 20.63
N ASP D 310 -11.14 39.21 21.95
CA ASP D 310 -11.01 40.32 22.85
C ASP D 310 -9.96 41.33 22.38
N ASN D 311 -10.20 42.59 22.73
CA ASN D 311 -9.33 43.72 22.36
C ASN D 311 -9.27 43.88 20.84
N ASN D 312 -10.34 43.48 20.16
CA ASN D 312 -10.41 43.57 18.71
C ASN D 312 -9.23 42.90 18.00
N ILE D 313 -8.84 41.75 18.51
CA ILE D 313 -7.81 40.94 17.87
C ILE D 313 -8.46 40.18 16.71
N LEU D 314 -7.88 40.30 15.52
CA LEU D 314 -8.46 39.71 14.32
C LEU D 314 -7.97 38.28 14.06
N GLY D 315 -6.83 37.97 14.66
CA GLY D 315 -6.16 36.71 14.46
C GLY D 315 -4.94 36.62 15.35
N ILE D 316 -4.34 35.44 15.40
CA ILE D 316 -3.20 35.20 16.30
C ILE D 316 -2.48 33.98 15.81
N SER D 317 -1.18 33.93 16.03
CA SER D 317 -0.38 32.81 15.58
C SER D 317 0.87 32.58 16.41
N TRP D 318 1.39 31.35 16.32
CA TRP D 318 2.72 31.05 16.87
C TRP D 318 3.79 31.55 15.88
N LEU D 319 4.66 32.43 16.36
CA LEU D 319 5.64 33.10 15.52
C LEU D 319 6.72 32.13 15.05
N ASN D 320 7.01 32.14 13.76
CA ASN D 320 8.14 31.39 13.21
C ASN D 320 8.05 29.91 13.61
N SER D 321 6.92 29.31 13.29
CA SER D 321 6.55 27.98 13.76
C SER D 321 6.49 26.93 12.64
N TYR D 322 6.62 27.38 11.38
CA TYR D 322 6.68 26.47 10.22
C TYR D 322 8.00 26.59 9.45
N ASN D 323 8.67 25.45 9.31
CA ASN D 323 9.84 25.33 8.43
C ASN D 323 9.69 24.00 7.70
N VAL D 324 9.88 24.00 6.38
CA VAL D 324 9.66 22.76 5.61
C VAL D 324 10.51 21.57 6.08
N ASN D 325 11.64 21.82 6.74
CA ASN D 325 12.52 20.74 7.17
C ASN D 325 12.26 20.26 8.59
N THR D 326 11.66 21.10 9.44
CA THR D 326 11.52 20.77 10.86
C THR D 326 10.09 20.81 11.40
N ALA D 327 9.12 21.08 10.54
CA ALA D 327 7.74 21.23 10.98
C ALA D 327 7.29 19.99 11.78
N SER D 328 6.71 20.22 12.95
CA SER D 328 6.31 19.15 13.87
C SER D 328 5.39 19.65 14.98
N ASP D 329 4.77 18.69 15.66
CA ASP D 329 4.05 18.88 16.91
C ASP D 329 2.96 19.96 16.87
N PHE D 330 2.36 20.15 15.69
CA PHE D 330 1.26 21.09 15.48
C PHE D 330 1.64 22.51 15.86
N LYS D 331 2.94 22.80 15.82
CA LYS D 331 3.46 24.10 16.23
C LYS D 331 2.98 25.19 15.29
N ALA D 332 2.85 24.85 14.00
CA ALA D 332 2.47 25.82 12.96
C ALA D 332 0.96 26.03 12.96
N SER D 333 0.48 26.74 13.97
CA SER D 333 -0.94 26.91 14.17
C SER D 333 -1.28 28.34 14.54
N GLY D 334 -2.51 28.71 14.17
CA GLY D 334 -2.97 30.06 14.40
C GLY D 334 -4.47 30.09 14.39
N MET D 335 -5.00 31.28 14.54
CA MET D 335 -6.43 31.49 14.46
C MET D 335 -6.70 32.73 13.64
N SER D 336 -7.82 32.75 12.92
CA SER D 336 -8.15 33.88 12.04
C SER D 336 -9.62 34.11 11.88
N THR D 337 -10.03 35.38 11.88
CA THR D 337 -11.32 35.79 11.37
C THR D 337 -11.36 35.56 9.87
N THR D 338 -12.58 35.39 9.34
CA THR D 338 -12.76 35.25 7.92
C THR D 338 -13.77 36.26 7.36
N GLN D 339 -14.21 37.19 8.19
CA GLN D 339 -15.12 38.27 7.77
C GLN D 339 -14.66 38.96 6.52
N LEU D 340 -15.61 39.25 5.64
CA LEU D 340 -15.31 39.88 4.38
C LEU D 340 -14.65 41.23 4.56
N MET D 341 -15.04 41.96 5.60
CA MET D 341 -14.56 43.34 5.81
C MET D 341 -13.13 43.44 6.34
N TYR D 342 -12.50 42.31 6.67
CA TYR D 342 -11.10 42.28 7.08
C TYR D 342 -10.31 41.34 6.17
N PRO D 343 -10.19 41.71 4.87
CA PRO D 343 -9.39 40.87 3.98
C PRO D 343 -7.93 40.83 4.39
N GLY D 344 -7.31 39.66 4.19
CA GLY D 344 -5.89 39.51 4.41
C GLY D 344 -5.46 39.16 5.83
N VAL D 345 -6.40 38.91 6.74
CA VAL D 345 -6.02 38.53 8.10
C VAL D 345 -5.32 37.15 8.09
N MET D 346 -5.86 36.18 7.37
CA MET D 346 -5.22 34.87 7.32
C MET D 346 -3.81 35.01 6.72
N ALA D 347 -3.69 35.87 5.71
CA ALA D 347 -2.40 36.13 5.09
C ALA D 347 -1.38 36.67 6.09
N HIS D 348 -1.80 37.62 6.92
CA HIS D 348 -0.96 38.24 7.94
C HIS D 348 -0.54 37.20 8.98
N GLU D 349 -1.49 36.40 9.46
CA GLU D 349 -1.14 35.37 10.45
C GLU D 349 -0.25 34.28 9.85
N LEU D 350 -0.55 33.87 8.62
CA LEU D 350 0.33 32.93 7.91
C LEU D 350 1.73 33.50 7.82
N GLY D 351 1.84 34.80 7.59
CA GLY D 351 3.12 35.48 7.56
C GLY D 351 3.91 35.26 8.84
N HIS D 352 3.26 35.45 9.98
CA HIS D 352 3.90 35.26 11.30
C HIS D 352 4.31 33.78 11.46
N ILE D 353 3.45 32.85 11.07
CA ILE D 353 3.76 31.42 11.14
C ILE D 353 5.07 31.12 10.36
N LEU D 354 5.22 31.74 9.22
CA LEU D 354 6.40 31.58 8.37
C LEU D 354 7.61 32.46 8.80
N GLY D 355 7.46 33.17 9.92
CA GLY D 355 8.54 33.90 10.55
C GLY D 355 8.56 35.41 10.41
N ALA D 356 7.66 35.98 9.62
CA ALA D 356 7.62 37.44 9.45
C ALA D 356 7.26 38.17 10.75
N ASN D 357 7.92 39.29 10.95
CA ASN D 357 7.64 40.19 12.08
C ASN D 357 6.80 41.35 11.58
N HIS D 358 6.32 42.18 12.49
CA HIS D 358 5.65 43.39 12.07
C HIS D 358 6.61 44.31 11.36
N ALA D 359 6.13 44.87 10.25
CA ALA D 359 6.92 45.75 9.40
C ALA D 359 6.56 47.22 9.66
N ASP D 360 7.44 48.10 9.18
CA ASP D 360 7.35 49.55 9.40
C ASP D 360 6.51 50.29 8.38
N ASP D 361 6.37 49.74 7.19
CA ASP D 361 5.66 50.40 6.11
C ASP D 361 4.15 50.24 6.32
N PRO D 362 3.41 51.37 6.43
CA PRO D 362 1.95 51.28 6.56
C PRO D 362 1.21 50.56 5.44
N LYS D 363 1.87 50.37 4.29
CA LYS D 363 1.25 49.64 3.17
C LYS D 363 1.65 48.14 3.12
N ASP D 364 2.40 47.67 4.12
CA ASP D 364 2.83 46.28 4.20
C ASP D 364 1.73 45.44 4.83
N LEU D 365 1.52 44.23 4.31
CA LEU D 365 0.62 43.24 4.92
C LEU D 365 0.89 43.09 6.42
N MET D 366 2.17 43.10 6.76
CA MET D 366 2.62 42.85 8.12
C MET D 366 2.78 44.11 8.97
N TYR D 367 2.24 45.24 8.53
CA TYR D 367 2.16 46.43 9.40
C TYR D 367 1.43 46.09 10.70
N SER D 368 1.76 46.79 11.78
CA SER D 368 1.21 46.46 13.08
C SER D 368 -0.25 46.90 13.24
N LYS D 369 -0.74 47.75 12.33
CA LYS D 369 -2.17 48.11 12.31
C LYS D 369 -2.83 47.43 11.11
N TYR D 370 -4.10 47.04 11.27
CA TYR D 370 -4.82 46.50 10.13
C TYR D 370 -5.03 47.59 9.05
N THR D 371 -4.50 47.30 7.85
CA THR D 371 -4.43 48.23 6.71
C THR D 371 -5.23 47.77 5.49
N GLY D 372 -5.47 46.47 5.37
CA GLY D 372 -6.10 45.90 4.18
C GLY D 372 -5.14 45.62 3.03
N TYR D 373 -3.85 45.96 3.17
CA TYR D 373 -2.87 45.61 2.14
C TYR D 373 -2.55 44.12 2.23
N LEU D 374 -2.27 43.49 1.09
CA LEU D 374 -2.25 42.03 0.99
C LEU D 374 -0.88 41.43 0.62
N PHE D 375 0.15 42.26 0.55
CA PHE D 375 1.51 41.80 0.17
C PHE D 375 2.60 42.23 1.13
N HIS D 376 3.56 41.33 1.29
CA HIS D 376 4.79 41.63 1.99
C HIS D 376 5.60 42.65 1.23
N LEU D 377 6.09 43.66 1.95
CA LEU D 377 7.03 44.64 1.39
C LEU D 377 8.41 44.60 2.10
N SER D 378 8.46 44.10 3.33
CA SER D 378 9.72 44.03 4.09
C SER D 378 10.71 43.01 3.51
N GLU D 379 11.86 43.47 3.06
CA GLU D 379 12.84 42.54 2.49
C GLU D 379 13.31 41.52 3.51
N LYS D 380 13.42 41.92 4.77
CA LYS D 380 13.82 41.01 5.84
C LYS D 380 12.75 39.94 6.09
N ASN D 381 11.48 40.34 6.11
CA ASN D 381 10.37 39.38 6.21
C ASN D 381 10.33 38.39 5.06
N MET D 382 10.52 38.92 3.85
CA MET D 382 10.49 38.07 2.66
C MET D 382 11.60 37.04 2.65
N ASP D 383 12.79 37.40 3.12
CA ASP D 383 13.92 36.47 3.24
C ASP D 383 13.68 35.37 4.30
N ILE D 384 13.08 35.76 5.43
CA ILE D 384 12.76 34.80 6.49
C ILE D 384 11.71 33.81 6.00
N ILE D 385 10.66 34.30 5.36
CA ILE D 385 9.58 33.46 4.86
C ILE D 385 10.11 32.47 3.83
N ALA D 386 10.88 33.00 2.88
CA ALA D 386 11.38 32.19 1.78
C ALA D 386 12.37 31.15 2.27
N LYS D 387 13.24 31.53 3.21
CA LYS D 387 14.18 30.56 3.77
C LYS D 387 13.45 29.41 4.48
N ASN D 388 12.40 29.74 5.23
CA ASN D 388 11.60 28.72 5.91
C ASN D 388 10.87 27.75 4.97
N LEU D 389 10.69 28.13 3.71
CA LEU D 389 10.11 27.27 2.70
C LEU D 389 11.14 26.68 1.73
N GLY D 390 12.43 26.82 2.04
CA GLY D 390 13.50 26.09 1.31
C GLY D 390 14.31 26.89 0.29
N TRP D 391 14.00 28.18 0.14
CA TRP D 391 14.73 29.10 -0.76
C TRP D 391 16.05 29.60 -0.17
N GLU D 392 17.01 29.88 -1.07
CA GLU D 392 18.23 30.62 -0.73
C GLU D 392 18.51 31.59 -1.86
N ILE D 393 19.27 32.64 -1.58
CA ILE D 393 19.51 33.71 -2.53
C ILE D 393 20.07 33.21 -3.87
N ALA D 394 20.92 32.17 -3.84
CA ALA D 394 21.50 31.60 -5.06
C ALA D 394 20.45 31.11 -6.08
N ASP D 395 19.26 30.77 -5.59
CA ASP D 395 18.19 30.28 -6.46
C ASP D 395 17.49 31.35 -7.29
N GLY D 396 17.75 32.62 -6.96
CA GLY D 396 17.06 33.72 -7.62
C GLY D 396 15.59 33.78 -7.29
N ASP D 397 14.86 34.59 -8.06
CA ASP D 397 13.42 34.72 -7.90
C ASP D 397 12.70 33.97 -9.03
O1 PG4 E . 8.98 -14.72 -12.15
C1 PG4 E . 7.56 -14.93 -12.17
C2 PG4 E . 7.22 -16.05 -13.14
O2 PG4 E . 8.02 -17.19 -12.82
C3 PG4 E . 7.97 -18.23 -13.80
C4 PG4 E . 8.45 -19.54 -13.18
O3 PG4 E . 9.88 -19.55 -13.13
C5 PG4 E . 10.37 -20.87 -12.89
C6 PG4 E . 11.88 -20.84 -12.69
O4 PG4 E . 12.25 -19.80 -11.79
C7 PG4 E . 13.67 -19.55 -11.77
C8 PG4 E . 14.22 -19.56 -10.35
O5 PG4 E . 13.35 -18.87 -9.44
C1 GOL F . -6.45 -10.56 -10.54
O1 GOL F . -6.58 -9.22 -10.13
C2 GOL F . -6.62 -11.40 -9.28
O2 GOL F . -5.38 -11.88 -8.82
C3 GOL F . -7.55 -12.55 -9.56
O3 GOL F . -8.83 -12.06 -9.34
C1 GOL G . 17.71 -23.08 -7.24
O1 GOL G . 18.97 -23.66 -6.94
C2 GOL G . 16.59 -24.09 -7.02
O2 GOL G . 16.84 -25.26 -7.77
C3 GOL G . 15.24 -23.47 -7.39
O3 GOL G . 14.51 -24.24 -8.32
C1 GOL H . -14.26 -33.09 6.93
O1 GOL H . -14.85 -31.86 6.56
C2 GOL H . -13.49 -32.98 8.25
O2 GOL H . -13.37 -31.63 8.65
C3 GOL H . -12.12 -33.67 8.13
O3 GOL H . -11.13 -32.86 7.51
N1 AZI I . 0.13 -28.47 -21.40
N2 AZI I . -0.65 -27.98 -22.10
N3 AZI I . -1.43 -27.49 -22.81
N1 AZI J . -11.72 -44.81 -7.34
N2 AZI J . -11.73 -44.07 -8.25
N3 AZI J . -11.73 -43.34 -9.15
ZN ZN K . -11.47 -32.59 -8.99
C1 GOL L . 44.03 -18.01 -3.68
O1 GOL L . 45.05 -17.15 -4.14
C2 GOL L . 44.51 -19.41 -3.88
O2 GOL L . 44.75 -19.53 -5.26
C3 GOL L . 43.45 -20.41 -3.44
O3 GOL L . 42.34 -19.77 -2.82
N1 AZI M . 20.50 -25.71 8.25
N2 AZI M . 19.53 -26.33 8.42
N3 AZI M . 18.55 -26.94 8.60
ZN ZN N . 40.81 -15.47 27.97
ZN ZN O . -23.47 2.23 -34.84
O1 PG4 P . -6.99 14.59 9.82
C1 PG4 P . -5.71 15.17 10.14
C2 PG4 P . -5.82 16.51 10.86
O2 PG4 P . -6.85 16.49 11.85
C3 PG4 P . -7.02 17.75 12.48
C4 PG4 P . -8.05 17.66 13.61
O3 PG4 P . -9.37 17.65 13.06
C5 PG4 P . -10.38 17.82 14.06
C6 PG4 P . -11.75 17.53 13.46
O4 PG4 P . -11.78 16.17 13.00
C7 PG4 P . -12.93 15.85 12.20
C8 PG4 P . -13.88 14.97 12.99
O5 PG4 P . -13.27 13.71 13.32
C1 GOL Q . -20.29 21.30 7.00
O1 GOL Q . -20.69 20.47 8.05
C2 GOL Q . -21.41 22.27 6.65
O2 GOL Q . -21.15 22.82 5.37
C3 GOL Q . -21.52 23.38 7.68
O3 GOL Q . -22.12 24.53 7.11
C1 GOL R . -5.04 12.54 1.44
O1 GOL R . -5.30 11.49 2.36
C2 GOL R . -4.11 13.59 2.05
O2 GOL R . -2.84 13.03 2.33
C3 GOL R . -4.72 14.21 3.31
O3 GOL R . -4.06 15.40 3.69
ZN ZN S . 0.70 40.59 13.45
#